data_5ECN
#
_entry.id   5ECN
#
_cell.length_a   53.833
_cell.length_b   53.877
_cell.length_c   196.790
_cell.angle_alpha   92.270
_cell.angle_beta   97.160
_cell.angle_gamma   113.600
#
_symmetry.space_group_name_H-M   'P 1'
#
loop_
_entity.id
_entity.type
_entity.pdbx_description
1 polymer 'Jasmonic acid-amido synthetase JAR1'
2 polymer 'Glutathione S-transferase U20'
3 non-polymer '{(1R,2R)-3-oxo-2-[(2Z)-pent-2-en-1-yl]cyclopentyl}acetic acid'
4 non-polymer LEUCINE
5 non-polymer "ADENOSINE-5'-TRIPHOSPHATE"
6 non-polymer GLUTATHIONE
7 water water
#
loop_
_entity_poly.entity_id
_entity_poly.type
_entity_poly.pdbx_seq_one_letter_code
_entity_poly.pdbx_strand_id
1 'polypeptide(L)'
;MLEKVETFDMNRVIDEFDEMTRNAHQVQKQTLKEILLKNQSAIYLQNCGLNGNATDPEEAFKSMVPLVTDVELEPYIKRM
VDGDTSPILTGHPVPAISLSSGTSQGRPKFIPFTDELMENTLQLFRTAFAFRNRDFPIDDNGKALQFIFSSKQYISTGGV
PVGTATTNVYRNPNFKAGMKSITSPSCSPDEVIFSPDVHQALYCHLLSGILFRDQVQYVFAVFAHGLVHAFRTFEQVWEE
IVTDIKDGVLSNRITVPSVRTAMSKLLTPNPELAETIRTKCMSLSNWYGLIPALFPNAKYVYGIMTGSMEPYVPKLRHYA
GDLPLVSHDYGSSEGWIAANVTPRLSPEEATFAVIPNLGYFEFLPVSETGEGEEKPVGLTQVKIGEEYEVVITNYAGLYR
YRLGDVVKVIGFYNNTPQLKFICRRNLILSINIDKNTERDLQLSVESAAKRLSEEKIEVIDFSSYIDVSTDPGHYAIFWE
ISGETNEDVLQDCCNCLDRAFIDAGYVSSRKCKTIGALELRVVAKGTFRKIQEHFLGLGSSAGQFKMPRCVKPSNAKVLQ
ILCENVVSSYFSTAF
;
A,D
2 'polypeptide(L)'
;HHHHHHMANLPILLDYWPSMFGMRARVALREKGVEFEYREEDFSNKSPLLLQSNPIHKKIPVLVHNGKPVCESLNVVQYV
DEAWPEKNPFFPSDPYGRAQARFWADFVDKKFTDAQFKVWGKKGEEQEAGKKEFIEAVKILESELGDKPYFGGDSFGYVD
ISLITFSSWFQAYEKFGNFSIESESPKLIAWAKRCMEKESVSKSLPDSEKIVAYAAEYRKNNL
;
B,C,E,F
#
# COMPACT_ATOMS: atom_id res chain seq x y z
N THR A 7 45.36 -35.84 77.54
CA THR A 7 44.30 -35.15 78.29
C THR A 7 44.54 -33.64 78.28
N PHE A 8 43.64 -32.92 77.64
CA PHE A 8 43.81 -31.48 77.41
C PHE A 8 43.53 -30.64 78.65
N ASP A 9 44.60 -30.01 79.13
CA ASP A 9 44.53 -29.07 80.23
C ASP A 9 45.23 -27.79 79.77
N MET A 10 44.59 -26.64 80.00
CA MET A 10 45.15 -25.36 79.58
C MET A 10 46.51 -25.07 80.18
N ASN A 11 46.62 -25.21 81.50
CA ASN A 11 47.81 -24.76 82.22
C ASN A 11 49.06 -25.63 81.99
N ARG A 12 48.90 -26.95 81.98
CA ARG A 12 50.07 -27.82 81.81
C ARG A 12 50.59 -27.71 80.40
N VAL A 13 49.68 -27.69 79.44
CA VAL A 13 50.07 -27.64 78.03
C VAL A 13 50.77 -26.32 77.71
N ILE A 14 50.30 -25.21 78.27
CA ILE A 14 50.95 -23.93 78.04
C ILE A 14 52.36 -23.88 78.66
N ASP A 15 52.48 -24.32 79.91
CA ASP A 15 53.79 -24.38 80.55
C ASP A 15 54.73 -25.30 79.81
N GLU A 16 54.18 -26.37 79.25
CA GLU A 16 54.95 -27.38 78.54
C GLU A 16 55.43 -26.83 77.23
N PHE A 17 54.54 -26.08 76.61
CA PHE A 17 54.82 -25.38 75.39
C PHE A 17 55.86 -24.27 75.63
N ASP A 18 55.71 -23.58 76.76
CA ASP A 18 56.68 -22.59 77.19
C ASP A 18 58.05 -23.23 77.32
N GLU A 19 58.10 -24.34 78.03
CA GLU A 19 59.34 -25.10 78.10
C GLU A 19 59.84 -25.41 76.69
N MET A 20 58.92 -25.83 75.82
CA MET A 20 59.28 -26.22 74.46
C MET A 20 59.82 -25.02 73.69
N THR A 21 59.17 -23.87 73.89
CA THR A 21 59.62 -22.64 73.29
C THR A 21 61.01 -22.25 73.80
N ARG A 22 61.26 -22.46 75.08
CA ARG A 22 62.55 -22.10 75.63
C ARG A 22 63.56 -23.21 75.39
N ASN A 23 63.08 -24.43 75.13
CA ASN A 23 64.05 -25.41 74.70
C ASN A 23 63.96 -25.59 73.21
N ALA A 24 63.56 -24.51 72.54
CA ALA A 24 63.38 -24.46 71.09
C ALA A 24 64.60 -24.96 70.35
N HIS A 25 65.76 -24.51 70.81
CA HIS A 25 67.00 -24.89 70.17
C HIS A 25 67.26 -26.37 70.33
N GLN A 26 66.96 -26.89 71.53
CA GLN A 26 67.18 -28.31 71.87
C GLN A 26 66.27 -29.21 71.06
N VAL A 27 65.01 -28.84 71.00
CA VAL A 27 64.02 -29.68 70.35
C VAL A 27 64.22 -29.67 68.84
N GLN A 28 64.64 -28.53 68.29
CA GLN A 28 64.97 -28.48 66.87
C GLN A 28 66.05 -29.50 66.55
N LYS A 29 67.12 -29.46 67.34
CA LYS A 29 68.21 -30.44 67.27
C LYS A 29 67.74 -31.88 67.44
N GLN A 30 67.06 -32.11 68.55
CA GLN A 30 66.55 -33.44 68.89
C GLN A 30 65.59 -33.92 67.81
N THR A 31 64.82 -33.00 67.25
CA THR A 31 63.92 -33.33 66.16
C THR A 31 64.71 -33.79 64.94
N LEU A 32 65.86 -33.19 64.72
CA LEU A 32 66.67 -33.56 63.58
C LEU A 32 67.32 -34.93 63.77
N LYS A 33 67.88 -35.15 64.96
CA LYS A 33 68.44 -36.45 65.29
C LYS A 33 67.36 -37.54 65.26
N GLU A 34 66.21 -37.23 65.85
CA GLU A 34 65.15 -38.24 65.91
C GLU A 34 64.53 -38.51 64.54
N ILE A 35 64.44 -37.48 63.68
CA ILE A 35 63.86 -37.70 62.35
C ILE A 35 64.81 -38.55 61.54
N LEU A 36 66.10 -38.32 61.73
CA LEU A 36 67.07 -39.05 60.95
C LEU A 36 67.20 -40.48 61.45
N LEU A 37 67.09 -40.69 62.76
CA LEU A 37 67.18 -42.07 63.26
C LEU A 37 65.98 -42.84 62.70
N LYS A 38 64.80 -42.35 63.04
CA LYS A 38 63.54 -42.88 62.54
C LYS A 38 63.58 -43.06 61.01
N ASN A 39 64.21 -42.11 60.33
CA ASN A 39 64.19 -42.06 58.88
C ASN A 39 65.56 -42.24 58.19
N GLN A 40 66.45 -43.03 58.79
CA GLN A 40 67.86 -43.05 58.35
C GLN A 40 68.13 -43.70 57.01
N SER A 41 67.27 -44.62 56.57
CA SER A 41 67.61 -45.47 55.43
C SER A 41 67.22 -44.93 54.05
N ALA A 42 66.77 -43.69 54.01
CA ALA A 42 66.26 -43.14 52.77
C ALA A 42 67.34 -43.02 51.70
N ILE A 43 66.99 -43.37 50.46
CA ILE A 43 67.98 -43.55 49.38
C ILE A 43 68.73 -42.30 48.95
N TYR A 44 68.11 -41.14 49.06
CA TYR A 44 68.82 -39.90 48.77
C TYR A 44 69.88 -39.71 49.86
N LEU A 45 69.63 -40.25 51.04
CA LEU A 45 70.63 -40.18 52.10
C LEU A 45 71.86 -40.98 51.70
N GLN A 46 71.69 -42.09 50.98
CA GLN A 46 72.88 -42.79 50.51
C GLN A 46 73.61 -41.87 49.53
N ASN A 47 72.84 -41.13 48.74
CA ASN A 47 73.41 -40.16 47.79
C ASN A 47 74.36 -39.20 48.50
N CYS A 48 74.02 -38.79 49.71
CA CYS A 48 74.88 -37.86 50.46
C CYS A 48 75.93 -38.57 51.31
N GLY A 49 75.65 -39.80 51.74
CA GLY A 49 76.64 -40.59 52.45
C GLY A 49 76.37 -40.82 53.93
N LEU A 50 75.16 -40.50 54.36
CA LEU A 50 74.79 -40.54 55.78
C LEU A 50 74.58 -41.97 56.28
N ASN A 51 74.91 -42.20 57.55
CA ASN A 51 74.62 -43.48 58.20
C ASN A 51 73.80 -43.32 59.47
N GLY A 52 73.89 -42.13 60.07
CA GLY A 52 73.14 -41.80 61.28
C GLY A 52 73.96 -41.69 62.56
N ASN A 53 73.40 -41.00 63.55
CA ASN A 53 74.00 -40.84 64.88
C ASN A 53 75.44 -40.32 64.94
N ALA A 54 76.25 -40.98 65.76
CA ALA A 54 77.61 -40.51 66.05
C ALA A 54 77.56 -39.20 66.81
N THR A 55 78.73 -38.59 67.06
CA THR A 55 78.77 -37.37 67.84
C THR A 55 78.94 -36.14 66.94
N ASP A 56 78.82 -36.33 65.62
CA ASP A 56 78.84 -35.22 64.67
C ASP A 56 77.61 -35.16 63.77
N PRO A 57 76.42 -35.46 64.31
CA PRO A 57 75.25 -35.72 63.45
C PRO A 57 74.67 -34.46 62.78
N GLU A 58 74.43 -33.41 63.55
CA GLU A 58 73.79 -32.22 63.01
C GLU A 58 74.63 -31.53 61.96
N GLU A 59 75.91 -31.32 62.24
CA GLU A 59 76.79 -30.66 61.27
C GLU A 59 76.90 -31.50 59.99
N ALA A 60 77.13 -32.80 60.15
CA ALA A 60 77.21 -33.73 59.02
C ALA A 60 75.96 -33.72 58.15
N PHE A 61 74.79 -33.69 58.77
CA PHE A 61 73.52 -33.62 58.04
C PHE A 61 73.45 -32.43 57.07
N LYS A 62 73.84 -31.23 57.54
CA LYS A 62 73.80 -30.02 56.74
C LYS A 62 74.91 -29.96 55.68
N SER A 63 76.06 -30.54 55.97
CA SER A 63 77.17 -30.53 55.03
C SER A 63 76.89 -31.51 53.86
N MET A 64 76.31 -32.67 54.20
CA MET A 64 76.09 -33.73 53.22
C MET A 64 74.77 -33.61 52.44
N VAL A 65 73.72 -33.08 53.06
CA VAL A 65 72.41 -33.05 52.39
C VAL A 65 72.16 -31.75 51.63
N PRO A 66 72.08 -31.84 50.30
CA PRO A 66 71.91 -30.67 49.43
C PRO A 66 70.44 -30.25 49.31
N LEU A 67 70.22 -29.06 48.75
CA LEU A 67 68.89 -28.52 48.54
C LEU A 67 68.15 -29.18 47.40
N VAL A 68 66.83 -29.23 47.49
CA VAL A 68 66.05 -29.92 46.47
C VAL A 68 64.89 -29.07 45.93
N THR A 69 64.55 -29.28 44.66
CA THR A 69 63.40 -28.61 44.07
C THR A 69 62.28 -29.60 43.85
N ASP A 70 61.15 -29.10 43.36
CA ASP A 70 59.97 -29.92 43.08
C ASP A 70 60.20 -30.99 42.02
N VAL A 71 61.04 -30.66 41.04
CA VAL A 71 61.35 -31.56 39.94
C VAL A 71 62.15 -32.75 40.42
N GLU A 72 63.00 -32.53 41.42
CA GLU A 72 63.79 -33.62 41.98
C GLU A 72 62.94 -34.51 42.89
N LEU A 73 61.92 -33.95 43.52
CA LEU A 73 61.11 -34.71 44.47
C LEU A 73 59.93 -35.41 43.80
N GLU A 74 59.35 -34.81 42.77
CA GLU A 74 58.15 -35.34 42.11
C GLU A 74 58.28 -36.78 41.53
N PRO A 75 59.32 -37.07 40.70
CA PRO A 75 59.50 -38.45 40.21
C PRO A 75 59.67 -39.51 41.29
N TYR A 76 60.46 -39.20 42.31
CA TYR A 76 60.72 -40.19 43.33
C TYR A 76 59.40 -40.52 43.97
N ILE A 77 58.74 -39.58 44.61
CA ILE A 77 57.58 -40.10 45.30
C ILE A 77 56.44 -40.41 44.30
N LYS A 78 56.66 -40.09 43.02
CA LYS A 78 55.77 -40.59 41.96
C LYS A 78 55.78 -42.11 41.89
N ARG A 79 56.98 -42.70 42.04
CA ARG A 79 57.12 -44.14 42.02
C ARG A 79 56.50 -44.74 43.28
N MET A 80 56.35 -43.95 44.34
CA MET A 80 55.71 -44.42 45.58
C MET A 80 54.22 -44.69 45.42
N VAL A 81 53.53 -43.82 44.69
CA VAL A 81 52.08 -43.87 44.63
C VAL A 81 51.51 -44.86 43.63
N ASP A 82 52.05 -44.88 42.42
CA ASP A 82 51.38 -45.53 41.28
C ASP A 82 51.75 -47.00 41.01
N GLY A 83 51.16 -47.92 41.78
CA GLY A 83 51.33 -49.36 41.54
C GLY A 83 52.64 -49.91 42.08
N ASP A 84 53.62 -49.05 42.16
CA ASP A 84 54.83 -49.41 42.87
C ASP A 84 54.56 -48.85 44.25
N THR A 85 54.22 -49.73 45.18
CA THR A 85 53.90 -49.29 46.53
C THR A 85 55.17 -49.12 47.33
N SER A 86 56.29 -49.13 46.60
CA SER A 86 57.61 -48.99 47.15
C SER A 86 57.89 -47.63 47.83
N PRO A 87 58.46 -47.67 49.03
CA PRO A 87 58.76 -46.48 49.86
C PRO A 87 60.08 -45.77 49.50
N ILE A 88 60.21 -44.49 49.82
CA ILE A 88 61.34 -43.73 49.27
C ILE A 88 62.18 -42.86 50.21
N LEU A 89 61.58 -42.03 51.06
CA LEU A 89 62.49 -41.09 51.74
C LEU A 89 62.34 -40.78 53.27
N THR A 90 61.26 -41.14 53.95
CA THR A 90 61.30 -40.89 55.42
C THR A 90 61.49 -42.20 56.25
N GLY A 91 60.47 -42.99 56.56
CA GLY A 91 60.62 -44.33 57.17
C GLY A 91 60.06 -45.62 56.50
N HIS A 92 58.74 -45.69 56.26
CA HIS A 92 57.92 -46.74 55.58
C HIS A 92 57.25 -46.36 54.21
N PRO A 93 56.42 -47.23 53.65
CA PRO A 93 55.56 -46.66 52.60
C PRO A 93 54.47 -45.71 53.13
N VAL A 94 54.07 -44.71 52.35
CA VAL A 94 53.10 -43.70 52.84
C VAL A 94 51.63 -44.13 52.85
N PRO A 95 50.90 -43.70 53.89
CA PRO A 95 49.44 -43.84 53.90
C PRO A 95 48.73 -42.76 53.09
N ALA A 96 49.37 -41.60 52.83
CA ALA A 96 48.73 -40.69 51.87
C ALA A 96 49.67 -39.87 51.04
N ILE A 97 49.04 -39.06 50.18
CA ILE A 97 49.65 -38.50 48.99
C ILE A 97 49.19 -37.04 48.78
N SER A 98 50.11 -36.13 48.44
CA SER A 98 49.76 -34.72 48.33
C SER A 98 50.23 -33.88 47.17
N LEU A 99 49.82 -32.62 47.19
CA LEU A 99 50.14 -31.64 46.14
C LEU A 99 50.59 -30.34 46.78
N SER A 100 51.26 -29.50 46.00
CA SER A 100 51.69 -28.18 46.46
C SER A 100 51.16 -27.09 45.53
N SER A 101 50.68 -25.98 46.09
CA SER A 101 50.23 -24.87 45.26
C SER A 101 51.41 -24.27 44.52
N GLY A 102 51.12 -23.58 43.42
CA GLY A 102 52.19 -23.25 42.50
C GLY A 102 52.56 -24.59 41.89
N THR A 103 53.61 -24.66 41.09
CA THR A 103 53.85 -25.91 40.35
C THR A 103 55.29 -26.31 40.22
N SER A 104 55.48 -27.60 39.94
CA SER A 104 56.77 -28.15 39.59
C SER A 104 56.89 -28.02 38.07
N GLN A 105 57.46 -26.92 37.62
CA GLN A 105 57.59 -26.63 36.18
C GLN A 105 56.23 -26.58 35.50
N GLY A 106 55.24 -25.98 36.14
CA GLY A 106 53.95 -25.88 35.50
C GLY A 106 53.08 -27.10 35.71
N ARG A 107 53.67 -28.14 36.31
CA ARG A 107 52.99 -29.39 36.46
C ARG A 107 53.03 -29.86 37.93
N PRO A 108 52.23 -30.90 38.26
CA PRO A 108 52.08 -31.44 39.61
C PRO A 108 53.31 -31.72 40.47
N LYS A 109 53.16 -31.33 41.74
CA LYS A 109 54.09 -31.57 42.85
C LYS A 109 53.47 -32.50 43.85
N PHE A 110 54.30 -33.26 44.56
CA PHE A 110 53.77 -34.16 45.55
C PHE A 110 54.58 -34.24 46.86
N ILE A 111 53.88 -34.44 47.99
CA ILE A 111 54.52 -34.57 49.31
C ILE A 111 53.86 -35.70 50.16
N PRO A 112 54.68 -36.55 50.80
CA PRO A 112 54.23 -37.72 51.59
C PRO A 112 53.44 -37.42 52.89
N PHE A 113 52.66 -38.40 53.35
CA PHE A 113 51.87 -38.25 54.59
C PHE A 113 52.08 -39.42 55.53
N THR A 114 52.20 -39.09 56.82
CA THR A 114 52.40 -40.07 57.88
C THR A 114 51.43 -39.84 59.04
N ASP A 115 51.33 -40.82 59.94
CA ASP A 115 50.55 -40.65 61.17
C ASP A 115 51.05 -39.53 62.07
N GLU A 116 52.37 -39.32 62.09
CA GLU A 116 52.98 -38.28 62.92
C GLU A 116 52.37 -36.90 62.60
N LEU A 117 52.14 -36.62 61.33
CA LEU A 117 51.41 -35.40 60.98
C LEU A 117 50.07 -35.32 61.71
N MET A 118 49.44 -36.46 61.98
CA MET A 118 48.17 -36.45 62.71
C MET A 118 48.40 -36.11 64.18
N GLU A 119 49.49 -36.66 64.73
CA GLU A 119 49.94 -36.29 66.08
C GLU A 119 50.29 -34.80 66.13
N ASN A 120 50.93 -34.31 65.05
CA ASN A 120 51.30 -32.90 64.98
C ASN A 120 50.06 -32.04 65.03
N THR A 121 49.01 -32.50 64.35
CA THR A 121 47.76 -31.78 64.25
C THR A 121 47.08 -31.72 65.61
N LEU A 122 46.97 -32.89 66.22
CA LEU A 122 46.26 -33.03 67.48
C LEU A 122 46.96 -32.26 68.60
N GLN A 123 48.29 -32.30 68.64
CA GLN A 123 49.00 -31.57 69.69
C GLN A 123 48.96 -30.07 69.40
N LEU A 124 49.02 -29.72 68.13
CA LEU A 124 49.02 -28.30 67.73
C LEU A 124 47.70 -27.63 68.07
N PHE A 125 46.60 -28.28 67.71
CA PHE A 125 45.29 -27.75 68.07
C PHE A 125 44.97 -27.76 69.55
N ARG A 126 45.57 -28.69 70.27
CA ARG A 126 45.43 -28.75 71.71
C ARG A 126 46.01 -27.46 72.27
N THR A 127 47.22 -27.14 71.81
CA THR A 127 47.98 -26.01 72.31
C THR A 127 47.32 -24.69 71.88
N ALA A 128 47.05 -24.56 70.58
CA ALA A 128 46.37 -23.39 70.02
C ALA A 128 45.02 -23.14 70.66
N PHE A 129 44.24 -24.19 70.88
CA PHE A 129 42.91 -24.02 71.47
C PHE A 129 43.05 -23.47 72.88
N ALA A 130 44.10 -23.88 73.57
CA ALA A 130 44.30 -23.51 74.95
C ALA A 130 44.57 -22.01 75.09
N PHE A 131 45.54 -21.51 74.33
CA PHE A 131 45.88 -20.10 74.34
C PHE A 131 44.63 -19.27 74.00
N ARG A 132 43.90 -19.68 72.97
CA ARG A 132 42.72 -18.94 72.52
C ARG A 132 41.58 -19.06 73.53
N ASN A 133 41.45 -20.24 74.13
CA ASN A 133 40.46 -20.43 75.16
C ASN A 133 40.83 -19.66 76.41
N ARG A 134 42.13 -19.48 76.62
CA ARG A 134 42.61 -18.63 77.70
C ARG A 134 42.12 -17.21 77.50
N ASP A 135 42.22 -16.74 76.25
CA ASP A 135 41.76 -15.39 75.93
C ASP A 135 40.26 -15.35 75.71
N PHE A 136 39.72 -16.42 75.12
CA PHE A 136 38.28 -16.53 74.87
C PHE A 136 37.70 -17.79 75.52
N PRO A 137 37.45 -17.77 76.85
CA PRO A 137 36.97 -18.99 77.53
C PRO A 137 35.61 -19.44 77.08
N ILE A 138 35.47 -20.75 76.89
CA ILE A 138 34.23 -21.32 76.38
C ILE A 138 33.48 -22.18 77.38
N ASP A 139 32.21 -22.38 77.08
CA ASP A 139 31.39 -23.38 77.75
C ASP A 139 31.72 -24.75 77.15
N ASP A 140 32.16 -25.68 77.97
CA ASP A 140 32.42 -27.03 77.47
C ASP A 140 31.14 -27.80 77.09
N ASN A 141 29.96 -27.27 77.44
CA ASN A 141 28.74 -27.94 77.02
C ASN A 141 28.06 -27.29 75.80
N GLY A 142 28.82 -26.53 75.03
CA GLY A 142 28.27 -25.86 73.86
C GLY A 142 28.57 -26.54 72.53
N LYS A 143 28.34 -25.83 71.44
CA LYS A 143 28.58 -26.37 70.10
C LYS A 143 29.29 -25.29 69.32
N ALA A 144 29.61 -25.52 68.05
CA ALA A 144 30.30 -24.49 67.24
C ALA A 144 30.00 -24.62 65.75
N LEU A 145 30.02 -23.51 65.03
CA LEU A 145 29.78 -23.51 63.59
C LEU A 145 31.07 -23.68 62.80
N GLN A 146 31.25 -24.88 62.25
CA GLN A 146 32.44 -25.24 61.51
C GLN A 146 32.09 -25.50 60.05
N PHE A 147 32.56 -24.64 59.16
CA PHE A 147 32.41 -24.90 57.73
C PHE A 147 33.52 -25.83 57.28
N ILE A 148 33.47 -27.08 57.75
CA ILE A 148 34.59 -28.00 57.53
C ILE A 148 34.23 -29.33 56.90
N PHE A 149 35.03 -29.76 55.93
CA PHE A 149 34.66 -30.97 55.19
C PHE A 149 35.78 -31.98 55.07
N SER A 150 35.40 -33.25 55.08
CA SER A 150 36.24 -34.34 54.63
C SER A 150 35.30 -35.33 54.03
N SER A 151 34.62 -34.86 52.99
CA SER A 151 33.55 -35.61 52.38
C SER A 151 34.05 -36.53 51.28
N LYS A 152 35.36 -36.67 51.15
CA LYS A 152 35.82 -37.38 49.98
C LYS A 152 37.11 -38.20 50.13
N GLN A 153 37.03 -39.52 49.88
CA GLN A 153 38.24 -40.36 49.78
C GLN A 153 38.19 -41.32 48.58
N TYR A 154 39.21 -41.23 47.74
CA TYR A 154 39.38 -42.15 46.63
C TYR A 154 40.69 -42.88 46.78
N ILE A 155 40.86 -43.93 46.00
CA ILE A 155 42.08 -44.72 46.09
C ILE A 155 42.84 -44.66 44.77
N SER A 156 44.15 -44.49 44.88
CA SER A 156 45.00 -44.28 43.69
C SER A 156 45.10 -45.50 42.79
N THR A 157 45.79 -45.32 41.67
CA THR A 157 45.89 -46.34 40.64
C THR A 157 46.65 -47.59 41.11
N GLY A 158 47.49 -47.44 42.13
CA GLY A 158 48.23 -48.56 42.71
C GLY A 158 47.55 -49.15 43.95
N GLY A 159 46.46 -48.52 44.37
CA GLY A 159 45.66 -49.07 45.44
C GLY A 159 46.00 -48.43 46.76
N VAL A 160 46.70 -47.30 46.66
CA VAL A 160 47.12 -46.52 47.82
C VAL A 160 46.32 -45.23 47.94
N PRO A 161 45.71 -44.99 49.12
CA PRO A 161 44.97 -43.74 49.38
C PRO A 161 45.81 -42.49 49.12
N VAL A 162 45.20 -41.50 48.50
CA VAL A 162 45.84 -40.22 48.17
C VAL A 162 44.99 -39.10 48.75
N GLY A 163 45.48 -38.38 49.77
CA GLY A 163 44.58 -37.53 50.57
C GLY A 163 44.94 -36.11 50.98
N THR A 164 43.95 -35.22 51.01
CA THR A 164 44.15 -33.88 51.52
C THR A 164 44.32 -33.82 53.02
N ALA A 165 44.68 -32.65 53.49
CA ALA A 165 44.84 -32.43 54.92
C ALA A 165 43.47 -32.51 55.58
N THR A 166 42.44 -31.94 54.96
CA THR A 166 41.07 -32.13 55.46
C THR A 166 40.73 -33.61 55.57
N THR A 167 40.96 -34.31 54.46
CA THR A 167 40.48 -35.66 54.30
C THR A 167 41.19 -36.64 55.22
N ASN A 168 42.51 -36.55 55.32
CA ASN A 168 43.19 -37.53 56.16
C ASN A 168 43.04 -37.26 57.65
N VAL A 169 42.94 -35.99 58.10
CA VAL A 169 42.58 -35.73 59.51
C VAL A 169 41.25 -36.27 59.83
N TYR A 170 40.27 -35.72 59.13
CA TYR A 170 38.88 -35.86 59.56
C TYR A 170 38.36 -37.30 59.46
N ARG A 171 38.90 -38.07 58.51
CA ARG A 171 38.53 -39.47 58.35
C ARG A 171 39.48 -40.35 59.12
N ASN A 172 40.48 -39.74 59.75
CA ASN A 172 41.48 -40.50 60.49
C ASN A 172 40.80 -41.20 61.65
N PRO A 173 41.20 -42.44 61.94
CA PRO A 173 40.57 -43.19 63.02
C PRO A 173 40.67 -42.47 64.39
N ASN A 174 41.67 -41.61 64.54
CA ASN A 174 41.90 -40.90 65.80
C ASN A 174 41.40 -39.45 65.77
N PHE A 175 40.74 -39.07 64.69
CA PHE A 175 40.18 -37.73 64.60
C PHE A 175 39.16 -37.41 65.69
N LYS A 176 38.17 -38.27 65.86
CA LYS A 176 37.03 -38.01 66.75
C LYS A 176 37.39 -37.87 68.23
N ALA A 177 38.12 -38.85 68.76
CA ALA A 177 38.54 -38.87 70.17
C ALA A 177 39.60 -37.82 70.52
N GLY A 178 40.52 -37.59 69.60
CA GLY A 178 41.55 -36.58 69.80
C GLY A 178 40.97 -35.18 69.74
N MET A 179 40.00 -34.96 68.87
CA MET A 179 39.39 -33.61 68.74
C MET A 179 38.29 -33.30 69.74
N LYS A 180 37.71 -34.33 70.37
CA LYS A 180 36.53 -34.14 71.23
C LYS A 180 36.82 -33.29 72.46
N SER A 181 38.04 -33.41 72.95
CA SER A 181 38.44 -32.74 74.19
C SER A 181 38.85 -31.29 73.95
N ILE A 182 39.25 -30.95 72.74
CA ILE A 182 39.77 -29.61 72.46
C ILE A 182 38.88 -28.76 71.55
N THR A 183 37.64 -29.18 71.32
CA THR A 183 36.77 -28.37 70.45
C THR A 183 35.34 -28.41 70.95
N SER A 184 34.53 -27.46 70.49
CA SER A 184 33.09 -27.53 70.74
C SER A 184 32.53 -28.44 69.65
N PRO A 185 31.70 -29.43 70.03
CA PRO A 185 31.27 -30.45 69.06
C PRO A 185 30.65 -29.83 67.83
N SER A 186 31.06 -30.25 66.63
CA SER A 186 30.49 -29.67 65.42
C SER A 186 29.01 -29.94 65.46
N CYS A 187 28.23 -28.97 65.01
CA CYS A 187 26.79 -29.09 65.12
C CYS A 187 26.21 -30.12 64.14
N SER A 188 26.79 -30.20 62.95
CA SER A 188 26.29 -31.11 61.92
C SER A 188 26.79 -32.53 62.15
N PRO A 189 25.97 -33.53 61.78
CA PRO A 189 26.38 -34.94 61.84
C PRO A 189 27.58 -35.25 60.95
N ASP A 190 28.34 -36.28 61.33
CA ASP A 190 29.49 -36.71 60.53
C ASP A 190 29.11 -37.01 59.08
N GLU A 191 27.89 -37.48 58.87
CA GLU A 191 27.43 -37.78 57.52
C GLU A 191 27.33 -36.53 56.64
N VAL A 192 26.94 -35.40 57.22
CA VAL A 192 26.86 -34.14 56.45
C VAL A 192 28.25 -33.63 56.10
N ILE A 193 29.14 -33.68 57.08
CA ILE A 193 30.51 -33.28 56.86
C ILE A 193 31.14 -34.12 55.75
N PHE A 194 30.84 -35.41 55.77
CA PHE A 194 31.40 -36.36 54.81
C PHE A 194 30.45 -36.67 53.67
N SER A 195 29.48 -35.77 53.44
CA SER A 195 28.46 -35.95 52.42
C SER A 195 28.98 -35.96 50.98
N PRO A 196 28.39 -36.81 50.14
CA PRO A 196 28.72 -36.79 48.70
C PRO A 196 28.28 -35.52 47.99
N ASP A 197 27.63 -34.61 48.70
CA ASP A 197 27.15 -33.39 48.10
C ASP A 197 27.42 -32.23 49.04
N VAL A 198 28.62 -31.67 48.96
CA VAL A 198 29.05 -30.69 49.92
C VAL A 198 28.41 -29.30 49.84
N HIS A 199 28.07 -28.77 48.66
CA HIS A 199 27.48 -27.43 48.65
C HIS A 199 26.15 -27.46 49.36
N GLN A 200 25.41 -28.53 49.11
CA GLN A 200 24.15 -28.73 49.80
C GLN A 200 24.48 -29.09 51.25
N ALA A 201 25.60 -29.78 51.46
CA ALA A 201 25.99 -30.15 52.81
C ALA A 201 26.54 -28.93 53.53
N LEU A 202 27.20 -28.04 52.80
CA LEU A 202 27.61 -26.78 53.38
C LEU A 202 26.35 -26.03 53.74
N TYR A 203 25.36 -26.13 52.85
CA TYR A 203 24.06 -25.51 53.05
C TYR A 203 23.43 -26.04 54.33
N CYS A 204 23.50 -27.36 54.52
CA CYS A 204 23.10 -27.97 55.78
C CYS A 204 24.11 -27.71 56.88
N HIS A 205 25.31 -27.25 56.52
CA HIS A 205 26.31 -26.90 57.53
C HIS A 205 25.98 -25.54 58.12
N LEU A 206 25.60 -24.62 57.25
CA LEU A 206 25.03 -23.35 57.66
C LEU A 206 23.91 -23.69 58.60
N LEU A 207 22.98 -24.49 58.07
CA LEU A 207 21.83 -24.96 58.82
C LEU A 207 22.24 -25.59 60.15
N SER A 208 23.37 -26.29 60.14
CA SER A 208 23.85 -27.01 61.32
C SER A 208 24.37 -26.10 62.43
N GLY A 209 25.26 -25.18 62.10
CA GLY A 209 25.73 -24.26 63.13
C GLY A 209 24.55 -23.44 63.56
N ILE A 210 23.70 -23.14 62.58
CA ILE A 210 22.46 -22.47 62.85
C ILE A 210 21.67 -23.37 63.84
N LEU A 211 21.74 -24.69 63.68
CA LEU A 211 21.04 -25.60 64.60
C LEU A 211 21.28 -25.37 66.09
N PHE A 212 22.52 -25.11 66.51
CA PHE A 212 22.79 -24.98 67.95
C PHE A 212 23.31 -23.61 68.28
N ARG A 213 22.57 -22.57 67.89
CA ARG A 213 23.09 -21.21 67.94
C ARG A 213 23.57 -20.76 69.32
N ASP A 214 22.74 -21.02 70.34
CA ASP A 214 23.06 -20.56 71.67
C ASP A 214 24.22 -21.36 72.16
N GLN A 215 24.30 -22.62 71.73
CA GLN A 215 25.39 -23.45 72.19
C GLN A 215 26.66 -23.11 71.41
N VAL A 216 26.53 -22.39 70.30
CA VAL A 216 27.74 -22.06 69.53
C VAL A 216 28.67 -21.06 70.22
N GLN A 217 29.91 -21.49 70.48
CA GLN A 217 30.95 -20.66 71.11
C GLN A 217 31.76 -19.84 70.13
N TYR A 218 31.82 -20.31 68.89
CA TYR A 218 32.64 -19.67 67.88
C TYR A 218 32.20 -20.16 66.53
N VAL A 219 32.49 -19.35 65.52
CA VAL A 219 32.22 -19.68 64.14
C VAL A 219 33.55 -19.98 63.47
N PHE A 220 33.73 -21.21 62.99
CA PHE A 220 35.02 -21.62 62.43
C PHE A 220 34.99 -22.05 60.97
N ALA A 221 35.82 -21.40 60.18
CA ALA A 221 36.21 -21.95 58.90
C ALA A 221 37.71 -21.79 58.82
N VAL A 222 38.36 -22.70 58.13
CA VAL A 222 39.79 -22.57 57.89
C VAL A 222 40.13 -21.24 57.28
N PHE A 223 39.28 -20.77 56.36
CA PHE A 223 39.57 -19.57 55.59
C PHE A 223 38.48 -18.51 55.62
N ALA A 224 38.92 -17.26 55.53
CA ALA A 224 38.04 -16.11 55.61
C ALA A 224 37.24 -15.98 54.32
N HIS A 225 37.87 -16.33 53.19
CA HIS A 225 37.15 -16.35 51.92
C HIS A 225 36.09 -17.43 51.99
N GLY A 226 36.36 -18.44 52.80
CA GLY A 226 35.40 -19.50 53.00
C GLY A 226 34.19 -18.93 53.71
N LEU A 227 34.52 -18.08 54.67
CA LEU A 227 33.54 -17.42 55.51
C LEU A 227 32.75 -16.41 54.69
N VAL A 228 33.44 -15.57 53.93
CA VAL A 228 32.71 -14.62 53.09
C VAL A 228 31.83 -15.40 52.10
N HIS A 229 32.34 -16.52 51.59
CA HIS A 229 31.59 -17.34 50.65
C HIS A 229 30.28 -17.78 51.29
N ALA A 230 30.39 -18.29 52.52
CA ALA A 230 29.24 -18.79 53.25
C ALA A 230 28.24 -17.68 53.49
N PHE A 231 28.74 -16.52 53.94
CA PHE A 231 27.85 -15.43 54.33
C PHE A 231 27.24 -14.68 53.16
N ARG A 232 27.94 -14.63 52.02
CA ARG A 232 27.35 -14.12 50.78
C ARG A 232 26.25 -15.08 50.33
N THR A 233 26.57 -16.36 50.40
CA THR A 233 25.62 -17.41 50.11
C THR A 233 24.40 -17.28 51.03
N PHE A 234 24.63 -16.82 52.26
CA PHE A 234 23.54 -16.59 53.20
C PHE A 234 22.57 -15.57 52.66
N GLU A 235 23.11 -14.43 52.21
CA GLU A 235 22.33 -13.38 51.56
C GLU A 235 21.49 -13.98 50.45
N GLN A 236 22.10 -14.93 49.74
CA GLN A 236 21.40 -15.63 48.67
C GLN A 236 20.21 -16.46 49.16
N VAL A 237 20.43 -17.30 50.17
CA VAL A 237 19.49 -18.40 50.44
C VAL A 237 18.67 -18.35 51.73
N TRP A 238 18.58 -17.20 52.39
CA TRP A 238 17.95 -17.15 53.70
C TRP A 238 16.45 -17.48 53.64
N GLU A 239 15.75 -16.99 52.64
CA GLU A 239 14.33 -17.32 52.52
C GLU A 239 14.06 -18.78 52.14
N GLU A 240 14.95 -19.39 51.38
CA GLU A 240 14.77 -20.79 51.04
C GLU A 240 14.96 -21.65 52.29
N ILE A 241 16.00 -21.36 53.06
CA ILE A 241 16.23 -22.09 54.30
C ILE A 241 15.03 -21.96 55.23
N VAL A 242 14.47 -20.75 55.37
CA VAL A 242 13.31 -20.58 56.26
C VAL A 242 12.09 -21.37 55.75
N THR A 243 11.87 -21.43 54.43
CA THR A 243 10.78 -22.27 53.92
C THR A 243 11.09 -23.75 54.21
N ASP A 244 12.32 -24.17 53.99
CA ASP A 244 12.69 -25.59 54.14
C ASP A 244 12.56 -26.13 55.57
N ILE A 245 13.19 -25.45 56.52
CA ILE A 245 13.18 -25.92 57.90
C ILE A 245 11.79 -25.81 58.56
N LYS A 246 10.99 -24.86 58.09
CA LYS A 246 9.68 -24.60 58.70
C LYS A 246 8.64 -25.71 58.47
N ASP A 247 8.59 -26.26 57.27
CA ASP A 247 7.59 -27.30 57.00
C ASP A 247 8.01 -28.64 57.57
N GLY A 248 9.27 -28.72 57.96
CA GLY A 248 9.84 -30.00 58.36
C GLY A 248 10.24 -30.80 57.14
N VAL A 249 10.26 -30.15 55.99
CA VAL A 249 10.72 -30.81 54.77
C VAL A 249 11.79 -29.96 54.08
N LEU A 250 12.96 -30.55 53.88
CA LEU A 250 14.06 -29.85 53.22
C LEU A 250 13.70 -29.58 51.77
N SER A 251 14.32 -28.57 51.17
CA SER A 251 14.08 -28.26 49.77
C SER A 251 14.40 -29.42 48.86
N ASN A 252 13.63 -29.57 47.78
CA ASN A 252 13.84 -30.68 46.87
C ASN A 252 15.18 -30.56 46.15
N ARG A 253 15.79 -29.39 46.28
CA ARG A 253 17.17 -29.18 45.87
C ARG A 253 18.04 -30.35 46.35
N ILE A 254 17.87 -30.72 47.62
CA ILE A 254 18.64 -31.76 48.29
C ILE A 254 18.31 -33.19 47.79
N THR A 255 19.31 -33.91 47.27
CA THR A 255 19.06 -35.22 46.67
C THR A 255 19.80 -36.41 47.30
N VAL A 256 21.06 -36.26 47.69
CA VAL A 256 21.80 -37.45 48.16
C VAL A 256 21.11 -38.10 49.37
N PRO A 257 20.95 -39.42 49.33
CA PRO A 257 20.12 -40.16 50.29
C PRO A 257 20.62 -40.14 51.73
N SER A 258 21.92 -40.35 51.96
CA SER A 258 22.42 -40.38 53.34
C SER A 258 22.17 -39.04 54.03
N VAL A 259 22.39 -37.95 53.29
CA VAL A 259 22.19 -36.62 53.85
C VAL A 259 20.71 -36.36 54.06
N ARG A 260 19.90 -36.79 53.09
CA ARG A 260 18.45 -36.73 53.19
C ARG A 260 17.93 -37.48 54.42
N THR A 261 18.53 -38.63 54.71
CA THR A 261 18.13 -39.40 55.90
C THR A 261 18.46 -38.66 57.18
N ALA A 262 19.67 -38.11 57.24
CA ALA A 262 20.12 -37.40 58.44
C ALA A 262 19.19 -36.21 58.71
N MET A 263 18.92 -35.42 57.68
CA MET A 263 18.09 -34.25 57.85
C MET A 263 16.64 -34.66 58.16
N SER A 264 16.20 -35.75 57.56
CA SER A 264 14.85 -36.27 57.83
C SER A 264 14.74 -36.72 59.27
N LYS A 265 15.83 -37.25 59.83
CA LYS A 265 15.87 -37.51 61.26
C LYS A 265 15.65 -36.21 62.03
N LEU A 266 15.95 -35.07 61.40
CA LEU A 266 15.83 -33.79 62.06
C LEU A 266 14.70 -32.89 61.56
N LEU A 267 13.72 -33.40 60.82
CA LEU A 267 12.77 -32.45 60.21
C LEU A 267 11.28 -32.68 60.54
N THR A 268 10.63 -31.64 61.08
CA THR A 268 9.20 -31.65 61.47
C THR A 268 8.68 -30.20 61.39
N PRO A 269 7.38 -30.02 61.05
CA PRO A 269 6.83 -28.67 60.77
C PRO A 269 6.82 -27.71 61.96
N ASN A 270 7.31 -26.49 61.72
CA ASN A 270 7.31 -25.46 62.76
C ASN A 270 7.19 -24.06 62.15
N PRO A 271 5.96 -23.62 61.87
CA PRO A 271 5.66 -22.31 61.24
C PRO A 271 6.13 -21.10 62.05
N GLU A 272 6.32 -21.30 63.34
CA GLU A 272 6.65 -20.24 64.31
C GLU A 272 7.93 -19.43 64.02
N LEU A 273 9.02 -20.14 63.81
CA LEU A 273 10.32 -19.49 63.77
C LEU A 273 10.51 -18.76 62.47
N ALA A 274 9.77 -19.18 61.46
CA ALA A 274 9.77 -18.53 60.18
C ALA A 274 9.42 -17.06 60.35
N GLU A 275 8.48 -16.80 61.25
CA GLU A 275 8.04 -15.44 61.53
C GLU A 275 9.19 -14.62 62.12
N THR A 276 9.93 -15.25 63.03
CA THR A 276 11.06 -14.60 63.68
C THR A 276 12.15 -14.28 62.69
N ILE A 277 12.45 -15.25 61.84
CA ILE A 277 13.53 -15.10 60.89
C ILE A 277 13.28 -14.06 59.80
N ARG A 278 12.07 -14.01 59.25
CA ARG A 278 11.82 -13.04 58.21
C ARG A 278 12.01 -11.64 58.81
N THR A 279 11.59 -11.43 60.06
CA THR A 279 11.76 -10.10 60.69
C THR A 279 13.22 -9.79 60.92
N LYS A 280 13.96 -10.73 61.50
CA LYS A 280 15.37 -10.47 61.82
C LYS A 280 16.25 -10.25 60.60
N CYS A 281 16.12 -11.13 59.61
CA CYS A 281 16.97 -11.07 58.43
C CYS A 281 16.62 -9.85 57.60
N MET A 282 15.36 -9.40 57.62
CA MET A 282 14.99 -8.18 56.90
C MET A 282 15.58 -6.93 57.56
N SER A 283 15.82 -7.00 58.87
CA SER A 283 16.26 -5.83 59.62
C SER A 283 17.75 -5.48 59.38
N LEU A 284 18.50 -6.42 58.81
CA LEU A 284 19.93 -6.20 58.63
C LEU A 284 20.21 -5.11 57.59
N SER A 285 21.35 -4.43 57.76
CA SER A 285 21.82 -3.43 56.81
C SER A 285 22.92 -3.98 55.94
N ASN A 286 22.61 -4.20 54.66
CA ASN A 286 23.57 -4.78 53.72
C ASN A 286 24.29 -5.99 54.30
N TRP A 287 23.59 -6.67 55.22
CA TRP A 287 24.09 -7.85 55.93
C TRP A 287 25.31 -7.54 56.78
N TYR A 288 25.38 -6.31 57.27
CA TYR A 288 26.43 -5.92 58.19
C TYR A 288 26.30 -6.61 59.56
N GLY A 289 27.42 -7.08 60.10
CA GLY A 289 27.42 -7.80 61.37
C GLY A 289 26.56 -9.05 61.25
N LEU A 290 26.76 -9.81 60.17
CA LEU A 290 26.03 -11.05 59.94
C LEU A 290 26.31 -12.13 60.97
N ILE A 291 27.59 -12.33 61.27
CA ILE A 291 27.98 -13.38 62.23
C ILE A 291 27.55 -13.10 63.68
N PRO A 292 27.67 -11.84 64.16
CA PRO A 292 27.10 -11.56 65.49
C PRO A 292 25.58 -11.66 65.48
N ALA A 293 24.95 -11.26 64.38
CA ALA A 293 23.50 -11.43 64.26
C ALA A 293 23.06 -12.88 64.44
N LEU A 294 23.77 -13.79 63.77
CA LEU A 294 23.46 -15.23 63.85
C LEU A 294 23.81 -15.87 65.20
N PHE A 295 25.00 -15.59 65.70
CA PHE A 295 25.40 -16.14 66.98
C PHE A 295 25.99 -15.02 67.84
N PRO A 296 25.11 -14.26 68.52
CA PRO A 296 25.39 -13.08 69.36
C PRO A 296 26.48 -13.27 70.40
N ASN A 297 26.85 -14.53 70.60
CA ASN A 297 27.64 -14.85 71.73
C ASN A 297 28.93 -15.56 71.40
N ALA A 298 29.18 -15.76 70.11
CA ALA A 298 30.46 -16.30 69.66
C ALA A 298 31.52 -15.32 70.07
N LYS A 299 32.57 -15.84 70.69
CA LYS A 299 33.66 -15.02 71.18
C LYS A 299 34.49 -14.52 70.02
N TYR A 300 34.62 -15.37 69.01
CA TYR A 300 35.45 -15.05 67.85
C TYR A 300 35.03 -15.80 66.60
N VAL A 301 35.47 -15.28 65.45
CA VAL A 301 35.43 -15.98 64.18
C VAL A 301 36.89 -16.39 63.94
N TYR A 302 37.11 -17.65 63.57
CA TYR A 302 38.46 -18.22 63.61
C TYR A 302 38.97 -18.71 62.25
N GLY A 303 40.21 -18.39 61.91
CA GLY A 303 40.81 -18.86 60.67
C GLY A 303 42.00 -17.99 60.31
N ILE A 304 42.62 -18.22 59.14
CA ILE A 304 43.76 -17.41 58.72
C ILE A 304 43.26 -16.12 58.08
N MET A 305 43.65 -14.99 58.64
CA MET A 305 43.12 -13.69 58.22
C MET A 305 44.17 -12.83 57.54
N THR A 306 45.35 -13.38 57.27
CA THR A 306 46.39 -12.54 56.71
C THR A 306 46.83 -12.94 55.29
N GLY A 307 47.55 -12.04 54.63
CA GLY A 307 48.03 -12.29 53.27
C GLY A 307 46.89 -12.30 52.29
N SER A 308 46.71 -13.43 51.60
CA SER A 308 45.73 -13.56 50.53
C SER A 308 44.32 -13.40 51.00
N MET A 309 44.10 -13.78 52.25
CA MET A 309 42.79 -13.73 52.85
C MET A 309 42.52 -12.39 53.49
N GLU A 310 43.54 -11.55 53.59
CA GLU A 310 43.34 -10.21 54.13
C GLU A 310 42.31 -9.38 53.35
N PRO A 311 42.25 -9.52 52.03
CA PRO A 311 41.19 -8.79 51.31
C PRO A 311 39.78 -9.26 51.64
N TYR A 312 39.62 -10.53 51.99
CA TYR A 312 38.30 -11.06 52.33
C TYR A 312 37.90 -10.78 53.77
N VAL A 313 38.89 -10.54 54.63
CA VAL A 313 38.65 -10.32 56.06
C VAL A 313 37.79 -9.07 56.39
N PRO A 314 38.00 -7.93 55.71
CA PRO A 314 37.08 -6.80 55.92
C PRO A 314 35.63 -7.13 55.55
N LYS A 315 35.38 -7.83 54.44
CA LYS A 315 34.01 -8.19 54.11
C LYS A 315 33.48 -9.11 55.20
N LEU A 316 34.34 -10.01 55.63
CA LEU A 316 34.03 -10.83 56.80
C LEU A 316 33.87 -9.94 58.03
N ARG A 317 34.72 -8.92 58.18
CA ARG A 317 34.55 -7.95 59.27
C ARG A 317 33.18 -7.30 59.14
N HIS A 318 32.83 -6.96 57.90
CA HIS A 318 31.51 -6.41 57.57
C HIS A 318 30.41 -7.35 58.06
N TYR A 319 30.66 -8.65 57.87
CA TYR A 319 29.73 -9.69 58.34
C TYR A 319 29.94 -10.00 59.83
N ALA A 320 31.17 -9.89 60.33
CA ALA A 320 31.46 -10.23 61.73
C ALA A 320 31.16 -9.07 62.65
N GLY A 321 30.90 -7.90 62.08
CA GLY A 321 30.62 -6.72 62.89
C GLY A 321 31.82 -6.30 63.70
N ASP A 322 31.63 -6.12 65.00
CA ASP A 322 32.72 -5.70 65.87
C ASP A 322 33.40 -6.89 66.54
N LEU A 323 32.92 -8.10 66.26
CA LEU A 323 33.58 -9.33 66.72
C LEU A 323 34.99 -9.41 66.15
N PRO A 324 35.96 -9.79 66.99
CA PRO A 324 37.37 -10.01 66.63
C PRO A 324 37.55 -11.19 65.69
N LEU A 325 38.38 -11.00 64.67
CA LEU A 325 38.73 -12.10 63.78
C LEU A 325 40.03 -12.71 64.24
N VAL A 326 39.98 -13.95 64.74
CA VAL A 326 41.21 -14.53 65.29
C VAL A 326 41.95 -15.37 64.24
N SER A 327 43.21 -15.00 64.04
CA SER A 327 44.05 -15.60 63.03
C SER A 327 44.47 -16.98 63.49
N HIS A 328 44.40 -17.95 62.59
CA HIS A 328 44.77 -19.30 62.98
C HIS A 328 46.25 -19.56 62.78
N ASP A 329 46.74 -20.66 63.33
CA ASP A 329 48.13 -21.10 63.17
C ASP A 329 48.62 -21.32 61.74
N TYR A 330 49.91 -21.63 61.66
CA TYR A 330 50.68 -21.53 60.43
C TYR A 330 51.55 -22.77 60.20
N GLY A 331 50.97 -23.83 59.64
CA GLY A 331 51.77 -24.99 59.27
C GLY A 331 50.96 -26.11 58.69
N SER A 332 51.63 -27.14 58.18
CA SER A 332 50.90 -28.14 57.44
C SER A 332 51.51 -29.52 57.43
N SER A 333 50.99 -30.33 56.51
CA SER A 333 51.43 -31.69 56.39
C SER A 333 52.76 -31.71 55.70
N GLU A 334 53.03 -30.68 54.89
CA GLU A 334 54.38 -30.41 54.37
C GLU A 334 55.30 -30.09 55.52
N GLY A 335 54.71 -29.66 56.62
CA GLY A 335 55.46 -29.33 57.80
C GLY A 335 54.76 -28.22 58.53
N TRP A 336 54.58 -28.41 59.84
CA TRP A 336 54.05 -27.39 60.74
C TRP A 336 55.15 -26.47 61.25
N ILE A 337 54.99 -25.15 61.20
CA ILE A 337 56.04 -24.35 61.80
C ILE A 337 55.54 -23.61 63.03
N ALA A 338 54.40 -22.93 62.95
CA ALA A 338 54.00 -21.99 64.00
C ALA A 338 52.53 -22.04 64.40
N ALA A 339 52.29 -21.70 65.66
CA ALA A 339 50.94 -21.52 66.18
C ALA A 339 50.81 -20.13 66.78
N ASN A 340 49.59 -19.60 66.78
CA ASN A 340 49.34 -18.30 67.38
C ASN A 340 49.21 -18.39 68.89
N VAL A 341 50.16 -17.80 69.62
CA VAL A 341 50.13 -17.89 71.07
C VAL A 341 49.71 -16.57 71.71
N THR A 342 49.39 -15.60 70.87
CA THR A 342 48.71 -14.39 71.31
C THR A 342 47.57 -14.10 70.34
N PRO A 343 46.57 -15.00 70.28
CA PRO A 343 45.56 -14.92 69.23
C PRO A 343 44.67 -13.66 69.26
N ARG A 344 44.65 -12.90 70.36
CA ARG A 344 43.80 -11.71 70.43
C ARG A 344 44.35 -10.58 69.52
N LEU A 345 45.57 -10.78 69.02
CA LEU A 345 46.17 -9.80 68.11
C LEU A 345 45.33 -9.58 66.85
N SER A 346 45.26 -8.33 66.37
CA SER A 346 44.42 -8.04 65.21
C SER A 346 45.07 -8.61 63.96
N PRO A 347 44.28 -8.77 62.87
CA PRO A 347 44.84 -9.34 61.64
C PRO A 347 45.97 -8.52 61.05
N GLU A 348 45.92 -7.20 61.27
CA GLU A 348 46.98 -6.32 60.77
C GLU A 348 48.28 -6.51 61.54
N GLU A 349 48.18 -6.90 62.80
CA GLU A 349 49.36 -7.08 63.64
C GLU A 349 49.60 -8.55 64.00
N ALA A 350 48.84 -9.45 63.40
CA ALA A 350 48.90 -10.87 63.73
C ALA A 350 50.25 -11.48 63.39
N THR A 351 50.79 -12.26 64.33
CA THR A 351 52.00 -13.03 64.10
C THR A 351 51.83 -14.45 64.61
N PHE A 352 52.78 -15.30 64.24
CA PHE A 352 52.73 -16.69 64.63
C PHE A 352 54.07 -17.16 65.19
N ALA A 353 54.02 -17.87 66.32
CA ALA A 353 55.24 -18.37 66.95
C ALA A 353 55.48 -19.83 66.60
N VAL A 354 56.69 -20.13 66.12
CA VAL A 354 57.02 -21.47 65.61
C VAL A 354 57.10 -22.61 66.64
N ILE A 355 56.48 -23.75 66.32
CA ILE A 355 56.61 -24.95 67.14
C ILE A 355 57.73 -25.81 66.59
N PRO A 356 58.71 -26.10 67.43
CA PRO A 356 59.99 -26.67 66.98
C PRO A 356 60.08 -28.21 67.01
N ASN A 357 59.07 -28.90 67.51
CA ASN A 357 59.12 -30.37 67.55
C ASN A 357 58.59 -31.04 66.28
N LEU A 358 57.94 -30.26 65.42
CA LEU A 358 57.24 -30.84 64.29
C LEU A 358 58.23 -31.06 63.13
N GLY A 359 59.26 -30.22 63.06
CA GLY A 359 60.32 -30.46 62.11
C GLY A 359 61.61 -29.68 62.33
N TYR A 360 62.61 -30.00 61.51
CA TYR A 360 63.88 -29.29 61.54
C TYR A 360 63.86 -28.32 60.38
N PHE A 361 63.80 -27.03 60.69
CA PHE A 361 63.62 -26.02 59.64
C PHE A 361 64.81 -25.09 59.55
N GLU A 362 65.08 -24.64 58.32
CA GLU A 362 66.18 -23.75 58.03
C GLU A 362 65.72 -22.67 57.03
N PHE A 363 66.45 -21.56 56.98
CA PHE A 363 66.00 -20.38 56.22
C PHE A 363 67.06 -19.81 55.27
N LEU A 364 66.74 -19.69 53.98
CA LEU A 364 67.67 -19.11 52.99
C LEU A 364 67.58 -17.58 52.94
N PRO A 365 68.70 -16.88 53.21
CA PRO A 365 68.69 -15.42 53.22
C PRO A 365 68.43 -14.81 51.84
N VAL A 366 67.60 -13.78 51.78
CA VAL A 366 67.34 -13.09 50.52
C VAL A 366 68.28 -11.90 50.35
N SER A 367 69.07 -11.64 51.37
CA SER A 367 69.88 -10.42 51.42
C SER A 367 71.05 -10.41 50.47
N GLU A 368 71.02 -9.42 49.57
CA GLU A 368 72.10 -9.06 48.63
C GLU A 368 71.45 -8.16 47.58
N THR A 369 70.62 -8.79 46.76
CA THR A 369 69.74 -8.11 45.82
C THR A 369 68.77 -9.17 45.34
N GLY A 370 69.16 -9.92 44.31
CA GLY A 370 68.34 -11.02 43.82
C GLY A 370 69.19 -12.09 43.15
N GLU A 371 69.05 -13.34 43.59
CA GLU A 371 68.16 -13.71 44.68
C GLU A 371 68.77 -13.46 46.05
N GLY A 372 70.09 -13.58 46.14
CA GLY A 372 70.80 -13.38 47.37
C GLY A 372 71.97 -14.36 47.53
N GLU A 373 71.73 -15.60 47.13
CA GLU A 373 72.73 -16.69 47.13
C GLU A 373 73.51 -16.80 48.45
N GLU A 374 72.89 -16.39 49.55
CA GLU A 374 73.50 -16.59 50.87
C GLU A 374 73.09 -17.96 51.46
N LYS A 375 74.01 -18.61 52.18
CA LYS A 375 73.70 -19.90 52.81
C LYS A 375 72.88 -19.70 54.08
N PRO A 376 72.08 -20.70 54.47
CA PRO A 376 71.06 -20.58 55.52
C PRO A 376 71.56 -20.64 56.96
N VAL A 377 70.88 -19.91 57.85
CA VAL A 377 71.19 -19.91 59.28
C VAL A 377 70.09 -20.62 60.08
N GLY A 378 70.31 -20.82 61.36
CA GLY A 378 69.35 -21.52 62.19
C GLY A 378 68.08 -20.72 62.45
N LEU A 379 67.03 -21.41 62.90
CA LEU A 379 65.73 -20.77 63.19
C LEU A 379 65.84 -19.67 64.23
N THR A 380 66.48 -19.99 65.36
CA THR A 380 66.73 -18.97 66.36
C THR A 380 67.91 -18.07 65.95
N GLN A 381 68.64 -18.47 64.91
CA GLN A 381 69.80 -17.70 64.44
C GLN A 381 69.39 -16.64 63.42
N VAL A 382 68.11 -16.65 63.06
CA VAL A 382 67.54 -15.71 62.12
C VAL A 382 67.75 -14.27 62.60
N LYS A 383 67.92 -13.35 61.66
CA LYS A 383 68.09 -11.94 62.03
C LYS A 383 66.75 -11.20 62.04
N ILE A 384 66.46 -10.56 63.18
CA ILE A 384 65.18 -9.92 63.43
C ILE A 384 64.98 -8.79 62.45
N GLY A 385 63.80 -8.71 61.86
CA GLY A 385 63.51 -7.65 60.91
C GLY A 385 63.69 -8.07 59.46
N GLU A 386 64.52 -9.09 59.23
CA GLU A 386 64.86 -9.46 57.85
C GLU A 386 63.96 -10.58 57.35
N GLU A 387 63.97 -10.83 56.05
CA GLU A 387 63.12 -11.85 55.45
C GLU A 387 63.91 -13.02 54.89
N TYR A 388 63.43 -14.25 55.12
CA TYR A 388 64.09 -15.46 54.64
C TYR A 388 63.11 -16.42 53.97
N GLU A 389 63.63 -17.34 53.16
CA GLU A 389 62.79 -18.38 52.55
C GLU A 389 62.87 -19.63 53.41
N VAL A 390 61.72 -20.24 53.70
CA VAL A 390 61.74 -21.41 54.57
C VAL A 390 62.20 -22.67 53.85
N VAL A 391 63.08 -23.42 54.52
CA VAL A 391 63.62 -24.65 53.99
C VAL A 391 63.14 -25.73 54.95
N ILE A 392 62.66 -26.85 54.42
CA ILE A 392 61.98 -27.82 55.27
C ILE A 392 62.66 -29.19 55.35
N THR A 393 62.87 -29.69 56.57
CA THR A 393 63.29 -31.06 56.84
C THR A 393 62.27 -31.64 57.80
N ASN A 394 61.59 -32.73 57.45
CA ASN A 394 60.66 -33.34 58.39
C ASN A 394 60.09 -34.71 58.02
N TYR A 395 59.05 -35.09 58.75
CA TYR A 395 58.36 -36.37 58.57
C TYR A 395 57.47 -36.37 57.34
N ALA A 396 57.41 -35.21 56.67
CA ALA A 396 56.54 -35.05 55.50
C ALA A 396 57.19 -35.43 54.19
N GLY A 397 58.38 -36.01 54.25
CA GLY A 397 59.04 -36.41 53.03
C GLY A 397 59.85 -35.34 52.36
N LEU A 398 60.03 -34.23 53.06
CA LEU A 398 60.81 -33.13 52.52
C LEU A 398 61.95 -32.86 53.49
N TYR A 399 63.17 -32.84 52.95
CA TYR A 399 64.38 -32.65 53.74
C TYR A 399 65.21 -31.49 53.22
N ARG A 400 65.31 -30.42 53.99
CA ARG A 400 65.96 -29.19 53.55
C ARG A 400 65.32 -28.79 52.22
N TYR A 401 64.00 -28.84 52.21
CA TYR A 401 63.18 -28.57 51.02
C TYR A 401 62.83 -27.11 50.87
N ARG A 402 62.99 -26.55 49.68
CA ARG A 402 62.60 -25.18 49.42
C ARG A 402 61.15 -25.10 48.96
N LEU A 403 60.24 -24.72 49.86
CA LEU A 403 58.83 -24.56 49.48
C LEU A 403 58.71 -23.36 48.54
N GLY A 404 59.66 -22.43 48.65
CA GLY A 404 59.68 -21.25 47.80
C GLY A 404 58.93 -20.08 48.38
N ASP A 405 59.27 -19.67 49.61
CA ASP A 405 58.39 -18.79 50.36
C ASP A 405 59.00 -17.83 51.41
N VAL A 406 58.54 -16.58 51.43
CA VAL A 406 59.24 -15.53 52.20
C VAL A 406 58.58 -15.22 53.55
N VAL A 407 59.39 -15.15 54.61
CA VAL A 407 58.87 -14.87 55.95
C VAL A 407 59.56 -13.67 56.59
N LYS A 408 58.89 -13.03 57.54
CA LYS A 408 59.50 -11.92 58.26
C LYS A 408 59.59 -12.24 59.76
N VAL A 409 60.63 -11.76 60.43
CA VAL A 409 60.77 -11.97 61.88
C VAL A 409 60.31 -10.73 62.64
N ILE A 410 59.10 -10.81 63.19
CA ILE A 410 58.50 -9.70 63.94
C ILE A 410 59.17 -9.61 65.30
N GLY A 411 59.49 -10.77 65.88
CA GLY A 411 60.18 -10.80 67.16
C GLY A 411 60.24 -12.20 67.75
N PHE A 412 60.70 -12.30 68.98
CA PHE A 412 60.81 -13.59 69.65
C PHE A 412 59.74 -13.72 70.74
N TYR A 413 58.97 -14.81 70.73
CA TYR A 413 58.11 -15.08 71.88
C TYR A 413 58.92 -15.96 72.83
N ASN A 414 59.52 -15.30 73.82
CA ASN A 414 60.55 -15.92 74.65
C ASN A 414 61.68 -16.38 73.75
N ASN A 415 61.93 -17.69 73.74
CA ASN A 415 63.02 -18.18 72.94
C ASN A 415 62.60 -18.60 71.53
N THR A 416 61.34 -18.43 71.17
CA THR A 416 60.93 -18.76 69.79
C THR A 416 60.59 -17.53 68.95
N PRO A 417 60.88 -17.61 67.65
CA PRO A 417 60.61 -16.47 66.76
C PRO A 417 59.13 -16.22 66.48
N GLN A 418 58.75 -14.95 66.34
CA GLN A 418 57.41 -14.59 65.85
C GLN A 418 57.56 -14.18 64.40
N LEU A 419 56.70 -14.73 63.53
CA LEU A 419 56.84 -14.48 62.11
C LEU A 419 55.59 -13.81 61.53
N LYS A 420 55.79 -13.00 60.49
CA LYS A 420 54.71 -12.23 59.85
C LYS A 420 54.74 -12.43 58.34
N PHE A 421 53.55 -12.40 57.72
CA PHE A 421 53.50 -12.72 56.29
C PHE A 421 52.57 -11.79 55.51
N ILE A 422 53.03 -11.37 54.33
CA ILE A 422 52.20 -10.55 53.46
C ILE A 422 52.00 -11.24 52.12
N CYS A 423 50.74 -11.33 51.72
CA CYS A 423 50.32 -11.87 50.41
C CYS A 423 50.36 -13.37 50.25
N ARG A 424 50.32 -13.79 48.98
CA ARG A 424 49.98 -15.17 48.57
C ARG A 424 50.85 -15.72 47.45
N ARG A 425 51.71 -14.90 46.87
CA ARG A 425 52.30 -15.34 45.62
C ARG A 425 53.76 -15.78 45.70
N ASN A 426 53.97 -17.09 45.56
CA ASN A 426 55.31 -17.68 45.55
C ASN A 426 55.79 -17.97 44.13
N LEU A 427 55.77 -16.95 43.28
CA LEU A 427 55.75 -17.23 41.84
C LEU A 427 57.03 -17.07 41.03
N ILE A 428 57.41 -18.22 40.47
CA ILE A 428 58.24 -18.36 39.29
C ILE A 428 57.55 -19.52 38.61
N LEU A 429 57.29 -19.42 37.31
CA LEU A 429 56.49 -20.47 36.67
C LEU A 429 57.16 -20.99 35.43
N SER A 430 56.75 -22.18 35.00
CA SER A 430 57.34 -22.82 33.82
C SER A 430 56.30 -23.35 32.83
N ILE A 431 56.73 -24.21 31.92
CA ILE A 431 55.82 -24.79 30.94
C ILE A 431 55.36 -26.16 31.47
N ASN A 432 54.02 -26.32 31.55
CA ASN A 432 53.33 -27.48 32.15
C ASN A 432 53.26 -28.60 31.17
N ILE A 433 52.88 -29.84 31.50
CA ILE A 433 52.49 -30.75 30.41
C ILE A 433 51.07 -31.25 30.64
N ASP A 434 50.37 -30.53 31.50
CA ASP A 434 48.98 -30.79 31.79
C ASP A 434 48.11 -29.82 30.98
N LYS A 435 48.68 -29.33 29.89
CA LYS A 435 48.05 -28.28 29.11
C LYS A 435 48.13 -28.64 27.62
N ASN A 436 47.16 -28.27 26.77
CA ASN A 436 45.92 -27.54 27.08
C ASN A 436 46.04 -26.28 27.94
N THR A 437 46.74 -25.25 27.44
CA THR A 437 47.25 -24.16 28.29
C THR A 437 46.19 -23.60 29.23
N GLU A 438 46.61 -23.08 30.38
CA GLU A 438 45.69 -22.51 31.38
C GLU A 438 44.49 -21.78 30.74
N ARG A 439 44.77 -21.00 29.70
CA ARG A 439 43.75 -20.30 28.93
C ARG A 439 42.74 -21.27 28.30
N ASP A 440 43.21 -22.20 27.48
CA ASP A 440 42.32 -23.17 26.81
C ASP A 440 41.49 -23.98 27.81
N LEU A 441 42.15 -24.47 28.84
CA LEU A 441 41.42 -25.15 29.91
C LEU A 441 40.42 -24.17 30.53
N GLN A 442 40.80 -22.90 30.67
CA GLN A 442 39.88 -21.90 31.21
C GLN A 442 38.71 -21.68 30.26
N LEU A 443 39.02 -21.68 28.96
CA LEU A 443 37.98 -21.68 27.93
C LEU A 443 37.00 -22.80 28.16
N SER A 444 37.54 -23.94 28.57
CA SER A 444 36.71 -25.14 28.70
C SER A 444 35.75 -24.97 29.86
N VAL A 445 36.22 -24.40 30.95
CA VAL A 445 35.36 -24.23 32.10
C VAL A 445 34.29 -23.17 31.84
N GLU A 446 34.73 -22.02 31.31
CA GLU A 446 33.86 -20.90 30.98
C GLU A 446 32.86 -21.25 29.89
N SER A 447 33.29 -22.05 28.93
CA SER A 447 32.43 -22.41 27.84
C SER A 447 31.35 -23.33 28.35
N ALA A 448 31.75 -24.35 29.10
CA ALA A 448 30.77 -25.24 29.68
C ALA A 448 29.91 -24.56 30.75
N ALA A 449 30.36 -23.42 31.26
CA ALA A 449 29.73 -22.83 32.44
C ALA A 449 28.46 -22.05 32.12
N LYS A 450 28.35 -21.55 30.89
CA LYS A 450 27.19 -20.71 30.53
C LYS A 450 25.91 -21.52 30.56
N ARG A 451 26.00 -22.80 30.29
CA ARG A 451 24.78 -23.57 30.38
C ARG A 451 24.46 -23.75 31.86
N LEU A 452 25.47 -23.66 32.72
CA LEU A 452 25.15 -23.51 34.13
C LEU A 452 24.60 -22.09 34.40
N SER A 453 25.00 -21.12 33.56
CA SER A 453 24.64 -19.71 33.77
C SER A 453 23.15 -19.46 33.63
N GLU A 454 22.53 -20.21 32.73
CA GLU A 454 21.10 -20.04 32.50
C GLU A 454 20.32 -20.41 33.76
N GLU A 455 21.01 -21.01 34.71
CA GLU A 455 20.46 -21.36 36.00
C GLU A 455 20.78 -20.30 37.05
N LYS A 456 21.37 -19.19 36.62
CA LYS A 456 21.83 -18.12 37.50
C LYS A 456 23.06 -18.54 38.30
N ILE A 457 23.87 -19.42 37.74
CA ILE A 457 25.06 -19.95 38.41
C ILE A 457 26.34 -19.63 37.61
N GLU A 458 27.40 -19.33 38.35
CA GLU A 458 28.70 -19.08 37.75
C GLU A 458 29.60 -20.19 38.27
N VAL A 459 30.68 -20.51 37.58
CA VAL A 459 31.62 -21.49 38.12
C VAL A 459 32.58 -20.76 39.04
N ILE A 460 32.64 -21.13 40.32
CA ILE A 460 33.57 -20.42 41.18
C ILE A 460 35.00 -20.96 41.04
N ASP A 461 35.16 -22.22 40.63
CA ASP A 461 36.51 -22.80 40.45
C ASP A 461 36.53 -24.17 39.72
N PHE A 462 37.72 -24.72 39.43
CA PHE A 462 37.83 -25.92 38.60
C PHE A 462 39.22 -26.65 38.57
N SER A 463 39.21 -27.95 38.26
CA SER A 463 40.46 -28.72 38.08
C SER A 463 40.25 -29.93 37.17
N SER A 464 41.34 -30.67 36.92
CA SER A 464 41.35 -31.77 35.96
C SER A 464 42.38 -32.85 36.30
N TYR A 465 42.12 -34.11 35.91
CA TYR A 465 43.03 -35.23 36.23
C TYR A 465 43.21 -36.27 35.09
N ILE A 466 44.45 -36.73 34.93
CA ILE A 466 44.80 -37.76 33.95
C ILE A 466 44.76 -39.16 34.57
N ASP A 467 43.77 -39.97 34.24
CA ASP A 467 43.71 -41.32 34.79
C ASP A 467 44.34 -42.35 33.87
N VAL A 468 45.52 -42.84 34.23
CA VAL A 468 46.16 -43.85 33.40
C VAL A 468 45.88 -45.25 33.94
N SER A 469 45.00 -45.36 34.93
CA SER A 469 44.59 -46.68 35.39
C SER A 469 43.76 -47.36 34.31
N THR A 470 42.83 -46.62 33.71
CA THR A 470 41.87 -47.21 32.78
C THR A 470 42.36 -47.34 31.33
N ASP A 471 41.66 -48.17 30.58
CA ASP A 471 41.95 -48.33 29.15
C ASP A 471 40.68 -48.05 28.37
N PRO A 472 40.64 -46.96 27.60
CA PRO A 472 41.72 -45.96 27.48
C PRO A 472 41.69 -44.94 28.63
N GLY A 473 42.83 -44.30 28.90
CA GLY A 473 42.92 -43.26 29.92
C GLY A 473 41.93 -42.13 29.67
N HIS A 474 41.72 -41.24 30.64
CA HIS A 474 40.71 -40.20 30.45
C HIS A 474 40.97 -38.93 31.25
N TYR A 475 40.67 -37.78 30.65
CA TYR A 475 40.69 -36.53 31.40
C TYR A 475 39.47 -36.50 32.32
N ALA A 476 39.67 -36.12 33.57
CA ALA A 476 38.52 -35.89 34.45
C ALA A 476 38.45 -34.43 34.81
N ILE A 477 37.40 -33.74 34.39
CA ILE A 477 37.27 -32.32 34.70
C ILE A 477 36.46 -32.14 35.97
N PHE A 478 36.90 -31.27 36.87
CA PHE A 478 36.18 -31.08 38.14
C PHE A 478 35.77 -29.64 38.36
N TRP A 479 34.55 -29.46 38.89
CA TRP A 479 33.98 -28.13 39.05
C TRP A 479 33.58 -27.88 40.48
N GLU A 480 33.80 -26.67 40.94
CA GLU A 480 33.15 -26.23 42.16
C GLU A 480 32.22 -25.14 41.73
N ILE A 481 30.93 -25.30 42.07
CA ILE A 481 29.91 -24.37 41.58
C ILE A 481 29.04 -23.86 42.72
N SER A 482 28.17 -22.89 42.42
CA SER A 482 27.42 -22.18 43.45
C SER A 482 26.18 -22.95 43.92
N GLY A 483 25.63 -23.79 43.06
CA GLY A 483 24.38 -24.46 43.42
C GLY A 483 24.10 -25.76 42.70
N GLU A 484 23.07 -26.47 43.15
CA GLU A 484 22.67 -27.76 42.58
C GLU A 484 21.83 -27.62 41.31
N THR A 485 22.08 -28.45 40.31
CA THR A 485 21.19 -28.45 39.16
C THR A 485 21.11 -29.82 38.50
N ASN A 486 20.47 -29.85 37.34
CA ASN A 486 20.20 -31.10 36.74
C ASN A 486 21.35 -31.60 35.92
N GLU A 487 21.27 -32.88 35.66
CA GLU A 487 22.30 -33.55 34.93
C GLU A 487 22.41 -33.16 33.48
N ASP A 488 21.28 -33.00 32.83
CA ASP A 488 21.30 -32.89 31.40
C ASP A 488 22.24 -31.77 30.99
N VAL A 489 22.22 -30.68 31.73
CA VAL A 489 23.11 -29.60 31.42
C VAL A 489 24.58 -29.97 31.73
N LEU A 490 24.83 -30.60 32.86
CA LEU A 490 26.20 -30.96 33.17
C LEU A 490 26.76 -31.97 32.17
N GLN A 491 25.92 -32.85 31.64
CA GLN A 491 26.38 -33.76 30.61
C GLN A 491 26.73 -32.94 29.37
N ASP A 492 25.82 -32.04 29.02
CA ASP A 492 26.12 -31.06 28.00
C ASP A 492 27.47 -30.41 28.30
N CYS A 493 27.70 -30.04 29.56
CA CYS A 493 28.96 -29.41 30.01
C CYS A 493 30.18 -30.09 29.53
N CYS A 494 30.24 -31.35 29.92
CA CYS A 494 31.42 -32.15 29.66
C CYS A 494 31.71 -32.14 28.16
N ASN A 495 30.66 -32.29 27.36
CA ASN A 495 30.83 -32.21 25.91
C ASN A 495 31.56 -30.92 25.53
N CYS A 496 31.22 -29.82 26.19
CA CYS A 496 31.81 -28.53 25.81
C CYS A 496 33.25 -28.37 26.21
N LEU A 497 33.60 -28.98 27.32
CA LEU A 497 34.97 -28.97 27.76
C LEU A 497 35.78 -29.75 26.74
N ASP A 498 35.21 -30.83 26.21
CA ASP A 498 35.84 -31.51 25.09
C ASP A 498 35.83 -30.62 23.87
N ARG A 499 34.74 -29.89 23.70
CA ARG A 499 34.65 -29.08 22.53
C ARG A 499 35.41 -27.78 22.62
N ALA A 500 36.00 -27.51 23.79
CA ALA A 500 36.65 -26.22 24.03
C ALA A 500 38.15 -26.33 23.96
N PHE A 501 38.64 -27.50 24.33
CA PHE A 501 40.04 -27.84 24.17
C PHE A 501 40.30 -27.73 22.69
N ILE A 502 40.85 -26.58 22.31
CA ILE A 502 40.92 -26.16 20.92
C ILE A 502 41.89 -27.03 20.13
N ASP A 503 42.93 -27.50 20.79
CA ASP A 503 44.04 -28.11 20.07
C ASP A 503 43.75 -29.47 19.43
N ALA A 504 44.46 -29.68 18.31
CA ALA A 504 44.29 -30.81 17.41
C ALA A 504 44.62 -32.12 18.04
N GLY A 505 45.59 -32.11 18.93
CA GLY A 505 46.00 -33.35 19.54
C GLY A 505 44.82 -34.06 20.16
N TYR A 506 44.00 -33.26 20.79
CA TYR A 506 42.82 -33.74 21.47
C TYR A 506 41.92 -34.39 20.43
N VAL A 507 41.92 -33.84 19.22
CA VAL A 507 41.05 -34.31 18.14
C VAL A 507 41.41 -35.75 17.74
N SER A 508 42.70 -36.05 17.57
CA SER A 508 43.05 -37.36 17.07
C SER A 508 42.68 -38.42 18.11
N SER A 509 43.18 -38.28 19.33
CA SER A 509 42.90 -39.28 20.38
C SER A 509 41.44 -39.44 20.80
N ARG A 510 40.83 -38.37 21.33
CA ARG A 510 39.43 -38.48 21.79
C ARG A 510 38.54 -39.02 20.68
N LYS A 511 38.82 -38.65 19.44
CA LYS A 511 38.04 -39.24 18.35
C LYS A 511 38.53 -40.68 18.16
N CYS A 512 39.83 -40.88 18.17
CA CYS A 512 40.36 -42.22 17.95
C CYS A 512 40.20 -43.10 19.21
N LYS A 513 39.92 -42.46 20.33
CA LYS A 513 39.75 -43.15 21.64
C LYS A 513 41.00 -43.85 22.16
N THR A 514 42.20 -43.39 21.79
CA THR A 514 43.40 -44.03 22.37
C THR A 514 43.55 -43.64 23.84
N ILE A 515 43.08 -42.44 24.16
CA ILE A 515 42.89 -42.07 25.55
C ILE A 515 41.40 -41.70 25.61
N GLY A 516 40.71 -42.19 26.64
CA GLY A 516 39.26 -42.25 26.61
C GLY A 516 38.49 -40.96 26.80
N ALA A 517 37.17 -41.10 26.71
CA ALA A 517 36.26 -39.99 26.89
C ALA A 517 36.51 -39.26 28.18
N LEU A 518 36.57 -37.94 28.08
CA LEU A 518 36.66 -37.07 29.25
C LEU A 518 35.53 -37.32 30.22
N GLU A 519 35.84 -37.38 31.49
CA GLU A 519 34.81 -37.56 32.49
C GLU A 519 34.61 -36.28 33.27
N LEU A 520 33.41 -35.72 33.18
CA LEU A 520 33.06 -34.56 34.00
C LEU A 520 32.52 -35.00 35.35
N ARG A 521 33.38 -35.01 36.34
CA ARG A 521 32.91 -35.37 37.66
C ARG A 521 32.60 -34.07 38.36
N VAL A 522 31.31 -33.80 38.55
CA VAL A 522 30.88 -32.54 39.16
C VAL A 522 30.91 -32.63 40.69
N VAL A 523 31.76 -31.81 41.33
CA VAL A 523 31.82 -31.78 42.79
C VAL A 523 31.25 -30.49 43.34
N ALA A 524 31.03 -30.46 44.65
CA ALA A 524 30.29 -29.36 45.22
C ALA A 524 31.18 -28.29 45.89
N LYS A 525 30.59 -27.48 46.79
CA LYS A 525 31.23 -26.27 47.31
C LYS A 525 32.48 -26.54 48.12
N GLY A 526 33.42 -25.60 48.06
CA GLY A 526 34.52 -25.56 48.99
C GLY A 526 35.66 -26.52 48.75
N THR A 527 35.48 -27.47 47.84
CA THR A 527 36.57 -28.35 47.44
C THR A 527 37.84 -27.55 47.16
N PHE A 528 37.74 -26.62 46.22
CA PHE A 528 38.91 -25.83 45.84
C PHE A 528 39.23 -24.85 46.93
N ARG A 529 38.21 -24.52 47.73
CA ARG A 529 38.44 -23.72 48.93
C ARG A 529 39.30 -24.50 49.93
N LYS A 530 38.98 -25.78 50.14
CA LYS A 530 39.72 -26.60 51.10
C LYS A 530 41.16 -26.66 50.66
N ILE A 531 41.34 -26.70 49.35
CA ILE A 531 42.67 -26.72 48.78
C ILE A 531 43.40 -25.43 49.15
N GLN A 532 42.74 -24.28 48.94
CA GLN A 532 43.35 -23.02 49.31
C GLN A 532 43.56 -22.99 50.82
N GLU A 533 42.58 -23.50 51.56
CA GLU A 533 42.68 -23.61 53.02
C GLU A 533 43.95 -24.35 53.40
N HIS A 534 44.13 -25.50 52.76
CA HIS A 534 45.34 -26.30 52.93
C HIS A 534 46.56 -25.46 52.68
N PHE A 535 46.55 -24.76 51.55
CA PHE A 535 47.76 -24.11 51.08
C PHE A 535 48.20 -22.85 51.83
N LEU A 536 47.34 -21.87 52.08
CA LEU A 536 47.82 -20.71 52.82
C LEU A 536 48.06 -21.14 54.27
N GLY A 537 47.46 -22.27 54.64
CA GLY A 537 47.71 -22.89 55.92
C GLY A 537 48.92 -23.80 55.89
N LEU A 538 49.66 -23.83 54.78
CA LEU A 538 50.87 -24.64 54.68
C LEU A 538 51.89 -24.21 55.71
N GLY A 539 51.91 -22.91 55.99
CA GLY A 539 52.72 -22.39 57.08
C GLY A 539 54.21 -22.23 56.84
N SER A 540 54.68 -22.43 55.62
CA SER A 540 56.08 -22.10 55.43
C SER A 540 56.17 -20.79 54.70
N SER A 541 54.99 -20.24 54.42
CA SER A 541 54.82 -19.49 53.19
C SER A 541 54.05 -18.19 53.22
N ALA A 542 54.42 -17.29 52.31
CA ALA A 542 53.60 -16.16 51.97
C ALA A 542 53.01 -16.46 50.61
N GLY A 543 53.67 -17.31 49.83
CA GLY A 543 53.10 -17.70 48.55
C GLY A 543 52.52 -19.11 48.53
N GLN A 544 51.21 -19.23 48.57
CA GLN A 544 50.55 -20.54 48.54
C GLN A 544 49.20 -20.56 47.82
N PHE A 545 48.86 -19.51 47.10
CA PHE A 545 47.47 -19.39 46.64
C PHE A 545 47.23 -19.91 45.21
N LYS A 546 48.29 -20.26 44.50
CA LYS A 546 48.12 -20.67 43.09
C LYS A 546 47.79 -22.15 42.93
N MET A 547 46.58 -22.43 42.45
CA MET A 547 46.08 -23.78 42.26
C MET A 547 46.48 -24.40 40.93
N PRO A 548 47.06 -25.60 40.98
CA PRO A 548 47.35 -26.40 39.79
C PRO A 548 46.05 -26.80 39.10
N ARG A 549 46.00 -26.50 37.80
CA ARG A 549 44.81 -26.64 37.00
C ARG A 549 44.55 -28.05 36.50
N CYS A 550 45.59 -28.78 36.13
CA CYS A 550 45.36 -30.13 35.60
C CYS A 550 46.24 -31.17 36.28
N VAL A 551 45.63 -32.25 36.75
CA VAL A 551 46.40 -33.23 37.51
C VAL A 551 47.14 -34.31 36.71
N LYS A 552 48.47 -34.24 36.77
CA LYS A 552 49.39 -35.31 36.33
C LYS A 552 49.28 -36.42 37.38
N PRO A 553 49.80 -37.63 37.11
CA PRO A 553 49.72 -38.63 38.19
C PRO A 553 50.17 -38.10 39.55
N SER A 554 51.03 -37.08 39.54
CA SER A 554 51.69 -36.56 40.74
C SER A 554 50.74 -35.80 41.66
N ASN A 555 49.89 -34.96 41.08
CA ASN A 555 49.05 -34.00 41.80
C ASN A 555 48.02 -34.70 42.67
N ALA A 556 47.88 -34.27 43.93
CA ALA A 556 47.11 -35.07 44.88
C ALA A 556 46.14 -34.36 45.84
N LYS A 557 46.36 -33.07 46.13
CA LYS A 557 45.45 -32.33 47.02
C LYS A 557 44.07 -32.21 46.41
N VAL A 558 44.01 -31.53 45.27
CA VAL A 558 42.76 -31.45 44.55
C VAL A 558 42.24 -32.85 44.30
N LEU A 559 43.14 -33.80 44.12
CA LEU A 559 42.79 -35.18 43.79
C LEU A 559 42.04 -35.87 44.89
N GLN A 560 42.47 -35.69 46.13
CA GLN A 560 41.76 -36.34 47.19
C GLN A 560 40.30 -35.99 47.21
N ILE A 561 40.01 -34.69 47.18
CA ILE A 561 38.65 -34.19 47.33
C ILE A 561 37.79 -34.49 46.09
N LEU A 562 38.42 -35.02 45.06
CA LEU A 562 37.79 -35.17 43.73
C LEU A 562 36.64 -36.19 43.51
N CYS A 563 36.82 -37.50 43.73
CA CYS A 563 35.88 -38.51 43.14
C CYS A 563 34.54 -38.84 43.86
N GLU A 564 34.58 -39.24 45.13
CA GLU A 564 33.34 -39.49 45.89
C GLU A 564 32.48 -38.26 46.08
N ASN A 565 33.09 -37.09 46.17
CA ASN A 565 32.29 -35.88 46.35
C ASN A 565 31.66 -35.41 45.10
N VAL A 566 31.92 -36.15 44.04
CA VAL A 566 31.26 -35.88 42.77
C VAL A 566 29.77 -36.03 42.99
N VAL A 567 29.07 -34.91 42.96
CA VAL A 567 27.62 -34.93 43.14
C VAL A 567 27.03 -35.79 42.03
N SER A 568 27.48 -35.53 40.81
CA SER A 568 27.09 -36.33 39.65
C SER A 568 28.31 -36.47 38.73
N SER A 569 28.53 -37.65 38.14
CA SER A 569 29.70 -37.89 37.26
C SER A 569 29.28 -38.43 35.91
N TYR A 570 29.92 -37.94 34.84
CA TYR A 570 29.48 -38.32 33.50
C TYR A 570 30.57 -38.56 32.51
N PHE A 571 30.35 -39.61 31.74
CA PHE A 571 31.18 -39.96 30.62
C PHE A 571 30.35 -39.51 29.44
N SER A 572 30.96 -38.76 28.53
CA SER A 572 30.22 -38.10 27.43
C SER A 572 29.36 -39.09 26.65
N THR A 573 28.11 -38.72 26.37
CA THR A 573 27.24 -39.58 25.57
C THR A 573 27.40 -39.10 24.14
N ALA A 574 28.26 -38.10 23.97
CA ALA A 574 28.70 -37.66 22.66
C ALA A 574 29.53 -38.77 22.06
N PHE A 575 29.99 -38.58 20.82
CA PHE A 575 30.76 -39.59 20.07
C PHE A 575 30.09 -40.98 20.08
N LEU B 10 20.20 5.82 17.55
CA LEU B 10 20.14 4.64 18.41
C LEU B 10 18.98 3.69 18.04
N PRO B 11 19.32 2.48 17.60
CA PRO B 11 18.41 1.43 17.14
C PRO B 11 17.43 1.04 18.24
N ILE B 12 16.14 1.11 17.98
CA ILE B 12 15.21 0.74 19.06
C ILE B 12 14.57 -0.61 18.79
N LEU B 13 14.80 -1.55 19.70
CA LEU B 13 14.29 -2.88 19.50
C LEU B 13 13.05 -3.17 20.34
N LEU B 14 12.02 -3.68 19.69
CA LEU B 14 10.85 -4.15 20.42
C LEU B 14 10.99 -5.67 20.65
N ASP B 15 11.17 -6.09 21.91
CA ASP B 15 11.46 -7.49 22.26
C ASP B 15 10.62 -8.03 23.39
N TYR B 16 10.78 -9.34 23.57
CA TYR B 16 10.04 -10.17 24.50
C TYR B 16 11.02 -11.09 25.22
N TRP B 17 11.06 -11.01 26.55
CA TRP B 17 12.05 -11.78 27.32
C TRP B 17 12.20 -13.24 26.87
N PRO B 18 11.10 -13.95 26.57
CA PRO B 18 11.49 -15.28 26.12
C PRO B 18 11.39 -15.40 24.59
N SER B 19 11.38 -14.30 23.86
CA SER B 19 11.23 -14.50 22.42
C SER B 19 12.52 -15.06 21.82
N MET B 20 12.45 -16.33 21.42
CA MET B 20 13.52 -16.99 20.67
C MET B 20 13.86 -16.20 19.43
N PHE B 21 12.86 -15.45 18.97
CA PHE B 21 12.95 -14.64 17.75
C PHE B 21 13.49 -13.26 18.09
N GLY B 22 12.94 -12.64 19.12
CA GLY B 22 13.56 -11.48 19.77
C GLY B 22 15.03 -11.73 20.07
N MET B 23 15.34 -12.94 20.47
CA MET B 23 16.73 -13.34 20.68
C MET B 23 17.48 -13.47 19.38
N ARG B 24 16.83 -13.94 18.32
CA ARG B 24 17.51 -13.89 17.03
C ARG B 24 17.93 -12.45 16.72
N ALA B 25 17.08 -11.48 17.03
CA ALA B 25 17.43 -10.10 16.75
C ALA B 25 18.59 -9.64 17.63
N ARG B 26 18.47 -9.86 18.94
CA ARG B 26 19.45 -9.30 19.88
C ARG B 26 20.82 -9.95 19.65
N VAL B 27 20.81 -11.25 19.38
CA VAL B 27 22.03 -11.98 19.11
C VAL B 27 22.67 -11.44 17.85
N ALA B 28 21.86 -11.21 16.81
CA ALA B 28 22.39 -10.67 15.56
C ALA B 28 23.04 -9.33 15.76
N LEU B 29 22.31 -8.40 16.40
CA LEU B 29 22.82 -7.06 16.60
C LEU B 29 24.06 -7.06 17.49
N ARG B 30 24.03 -7.77 18.62
CA ARG B 30 25.19 -7.73 19.52
C ARG B 30 26.39 -8.45 18.90
N GLU B 31 26.12 -9.41 18.02
CA GLU B 31 27.19 -10.09 17.31
C GLU B 31 27.85 -9.10 16.40
N LYS B 32 27.07 -8.18 15.85
CA LYS B 32 27.68 -7.26 14.90
C LYS B 32 28.54 -6.19 15.56
N GLY B 33 27.94 -5.34 16.40
CA GLY B 33 28.73 -4.32 17.07
C GLY B 33 27.92 -3.06 17.26
N VAL B 34 26.62 -3.22 17.41
CA VAL B 34 25.76 -2.08 17.65
C VAL B 34 25.52 -1.86 19.16
N GLU B 35 25.55 -0.60 19.60
CA GLU B 35 24.88 -0.34 20.87
C GLU B 35 23.45 0.06 20.58
N PHE B 36 22.51 -0.63 21.24
CA PHE B 36 21.07 -0.49 20.97
C PHE B 36 20.21 -0.62 22.23
N GLU B 37 18.97 -0.17 22.15
CA GLU B 37 18.11 -0.27 23.32
C GLU B 37 16.99 -1.29 23.18
N TYR B 38 16.76 -1.98 24.28
CA TYR B 38 15.73 -3.01 24.38
C TYR B 38 14.49 -2.46 25.10
N ARG B 39 13.30 -2.70 24.52
CA ARG B 39 12.06 -2.37 25.20
C ARG B 39 11.21 -3.63 25.30
N GLU B 40 10.83 -4.00 26.53
CA GLU B 40 10.12 -5.26 26.76
C GLU B 40 8.64 -5.00 26.55
N GLU B 41 7.95 -5.97 25.94
CA GLU B 41 6.55 -5.80 25.56
C GLU B 41 5.58 -6.54 26.45
N ASP B 42 4.46 -5.90 26.74
CA ASP B 42 3.32 -6.57 27.32
C ASP B 42 2.39 -6.83 26.14
N PHE B 43 2.38 -8.04 25.60
CA PHE B 43 1.60 -8.23 24.36
C PHE B 43 0.10 -8.09 24.56
N SER B 44 -0.28 -7.99 25.83
CA SER B 44 -1.59 -7.52 26.22
C SER B 44 -1.79 -6.08 25.78
N ASN B 45 -0.73 -5.31 25.93
CA ASN B 45 -0.70 -3.92 25.49
C ASN B 45 0.47 -3.66 24.55
N LYS B 46 0.24 -3.97 23.28
CA LYS B 46 1.24 -3.81 22.25
C LYS B 46 1.45 -2.33 21.93
N SER B 47 2.71 -1.90 22.02
CA SER B 47 3.11 -0.49 21.97
C SER B 47 2.58 0.32 20.78
N PRO B 48 2.35 1.62 21.02
CA PRO B 48 2.04 2.65 20.02
C PRO B 48 3.02 2.64 18.87
N LEU B 49 4.28 2.38 19.21
CA LEU B 49 5.34 2.40 18.21
C LEU B 49 5.37 1.05 17.52
N LEU B 50 5.08 -0.01 18.29
CA LEU B 50 4.90 -1.34 17.73
C LEU B 50 3.64 -1.47 16.87
N LEU B 51 2.56 -0.83 17.30
CA LEU B 51 1.29 -0.98 16.59
C LEU B 51 1.35 -0.11 15.35
N GLN B 52 2.39 0.73 15.28
CA GLN B 52 2.71 1.46 14.05
C GLN B 52 3.80 0.77 13.23
N SER B 53 4.53 -0.15 13.85
CA SER B 53 5.56 -0.92 13.17
C SER B 53 4.96 -2.08 12.37
N ASN B 54 4.00 -2.77 12.97
CA ASN B 54 3.33 -3.89 12.28
C ASN B 54 1.90 -3.97 12.82
N PRO B 55 1.01 -3.12 12.28
CA PRO B 55 -0.35 -2.96 12.85
C PRO B 55 -1.23 -4.18 12.68
N ILE B 56 -0.73 -5.24 12.05
CA ILE B 56 -1.57 -6.41 11.79
C ILE B 56 -1.05 -7.69 12.42
N HIS B 57 0.22 -8.00 12.19
CA HIS B 57 0.88 -9.10 12.90
C HIS B 57 0.98 -8.72 14.35
N LYS B 58 1.31 -7.45 14.59
CA LYS B 58 1.66 -6.95 15.91
C LYS B 58 2.72 -7.83 16.60
N LYS B 59 3.67 -8.31 15.80
CA LYS B 59 4.67 -9.30 16.25
C LYS B 59 6.10 -8.75 16.26
N ILE B 60 6.89 -9.26 17.18
CA ILE B 60 8.27 -8.84 17.35
C ILE B 60 9.18 -9.99 16.86
N PRO B 61 10.50 -9.76 16.73
CA PRO B 61 11.32 -8.59 17.10
C PRO B 61 11.13 -7.41 16.14
N VAL B 62 11.22 -6.18 16.64
CA VAL B 62 11.22 -5.02 15.76
C VAL B 62 12.42 -4.08 16.00
N LEU B 63 13.33 -3.99 15.03
CA LEU B 63 14.47 -3.06 15.16
C LEU B 63 14.11 -1.76 14.45
N VAL B 64 14.23 -0.63 15.13
CA VAL B 64 13.80 0.59 14.47
C VAL B 64 15.00 1.47 14.11
N HIS B 65 15.18 1.72 12.82
CA HIS B 65 16.37 2.42 12.28
C HIS B 65 15.96 3.45 11.23
N ASN B 66 16.49 4.68 11.36
CA ASN B 66 16.05 5.85 10.58
C ASN B 66 14.57 6.14 10.74
N GLY B 67 13.92 5.56 11.75
CA GLY B 67 12.49 5.75 11.88
C GLY B 67 11.79 4.83 10.91
N LYS B 68 12.48 3.75 10.57
CA LYS B 68 11.87 2.74 9.70
C LYS B 68 11.87 1.38 10.37
N PRO B 69 10.67 0.88 10.72
CA PRO B 69 10.52 -0.39 11.45
C PRO B 69 11.04 -1.54 10.62
N VAL B 70 11.92 -2.35 11.21
CA VAL B 70 12.43 -3.52 10.51
C VAL B 70 11.90 -4.76 11.27
N CYS B 71 11.19 -5.63 10.56
CA CYS B 71 10.40 -6.68 11.21
C CYS B 71 10.80 -8.09 10.79
N GLU B 72 10.30 -9.09 11.55
CA GLU B 72 10.57 -10.52 11.33
C GLU B 72 12.02 -10.87 11.65
N SER B 73 12.22 -11.97 12.37
CA SER B 73 13.52 -12.31 12.97
C SER B 73 14.65 -12.47 11.96
N LEU B 74 14.45 -13.33 10.97
CA LEU B 74 15.50 -13.56 10.00
C LEU B 74 15.62 -12.33 9.13
N ASN B 75 14.49 -11.70 8.81
CA ASN B 75 14.54 -10.44 8.08
C ASN B 75 15.47 -9.51 8.84
N VAL B 76 15.18 -9.30 10.12
CA VAL B 76 16.00 -8.42 10.98
C VAL B 76 17.48 -8.80 11.02
N VAL B 77 17.82 -10.09 11.06
CA VAL B 77 19.25 -10.37 11.15
C VAL B 77 19.99 -10.08 9.83
N GLN B 78 19.35 -10.25 8.68
CA GLN B 78 20.06 -9.86 7.45
C GLN B 78 20.05 -8.38 7.32
N TYR B 79 19.06 -7.76 7.94
CA TYR B 79 19.08 -6.33 8.15
C TYR B 79 20.34 -5.97 8.91
N VAL B 80 20.72 -6.85 9.84
CA VAL B 80 21.90 -6.62 10.64
C VAL B 80 23.14 -6.66 9.73
N ASP B 81 23.25 -7.69 8.88
CA ASP B 81 24.32 -7.75 7.87
C ASP B 81 24.46 -6.49 7.03
N GLU B 82 23.33 -6.10 6.44
CA GLU B 82 23.29 -5.06 5.42
C GLU B 82 23.35 -3.66 6.03
N ALA B 83 23.05 -3.52 7.32
CA ALA B 83 23.10 -2.20 7.96
C ALA B 83 24.53 -1.75 8.37
N TRP B 84 25.43 -2.70 8.63
CA TRP B 84 26.83 -2.39 8.92
C TRP B 84 27.80 -3.33 8.21
N PRO B 85 27.94 -3.17 6.88
CA PRO B 85 28.61 -4.19 6.07
C PRO B 85 30.14 -4.07 5.96
N GLU B 86 30.84 -4.08 7.08
CA GLU B 86 32.27 -3.76 7.03
C GLU B 86 33.14 -4.60 7.93
N LYS B 87 32.54 -5.22 8.94
CA LYS B 87 33.32 -5.87 9.98
C LYS B 87 32.98 -7.36 10.13
N ASN B 88 31.81 -7.67 10.70
CA ASN B 88 31.39 -9.05 10.95
C ASN B 88 30.31 -9.57 9.99
N PRO B 89 30.71 -10.17 8.85
CA PRO B 89 29.70 -10.75 7.95
C PRO B 89 29.22 -12.10 8.45
N PHE B 90 27.94 -12.41 8.30
CA PHE B 90 27.53 -13.73 8.76
C PHE B 90 27.60 -14.76 7.62
N PHE B 91 27.46 -14.32 6.38
CA PHE B 91 27.50 -15.21 5.21
C PHE B 91 28.95 -15.30 4.75
N PRO B 92 29.32 -16.34 3.97
CA PRO B 92 30.59 -16.33 3.24
C PRO B 92 30.44 -15.57 1.91
N SER B 93 31.48 -15.59 1.08
CA SER B 93 31.54 -14.81 -0.15
C SER B 93 30.64 -15.31 -1.27
N ASP B 94 30.46 -16.63 -1.37
CA ASP B 94 29.77 -17.14 -2.56
C ASP B 94 28.26 -17.08 -2.42
N PRO B 95 27.54 -17.02 -3.56
CA PRO B 95 26.08 -17.04 -3.58
C PRO B 95 25.51 -18.39 -3.12
N TYR B 96 26.20 -19.48 -3.48
CA TYR B 96 25.73 -20.83 -3.13
C TYR B 96 25.77 -21.04 -1.62
N GLY B 97 26.86 -20.64 -0.99
CA GLY B 97 26.98 -20.74 0.45
C GLY B 97 25.88 -19.95 1.13
N ARG B 98 25.55 -18.79 0.55
CA ARG B 98 24.45 -17.94 1.04
C ARG B 98 23.13 -18.67 0.99
N ALA B 99 22.92 -19.35 -0.13
CA ALA B 99 21.67 -20.06 -0.38
C ALA B 99 21.54 -21.24 0.56
N GLN B 100 22.66 -21.88 0.89
CA GLN B 100 22.72 -22.98 1.86
C GLN B 100 22.38 -22.55 3.28
N ALA B 101 22.90 -21.39 3.67
CA ALA B 101 22.65 -20.88 5.01
C ALA B 101 21.19 -20.43 5.10
N ARG B 102 20.71 -19.73 4.07
CA ARG B 102 19.29 -19.37 4.01
C ARG B 102 18.44 -20.63 4.03
N PHE B 103 18.86 -21.61 3.24
CA PHE B 103 18.18 -22.91 3.17
C PHE B 103 17.95 -23.47 4.55
N TRP B 104 19.02 -23.47 5.36
CA TRP B 104 18.98 -24.06 6.69
C TRP B 104 18.30 -23.14 7.72
N ALA B 105 18.29 -21.82 7.52
CA ALA B 105 17.49 -20.97 8.42
C ALA B 105 15.99 -21.20 8.19
N ASP B 106 15.63 -21.43 6.94
CA ASP B 106 14.29 -21.84 6.61
C ASP B 106 14.00 -23.19 7.27
N PHE B 107 15.03 -24.04 7.35
CA PHE B 107 14.91 -25.28 8.11
C PHE B 107 14.62 -25.04 9.59
N VAL B 108 15.42 -24.16 10.19
CA VAL B 108 15.26 -23.80 11.59
C VAL B 108 13.83 -23.36 11.86
N ASP B 109 13.23 -22.69 10.89
CA ASP B 109 11.94 -22.03 11.08
C ASP B 109 10.71 -22.92 10.93
N LYS B 110 10.81 -24.09 10.30
CA LYS B 110 9.60 -24.90 10.03
C LYS B 110 9.38 -26.09 11.00
N LYS B 111 9.80 -27.30 10.64
CA LYS B 111 9.34 -28.50 11.36
C LYS B 111 9.99 -28.49 12.72
N PHE B 112 11.12 -27.80 12.80
CA PHE B 112 11.90 -27.64 14.01
C PHE B 112 11.17 -26.84 15.08
N THR B 113 10.76 -25.61 14.74
CA THR B 113 10.02 -24.73 15.66
C THR B 113 8.68 -25.25 16.09
N ASP B 114 7.93 -25.78 15.13
CA ASP B 114 6.62 -26.32 15.47
C ASP B 114 6.76 -27.55 16.36
N ALA B 115 7.79 -28.37 16.12
CA ALA B 115 8.01 -29.57 16.95
C ALA B 115 8.37 -29.29 18.41
N GLN B 116 9.20 -28.27 18.62
CA GLN B 116 9.53 -27.81 19.97
C GLN B 116 8.30 -27.19 20.60
N PHE B 117 7.63 -26.33 19.83
CA PHE B 117 6.31 -25.83 20.18
C PHE B 117 5.40 -26.99 20.63
N LYS B 118 5.56 -28.16 19.99
CA LYS B 118 4.78 -29.33 20.40
C LYS B 118 5.30 -29.95 21.69
N VAL B 119 6.61 -29.96 21.87
CA VAL B 119 7.16 -30.70 23.00
C VAL B 119 6.95 -29.96 24.32
N TRP B 120 6.93 -28.62 24.32
CA TRP B 120 6.73 -27.92 25.60
C TRP B 120 5.32 -27.33 25.70
N GLY B 121 4.60 -27.27 24.58
CA GLY B 121 3.33 -26.58 24.51
C GLY B 121 2.10 -27.48 24.54
N LYS B 122 2.28 -28.75 24.18
CA LYS B 122 1.18 -29.72 24.10
C LYS B 122 1.55 -31.05 24.74
N LYS B 123 0.61 -31.99 24.78
CA LYS B 123 0.85 -33.25 25.51
C LYS B 123 0.15 -34.46 24.90
N GLY B 124 0.58 -35.66 25.29
CA GLY B 124 -0.09 -36.88 24.81
C GLY B 124 0.12 -37.22 23.35
N GLU B 125 -0.97 -37.44 22.62
CA GLU B 125 -0.90 -37.83 21.22
C GLU B 125 -0.17 -36.76 20.43
N GLU B 126 -0.38 -35.50 20.82
CA GLU B 126 0.35 -34.40 20.20
C GLU B 126 1.83 -34.47 20.55
N GLN B 127 2.11 -34.81 21.81
CA GLN B 127 3.47 -34.73 22.33
C GLN B 127 4.48 -35.59 21.60
N GLU B 128 4.18 -36.89 21.48
CA GLU B 128 5.17 -37.83 20.95
C GLU B 128 5.41 -37.60 19.48
N ALA B 129 4.36 -37.24 18.73
CA ALA B 129 4.60 -36.75 17.37
C ALA B 129 5.71 -35.70 17.38
N GLY B 130 5.55 -34.67 18.21
CA GLY B 130 6.53 -33.60 18.28
C GLY B 130 7.90 -34.03 18.80
N LYS B 131 7.90 -35.04 19.66
CA LYS B 131 9.14 -35.49 20.28
C LYS B 131 10.02 -36.22 19.26
N LYS B 132 9.43 -37.07 18.43
CA LYS B 132 10.22 -37.72 17.37
C LYS B 132 10.58 -36.75 16.27
N GLU B 133 9.75 -35.72 16.12
CA GLU B 133 10.00 -34.70 15.12
C GLU B 133 11.22 -33.92 15.55
N PHE B 134 11.31 -33.59 16.83
CA PHE B 134 12.41 -32.75 17.22
C PHE B 134 13.68 -33.58 17.27
N ILE B 135 13.58 -34.87 17.60
CA ILE B 135 14.79 -35.69 17.59
C ILE B 135 15.22 -35.93 16.15
N GLU B 136 14.27 -36.11 15.25
CA GLU B 136 14.59 -36.17 13.84
C GLU B 136 15.26 -34.86 13.43
N ALA B 137 14.70 -33.75 13.91
CA ALA B 137 15.24 -32.43 13.58
C ALA B 137 16.69 -32.32 14.02
N VAL B 138 16.93 -32.49 15.31
CA VAL B 138 18.30 -32.36 15.82
C VAL B 138 19.26 -33.40 15.17
N LYS B 139 18.73 -34.47 14.58
CA LYS B 139 19.57 -35.46 13.90
C LYS B 139 20.03 -35.03 12.48
N ILE B 140 19.10 -34.49 11.66
CA ILE B 140 19.48 -33.96 10.35
C ILE B 140 20.42 -32.80 10.59
N LEU B 141 20.14 -32.12 11.68
CA LEU B 141 20.91 -31.01 12.16
C LEU B 141 22.32 -31.40 12.51
N GLU B 142 22.41 -32.42 13.36
CA GLU B 142 23.70 -32.89 13.80
C GLU B 142 24.51 -33.36 12.59
N SER B 143 23.81 -33.95 11.61
CA SER B 143 24.46 -34.43 10.40
C SER B 143 25.04 -33.27 9.57
N GLU B 144 24.30 -32.19 9.40
CA GLU B 144 24.86 -31.07 8.62
C GLU B 144 25.90 -30.25 9.39
N LEU B 145 25.80 -30.22 10.73
CA LEU B 145 26.87 -29.61 11.54
C LEU B 145 28.17 -30.34 11.22
N GLY B 146 28.07 -31.66 11.08
CA GLY B 146 29.22 -32.45 10.66
C GLY B 146 30.45 -32.21 11.51
N ASP B 147 31.06 -31.03 11.38
CA ASP B 147 32.37 -30.77 11.97
C ASP B 147 32.56 -29.29 12.25
N LYS B 148 31.80 -28.47 11.55
CA LYS B 148 31.97 -27.01 11.55
C LYS B 148 31.74 -26.37 12.94
N PRO B 149 32.59 -25.37 13.33
CA PRO B 149 32.40 -24.68 14.61
C PRO B 149 31.01 -24.10 14.68
N TYR B 150 30.55 -23.72 13.51
CA TYR B 150 29.30 -23.01 13.37
C TYR B 150 28.51 -23.57 12.21
N PHE B 151 28.04 -22.71 11.32
CA PHE B 151 27.06 -23.13 10.34
C PHE B 151 27.10 -22.34 9.03
N GLY B 152 27.13 -21.02 9.14
CA GLY B 152 26.85 -20.18 7.99
C GLY B 152 28.09 -19.65 7.32
N GLY B 153 29.24 -20.11 7.81
CA GLY B 153 30.51 -19.72 7.24
C GLY B 153 31.56 -20.37 8.09
N ASP B 154 32.79 -19.91 7.99
CA ASP B 154 33.88 -20.55 8.74
C ASP B 154 33.88 -20.02 10.17
N SER B 155 33.05 -19.02 10.43
CA SER B 155 32.98 -18.44 11.76
C SER B 155 31.54 -18.31 12.21
N PHE B 156 31.28 -17.43 13.18
CA PHE B 156 29.92 -17.21 13.69
C PHE B 156 29.06 -16.76 12.52
N GLY B 157 27.92 -17.43 12.32
CA GLY B 157 27.22 -17.31 11.05
C GLY B 157 25.83 -16.75 11.17
N TYR B 158 25.12 -16.81 10.06
CA TYR B 158 23.73 -16.37 9.93
C TYR B 158 22.78 -17.21 10.75
N VAL B 159 22.91 -18.50 10.56
CA VAL B 159 21.96 -19.41 11.13
C VAL B 159 22.49 -19.80 12.50
N ASP B 160 23.75 -19.51 12.75
CA ASP B 160 24.25 -19.61 14.12
C ASP B 160 23.36 -18.79 15.01
N ILE B 161 23.13 -17.58 14.57
CA ILE B 161 22.16 -16.71 15.21
C ILE B 161 20.77 -17.34 15.23
N SER B 162 20.37 -17.91 14.10
CA SER B 162 19.02 -18.51 13.95
C SER B 162 18.63 -19.61 14.92
N LEU B 163 19.55 -20.56 15.18
CA LEU B 163 19.19 -21.72 15.99
C LEU B 163 19.88 -21.72 17.36
N ILE B 164 20.81 -20.80 17.61
CA ILE B 164 21.50 -20.84 18.92
C ILE B 164 20.52 -20.51 20.03
N THR B 165 19.60 -19.61 19.71
CA THR B 165 18.72 -19.03 20.70
C THR B 165 17.66 -20.03 21.17
N PHE B 166 17.59 -21.19 20.52
CA PHE B 166 16.67 -22.30 20.90
C PHE B 166 17.25 -23.14 22.03
N SER B 167 18.52 -22.97 22.27
CA SER B 167 19.19 -23.78 23.28
C SER B 167 19.06 -23.28 24.71
N SER B 168 18.24 -22.27 24.99
CA SER B 168 17.93 -22.00 26.40
C SER B 168 16.59 -22.65 26.73
N TRP B 169 15.85 -22.97 25.69
CA TRP B 169 14.62 -23.78 25.84
C TRP B 169 14.91 -25.27 25.85
N PHE B 170 16.17 -25.61 25.61
CA PHE B 170 16.53 -27.01 25.59
C PHE B 170 16.22 -27.62 26.93
N GLN B 171 16.36 -26.84 28.00
CA GLN B 171 16.01 -27.29 29.35
C GLN B 171 14.54 -27.59 29.49
N ALA B 172 13.69 -26.70 28.99
CA ALA B 172 12.24 -26.91 28.95
C ALA B 172 11.89 -28.21 28.23
N TYR B 173 12.58 -28.45 27.13
CA TYR B 173 12.29 -29.60 26.28
C TYR B 173 12.74 -30.86 26.99
N GLU B 174 13.86 -30.75 27.70
CA GLU B 174 14.41 -31.89 28.41
C GLU B 174 13.43 -32.32 29.50
N LYS B 175 12.76 -31.36 30.11
CA LYS B 175 11.94 -31.68 31.27
C LYS B 175 10.48 -32.07 30.95
N PHE B 176 9.78 -31.29 30.14
CA PHE B 176 8.39 -31.64 29.86
C PHE B 176 8.40 -32.88 28.99
N GLY B 177 9.25 -32.91 27.98
CA GLY B 177 9.41 -34.12 27.19
C GLY B 177 9.91 -35.26 28.07
N ASN B 178 10.37 -34.93 29.27
CA ASN B 178 11.12 -35.83 30.16
C ASN B 178 12.17 -36.63 29.40
N PHE B 179 12.81 -35.94 28.47
CA PHE B 179 13.79 -36.53 27.59
C PHE B 179 15.19 -36.19 28.02
N SER B 180 16.03 -36.22 27.00
CA SER B 180 17.38 -35.72 27.07
C SER B 180 17.91 -35.76 25.65
N ILE B 181 17.82 -34.62 24.98
CA ILE B 181 18.09 -34.56 23.54
C ILE B 181 19.57 -34.71 23.18
N GLU B 182 20.33 -35.26 24.12
CA GLU B 182 21.77 -35.20 24.06
C GLU B 182 22.45 -36.57 23.86
N SER B 183 21.88 -37.64 24.39
CA SER B 183 22.44 -38.97 24.13
C SER B 183 22.03 -39.43 22.74
N GLU B 184 21.00 -38.78 22.19
CA GLU B 184 20.58 -39.09 20.84
C GLU B 184 21.30 -38.18 19.83
N SER B 185 21.61 -36.94 20.24
CA SER B 185 22.35 -36.01 19.40
C SER B 185 23.05 -34.92 20.18
N PRO B 186 24.26 -35.23 20.63
CA PRO B 186 25.04 -34.46 21.59
C PRO B 186 25.79 -33.30 21.00
N LYS B 187 26.41 -33.49 19.84
CA LYS B 187 27.22 -32.47 19.23
C LYS B 187 26.43 -31.16 19.02
N LEU B 188 25.10 -31.26 19.02
CA LEU B 188 24.27 -30.08 18.78
C LEU B 188 24.28 -29.18 20.01
N ILE B 189 23.83 -29.72 21.14
CA ILE B 189 23.78 -28.95 22.40
C ILE B 189 25.19 -28.57 22.70
N ALA B 190 26.06 -29.47 22.29
CA ALA B 190 27.46 -29.35 22.42
C ALA B 190 27.95 -28.09 21.68
N TRP B 191 27.47 -27.96 20.46
CA TRP B 191 27.70 -26.77 19.68
C TRP B 191 27.07 -25.51 20.30
N ALA B 192 26.01 -25.71 21.07
CA ALA B 192 25.22 -24.60 21.60
C ALA B 192 25.95 -23.88 22.71
N LYS B 193 26.49 -24.64 23.64
CA LYS B 193 27.19 -24.02 24.75
C LYS B 193 28.54 -23.64 24.29
N ARG B 194 28.89 -24.10 23.09
CA ARG B 194 29.99 -23.49 22.38
C ARG B 194 29.62 -22.08 21.98
N CYS B 195 28.48 -21.94 21.32
CA CYS B 195 28.09 -20.63 20.81
C CYS B 195 27.68 -19.67 21.89
N MET B 196 27.54 -20.18 23.13
CA MET B 196 27.25 -19.30 24.26
C MET B 196 28.39 -18.35 24.62
N GLU B 197 29.62 -18.68 24.20
CA GLU B 197 30.77 -17.83 24.57
C GLU B 197 30.80 -16.54 23.80
N LYS B 198 29.90 -16.42 22.82
CA LYS B 198 29.83 -15.18 22.10
C LYS B 198 29.03 -14.19 22.91
N GLU B 199 29.53 -12.94 22.96
CA GLU B 199 28.99 -11.93 23.85
C GLU B 199 27.62 -11.51 23.37
N SER B 200 27.32 -11.91 22.14
CA SER B 200 26.06 -11.62 21.46
C SER B 200 24.91 -12.40 22.05
N VAL B 201 25.19 -13.63 22.48
CA VAL B 201 24.14 -14.47 23.04
C VAL B 201 24.29 -14.59 24.56
N SER B 202 25.50 -14.31 25.07
CA SER B 202 25.76 -14.42 26.50
C SER B 202 25.25 -13.21 27.29
N LYS B 203 24.59 -12.28 26.62
CA LYS B 203 24.01 -11.14 27.30
C LYS B 203 22.63 -10.82 26.74
N SER B 204 22.27 -11.48 25.64
CA SER B 204 20.98 -11.24 24.97
C SER B 204 19.88 -12.18 25.45
N LEU B 205 20.30 -13.32 26.00
CA LEU B 205 19.40 -14.42 26.33
C LEU B 205 19.22 -14.55 27.84
N PRO B 206 17.98 -14.46 28.32
CA PRO B 206 17.63 -14.67 29.73
C PRO B 206 17.75 -16.11 30.20
N ASP B 207 17.63 -16.28 31.51
CA ASP B 207 17.87 -17.59 32.11
C ASP B 207 16.82 -18.63 31.75
N SER B 208 17.30 -19.87 31.65
CA SER B 208 16.46 -21.02 31.28
C SER B 208 15.52 -21.52 32.37
N GLU B 209 15.80 -21.23 33.62
CA GLU B 209 14.93 -21.74 34.66
C GLU B 209 13.63 -20.94 34.57
N LYS B 210 13.78 -19.68 34.18
CA LYS B 210 12.64 -18.80 33.99
C LYS B 210 11.91 -19.16 32.69
N ILE B 211 12.67 -19.48 31.66
CA ILE B 211 12.09 -19.91 30.40
C ILE B 211 11.32 -21.23 30.53
N VAL B 212 11.92 -22.13 31.30
CA VAL B 212 11.28 -23.38 31.69
C VAL B 212 9.98 -23.09 32.46
N ALA B 213 10.02 -22.09 33.35
CA ALA B 213 8.85 -21.69 34.15
C ALA B 213 7.76 -21.05 33.30
N TYR B 214 8.14 -20.35 32.25
CA TYR B 214 7.15 -19.74 31.37
C TYR B 214 6.47 -20.83 30.56
N ALA B 215 7.24 -21.86 30.22
CA ALA B 215 6.67 -23.00 29.54
C ALA B 215 5.74 -23.69 30.53
N ALA B 216 6.04 -23.53 31.81
CA ALA B 216 5.28 -24.17 32.85
C ALA B 216 4.02 -23.35 33.16
N GLU B 217 4.15 -22.04 33.00
CA GLU B 217 2.98 -21.17 33.17
C GLU B 217 2.07 -21.42 31.99
N TYR B 218 2.65 -21.54 30.80
CA TYR B 218 1.84 -21.86 29.60
C TYR B 218 1.08 -23.15 29.76
N ARG B 219 1.79 -24.16 30.23
CA ARG B 219 1.18 -25.46 30.44
C ARG B 219 0.12 -25.47 31.51
N LYS B 220 0.40 -24.82 32.63
CA LYS B 220 -0.54 -24.85 33.74
C LYS B 220 -1.82 -24.14 33.34
N ASN B 221 -1.71 -23.19 32.41
CA ASN B 221 -2.88 -22.47 31.92
C ASN B 221 -3.81 -23.33 31.06
N ASN B 222 -3.23 -24.22 30.24
CA ASN B 222 -4.01 -24.88 29.18
C ASN B 222 -3.97 -26.40 29.27
N LEU B 223 -4.60 -26.95 30.30
CA LEU B 223 -4.60 -28.41 30.46
C LEU B 223 -5.99 -28.98 30.23
N LEU C 10 24.07 -27.21 -19.21
CA LEU C 10 22.80 -26.49 -19.07
C LEU C 10 22.23 -26.64 -17.66
N PRO C 11 21.57 -25.58 -17.15
CA PRO C 11 20.89 -25.65 -15.85
C PRO C 11 19.80 -26.71 -15.87
N ILE C 12 19.63 -27.43 -14.77
CA ILE C 12 18.63 -28.51 -14.68
C ILE C 12 17.46 -28.13 -13.79
N LEU C 13 16.28 -28.01 -14.37
CA LEU C 13 15.10 -27.71 -13.58
C LEU C 13 14.29 -28.97 -13.37
N LEU C 14 14.20 -29.44 -12.12
CA LEU C 14 13.27 -30.50 -11.76
C LEU C 14 11.96 -29.87 -11.31
N ASP C 15 10.90 -29.98 -12.11
CA ASP C 15 9.70 -29.18 -11.86
C ASP C 15 8.35 -29.91 -12.02
N TYR C 16 7.27 -29.18 -11.71
CA TYR C 16 5.89 -29.64 -11.95
C TYR C 16 5.15 -28.52 -12.68
N TRP C 17 4.58 -28.83 -13.83
CA TRP C 17 4.03 -27.79 -14.69
C TRP C 17 2.83 -27.02 -14.06
N PRO C 18 1.99 -27.68 -13.24
CA PRO C 18 0.89 -26.88 -12.68
C PRO C 18 1.34 -25.93 -11.55
N SER C 19 2.48 -26.21 -10.92
CA SER C 19 2.90 -25.44 -9.74
C SER C 19 3.27 -23.98 -10.04
N MET C 20 2.65 -23.06 -9.31
CA MET C 20 2.99 -21.64 -9.33
C MET C 20 4.45 -21.43 -9.05
N PHE C 21 4.96 -22.21 -8.11
CA PHE C 21 6.32 -22.05 -7.66
C PHE C 21 7.28 -22.62 -8.72
N GLY C 22 6.83 -23.55 -9.55
CA GLY C 22 7.65 -23.92 -10.68
C GLY C 22 7.86 -22.69 -11.56
N MET C 23 6.79 -21.93 -11.70
CA MET C 23 6.75 -20.82 -12.64
C MET C 23 7.68 -19.67 -12.23
N ARG C 24 7.85 -19.46 -10.93
CA ARG C 24 8.77 -18.41 -10.48
C ARG C 24 10.20 -18.77 -10.83
N ALA C 25 10.53 -20.07 -10.80
CA ALA C 25 11.85 -20.49 -11.21
C ALA C 25 11.97 -20.16 -12.70
N ARG C 26 10.91 -20.47 -13.44
CA ARG C 26 10.85 -20.16 -14.86
C ARG C 26 10.91 -18.63 -15.10
N VAL C 27 10.15 -17.84 -14.35
CA VAL C 27 10.09 -16.42 -14.63
C VAL C 27 11.45 -15.79 -14.36
N ALA C 28 12.04 -16.12 -13.22
CA ALA C 28 13.36 -15.59 -12.85
C ALA C 28 14.43 -16.04 -13.86
N LEU C 29 14.34 -17.30 -14.31
CA LEU C 29 15.40 -17.83 -15.18
C LEU C 29 15.26 -17.22 -16.56
N ARG C 30 14.02 -17.05 -17.00
CA ARG C 30 13.72 -16.56 -18.33
C ARG C 30 13.89 -15.06 -18.39
N GLU C 31 13.60 -14.39 -17.28
CA GLU C 31 13.74 -12.93 -17.24
C GLU C 31 15.19 -12.54 -17.50
N LYS C 32 16.10 -13.43 -17.06
CA LYS C 32 17.55 -13.19 -17.14
C LYS C 32 18.11 -13.28 -18.54
N GLY C 33 17.79 -14.37 -19.24
CA GLY C 33 18.39 -14.66 -20.52
C GLY C 33 19.12 -16.00 -20.51
N VAL C 34 19.18 -16.61 -19.33
CA VAL C 34 19.86 -17.89 -19.19
C VAL C 34 19.09 -19.01 -19.88
N GLU C 35 19.81 -19.91 -20.55
CA GLU C 35 19.16 -21.05 -21.23
C GLU C 35 19.17 -22.29 -20.36
N PHE C 36 18.03 -22.92 -20.13
CA PHE C 36 17.97 -24.06 -19.22
C PHE C 36 17.16 -25.25 -19.74
N GLU C 37 17.37 -26.39 -19.12
CA GLU C 37 16.64 -27.61 -19.47
C GLU C 37 15.60 -27.90 -18.40
N TYR C 38 14.35 -27.95 -18.82
CA TYR C 38 13.20 -28.22 -17.96
C TYR C 38 12.90 -29.73 -17.87
N ARG C 39 12.81 -30.26 -16.66
CA ARG C 39 12.45 -31.67 -16.45
C ARG C 39 11.14 -31.83 -15.68
N GLU C 40 10.16 -32.45 -16.34
CA GLU C 40 8.84 -32.66 -15.78
C GLU C 40 8.86 -33.83 -14.81
N GLU C 41 8.52 -33.56 -13.55
CA GLU C 41 8.65 -34.57 -12.51
C GLU C 41 7.36 -35.30 -12.19
N ASP C 42 7.48 -36.61 -12.02
CA ASP C 42 6.37 -37.47 -11.63
C ASP C 42 6.50 -37.82 -10.15
N PHE C 43 5.59 -37.34 -9.33
CA PHE C 43 5.59 -37.63 -7.91
C PHE C 43 5.38 -39.10 -7.60
N SER C 44 4.77 -39.81 -8.52
CA SER C 44 4.67 -41.22 -8.30
C SER C 44 6.04 -41.86 -8.63
N ASN C 45 6.74 -41.39 -9.65
CA ASN C 45 8.05 -41.97 -9.97
C ASN C 45 9.19 -40.97 -10.13
N LYS C 46 9.70 -40.49 -9.00
CA LYS C 46 10.63 -39.37 -8.97
C LYS C 46 11.96 -39.72 -9.61
N SER C 47 12.55 -38.76 -10.32
CA SER C 47 13.81 -38.97 -11.02
C SER C 47 14.92 -39.28 -10.02
N PRO C 48 15.96 -40.02 -10.45
CA PRO C 48 17.09 -40.34 -9.58
C PRO C 48 17.71 -39.05 -9.10
N LEU C 49 17.87 -38.11 -10.04
CA LEU C 49 18.46 -36.82 -9.76
C LEU C 49 17.67 -36.07 -8.69
N LEU C 50 16.35 -36.22 -8.70
CA LEU C 50 15.47 -35.53 -7.76
C LEU C 50 15.59 -36.01 -6.30
N LEU C 51 15.82 -37.30 -6.10
CA LEU C 51 15.97 -37.81 -4.75
C LEU C 51 17.28 -37.29 -4.19
N GLN C 52 18.33 -37.38 -4.98
CA GLN C 52 19.65 -36.89 -4.62
C GLN C 52 19.64 -35.36 -4.48
N SER C 53 18.95 -34.68 -5.40
CA SER C 53 18.87 -33.22 -5.30
C SER C 53 17.99 -32.75 -4.15
N ASN C 54 16.89 -33.47 -3.91
CA ASN C 54 15.97 -33.06 -2.86
C ASN C 54 15.62 -34.19 -1.92
N PRO C 55 16.59 -34.64 -1.12
CA PRO C 55 16.41 -35.78 -0.22
C PRO C 55 15.42 -35.49 0.89
N ILE C 56 15.40 -34.26 1.40
CA ILE C 56 14.68 -34.00 2.65
C ILE C 56 13.19 -33.79 2.43
N HIS C 57 12.82 -32.99 1.43
CA HIS C 57 11.41 -32.69 1.20
C HIS C 57 10.85 -33.08 -0.18
N LYS C 58 11.72 -33.30 -1.16
CA LYS C 58 11.31 -33.72 -2.52
C LYS C 58 10.27 -32.78 -3.14
N LYS C 59 10.45 -31.48 -2.98
CA LYS C 59 9.48 -30.53 -3.51
C LYS C 59 10.04 -29.70 -4.66
N ILE C 60 9.23 -29.52 -5.70
CA ILE C 60 9.71 -28.87 -6.90
C ILE C 60 9.56 -27.36 -6.79
N PRO C 61 10.31 -26.61 -7.59
CA PRO C 61 11.46 -27.03 -8.40
C PRO C 61 12.81 -26.94 -7.73
N VAL C 62 13.71 -27.78 -8.22
CA VAL C 62 15.09 -27.83 -7.76
C VAL C 62 15.96 -27.58 -8.98
N LEU C 63 16.84 -26.58 -8.90
CA LEU C 63 17.78 -26.28 -10.00
C LEU C 63 19.19 -26.78 -9.73
N VAL C 64 19.67 -27.66 -10.59
CA VAL C 64 21.04 -28.18 -10.48
C VAL C 64 22.00 -27.29 -11.25
N HIS C 65 22.94 -26.66 -10.57
CA HIS C 65 23.88 -25.80 -11.31
C HIS C 65 25.32 -26.12 -10.92
N ASN C 66 26.12 -26.45 -11.93
CA ASN C 66 27.53 -26.81 -11.74
C ASN C 66 27.63 -27.93 -10.72
N GLY C 67 26.60 -28.78 -10.70
CA GLY C 67 26.53 -29.90 -9.77
C GLY C 67 26.28 -29.57 -8.31
N LYS C 68 25.77 -28.37 -8.07
CA LYS C 68 25.25 -28.05 -6.75
C LYS C 68 23.75 -27.79 -6.83
N PRO C 69 22.98 -28.41 -5.92
CA PRO C 69 21.52 -28.28 -5.91
C PRO C 69 21.02 -27.05 -5.15
N VAL C 70 19.99 -26.40 -5.69
CA VAL C 70 19.30 -25.31 -5.00
C VAL C 70 17.80 -25.63 -4.92
N CYS C 71 17.23 -25.56 -3.72
CA CYS C 71 15.82 -25.94 -3.58
C CYS C 71 14.96 -24.86 -2.91
N GLU C 72 13.64 -25.06 -3.02
CA GLU C 72 12.60 -24.13 -2.55
C GLU C 72 12.41 -22.92 -3.44
N SER C 73 11.32 -22.20 -3.15
CA SER C 73 10.76 -21.25 -4.08
C SER C 73 11.45 -19.90 -4.17
N LEU C 74 11.34 -19.10 -3.13
CA LEU C 74 12.02 -17.82 -3.16
C LEU C 74 13.53 -18.04 -3.24
N ASN C 75 14.06 -19.04 -2.54
CA ASN C 75 15.50 -19.32 -2.54
C ASN C 75 16.05 -19.55 -3.95
N VAL C 76 15.34 -20.27 -4.80
CA VAL C 76 15.85 -20.51 -6.15
C VAL C 76 15.90 -19.19 -6.92
N VAL C 77 14.92 -18.32 -6.67
CA VAL C 77 14.82 -17.04 -7.36
C VAL C 77 15.97 -16.15 -6.94
N GLN C 78 16.23 -16.13 -5.63
CA GLN C 78 17.31 -15.35 -5.04
C GLN C 78 18.68 -15.83 -5.51
N TYR C 79 18.82 -17.15 -5.60
CA TYR C 79 20.02 -17.76 -6.17
C TYR C 79 20.19 -17.33 -7.62
N VAL C 80 19.08 -17.27 -8.36
CA VAL C 80 19.14 -16.95 -9.78
C VAL C 80 19.59 -15.49 -9.94
N ASP C 81 18.98 -14.61 -9.15
CA ASP C 81 19.36 -13.21 -9.15
C ASP C 81 20.81 -13.02 -8.72
N GLU C 82 21.22 -13.75 -7.70
CA GLU C 82 22.59 -13.68 -7.18
C GLU C 82 23.61 -14.38 -8.07
N ALA C 83 23.19 -15.45 -8.75
CA ALA C 83 24.10 -16.17 -9.59
C ALA C 83 24.42 -15.38 -10.85
N TRP C 84 23.45 -14.62 -11.35
CA TRP C 84 23.69 -13.82 -12.56
C TRP C 84 23.42 -12.33 -12.31
N PRO C 85 24.30 -11.67 -11.54
CA PRO C 85 24.07 -10.27 -11.16
C PRO C 85 24.42 -9.24 -12.25
N GLU C 86 24.77 -9.71 -13.43
CA GLU C 86 25.32 -8.83 -14.44
C GLU C 86 24.30 -8.07 -15.31
N LYS C 87 23.05 -8.53 -15.37
CA LYS C 87 22.07 -7.92 -16.30
C LYS C 87 20.93 -7.20 -15.60
N ASN C 88 19.80 -7.88 -15.45
CA ASN C 88 18.61 -7.28 -14.85
C ASN C 88 18.39 -7.73 -13.42
N PRO C 89 18.63 -6.82 -12.45
CA PRO C 89 18.51 -7.04 -11.01
C PRO C 89 17.08 -6.95 -10.48
N PHE C 90 16.70 -7.96 -9.70
CA PHE C 90 15.35 -8.06 -9.16
C PHE C 90 15.11 -7.19 -7.93
N PHE C 91 16.13 -7.09 -7.06
CA PHE C 91 16.07 -6.33 -5.80
C PHE C 91 16.54 -4.90 -5.96
N PRO C 92 16.16 -4.02 -5.01
CA PRO C 92 16.76 -2.69 -4.89
C PRO C 92 18.17 -2.69 -4.26
N SER C 93 18.97 -1.67 -4.56
CA SER C 93 20.34 -1.57 -4.04
C SER C 93 20.33 -1.40 -2.53
N ASP C 94 19.33 -0.71 -2.02
CA ASP C 94 19.24 -0.48 -0.58
C ASP C 94 18.80 -1.72 0.18
N PRO C 95 19.46 -2.00 1.32
CA PRO C 95 19.05 -3.06 2.25
C PRO C 95 17.57 -3.02 2.59
N TYR C 96 17.10 -1.84 2.95
CA TYR C 96 15.74 -1.67 3.43
C TYR C 96 14.71 -1.96 2.34
N GLY C 97 14.97 -1.52 1.11
CA GLY C 97 14.04 -1.81 0.02
C GLY C 97 13.96 -3.31 -0.21
N ARG C 98 15.12 -3.97 -0.15
CA ARG C 98 15.20 -5.43 -0.23
C ARG C 98 14.36 -6.07 0.87
N ALA C 99 14.45 -5.43 2.02
CA ALA C 99 13.76 -5.82 3.25
C ALA C 99 12.26 -5.92 3.03
N GLN C 100 11.72 -4.87 2.45
CA GLN C 100 10.33 -4.78 2.05
C GLN C 100 9.97 -5.92 1.10
N ALA C 101 10.80 -6.13 0.08
CA ALA C 101 10.57 -7.18 -0.92
C ALA C 101 10.47 -8.57 -0.30
N ARG C 102 11.44 -8.93 0.53
CA ARG C 102 11.44 -10.23 1.19
C ARG C 102 10.21 -10.40 2.07
N PHE C 103 9.88 -9.34 2.79
CA PHE C 103 8.68 -9.31 3.62
C PHE C 103 7.44 -9.59 2.76
N TRP C 104 7.36 -8.93 1.61
CA TRP C 104 6.17 -9.06 0.75
C TRP C 104 6.16 -10.42 0.03
N ALA C 105 7.34 -10.91 -0.34
CA ALA C 105 7.45 -12.23 -0.99
C ALA C 105 6.98 -13.35 -0.05
N ASP C 106 7.50 -13.36 1.18
CA ASP C 106 7.05 -14.32 2.16
C ASP C 106 5.57 -14.09 2.45
N PHE C 107 5.18 -12.82 2.41
CA PHE C 107 3.78 -12.46 2.60
C PHE C 107 2.88 -13.16 1.58
N VAL C 108 3.25 -13.13 0.31
CA VAL C 108 2.50 -13.82 -0.70
C VAL C 108 2.52 -15.33 -0.46
N ASP C 109 3.66 -15.86 0.00
CA ASP C 109 3.82 -17.31 0.15
C ASP C 109 3.05 -17.95 1.30
N LYS C 110 2.74 -17.19 2.34
CA LYS C 110 2.09 -17.77 3.51
C LYS C 110 0.60 -17.41 3.55
N LYS C 111 0.28 -16.25 4.12
CA LYS C 111 -1.11 -15.80 4.23
C LYS C 111 -1.88 -15.73 2.90
N PHE C 112 -1.34 -15.04 1.90
CA PHE C 112 -2.01 -15.02 0.61
C PHE C 112 -2.15 -16.45 0.09
N THR C 113 -1.07 -17.23 0.21
CA THR C 113 -1.07 -18.61 -0.29
C THR C 113 -1.95 -19.55 0.54
N ASP C 114 -2.04 -19.34 1.85
CA ASP C 114 -2.86 -20.22 2.69
C ASP C 114 -4.32 -20.04 2.35
N ALA C 115 -4.73 -18.77 2.26
CA ALA C 115 -6.07 -18.42 1.84
C ALA C 115 -6.31 -18.91 0.42
N GLN C 116 -5.27 -18.76 -0.39
CA GLN C 116 -5.15 -19.31 -1.74
C GLN C 116 -5.48 -20.82 -1.79
N PHE C 117 -4.82 -21.64 -0.97
CA PHE C 117 -5.17 -23.07 -0.93
C PHE C 117 -6.63 -23.26 -0.49
N LYS C 118 -7.11 -22.36 0.34
CA LYS C 118 -8.49 -22.45 0.76
C LYS C 118 -9.39 -22.15 -0.44
N VAL C 119 -8.93 -21.34 -1.38
CA VAL C 119 -9.73 -21.01 -2.58
C VAL C 119 -9.99 -22.17 -3.52
N TRP C 120 -8.93 -22.74 -4.08
CA TRP C 120 -9.08 -23.82 -5.04
C TRP C 120 -9.18 -25.21 -4.42
N GLY C 121 -8.84 -25.36 -3.13
CA GLY C 121 -8.66 -26.67 -2.53
C GLY C 121 -9.64 -27.09 -1.45
N LYS C 122 -10.70 -26.30 -1.26
CA LYS C 122 -11.65 -26.61 -0.20
C LYS C 122 -13.12 -26.29 -0.53
N LYS C 123 -14.00 -26.77 0.33
CA LYS C 123 -15.44 -26.62 0.18
C LYS C 123 -16.09 -26.20 1.50
N GLY C 124 -17.20 -25.48 1.41
CA GLY C 124 -17.98 -25.14 2.58
C GLY C 124 -17.52 -23.88 3.27
N GLU C 125 -17.68 -23.83 4.59
CA GLU C 125 -17.39 -22.61 5.36
C GLU C 125 -15.93 -22.18 5.32
N GLU C 126 -15.03 -23.15 5.21
CA GLU C 126 -13.61 -22.83 5.06
C GLU C 126 -13.38 -22.16 3.71
N GLN C 127 -14.07 -22.64 2.69
CA GLN C 127 -14.06 -21.96 1.39
C GLN C 127 -14.51 -20.52 1.60
N GLU C 128 -15.62 -20.32 2.30
CA GLU C 128 -16.11 -18.97 2.63
C GLU C 128 -15.09 -18.13 3.37
N ALA C 129 -14.43 -18.75 4.35
CA ALA C 129 -13.34 -18.11 5.07
C ALA C 129 -12.22 -17.70 4.14
N GLY C 130 -11.70 -18.68 3.38
CA GLY C 130 -10.64 -18.43 2.41
C GLY C 130 -10.96 -17.28 1.49
N LYS C 131 -12.22 -17.22 1.06
CA LYS C 131 -12.68 -16.16 0.19
C LYS C 131 -12.62 -14.79 0.88
N LYS C 132 -13.03 -14.74 2.14
CA LYS C 132 -12.89 -13.50 2.91
C LYS C 132 -11.42 -13.10 2.93
N GLU C 133 -10.57 -14.06 3.30
CA GLU C 133 -9.14 -13.83 3.45
C GLU C 133 -8.46 -13.43 2.15
N PHE C 134 -8.79 -14.08 1.03
CA PHE C 134 -8.00 -13.77 -0.17
C PHE C 134 -8.33 -12.40 -0.74
N ILE C 135 -9.61 -12.01 -0.74
CA ILE C 135 -9.99 -10.68 -1.24
C ILE C 135 -9.38 -9.57 -0.38
N GLU C 136 -9.31 -9.81 0.92
CA GLU C 136 -8.75 -8.82 1.83
C GLU C 136 -7.26 -8.64 1.61
N ALA C 137 -6.51 -9.74 1.57
CA ALA C 137 -5.06 -9.66 1.31
C ALA C 137 -4.80 -9.19 -0.11
N VAL C 138 -5.80 -9.38 -0.97
CA VAL C 138 -5.76 -8.86 -2.33
C VAL C 138 -5.86 -7.34 -2.22
N LYS C 139 -6.75 -6.89 -1.34
CA LYS C 139 -6.90 -5.48 -1.07
C LYS C 139 -5.64 -4.88 -0.46
N ILE C 140 -4.93 -5.63 0.38
CA ILE C 140 -3.75 -5.05 1.01
C ILE C 140 -2.58 -5.09 0.01
N LEU C 141 -2.59 -6.08 -0.89
CA LEU C 141 -1.59 -6.11 -1.96
C LEU C 141 -1.80 -4.87 -2.80
N GLU C 142 -3.07 -4.58 -3.05
CA GLU C 142 -3.50 -3.35 -3.67
C GLU C 142 -3.06 -2.14 -2.85
N SER C 143 -3.19 -2.23 -1.52
CA SER C 143 -2.76 -1.13 -0.64
C SER C 143 -1.29 -0.77 -0.81
N GLU C 144 -0.41 -1.77 -0.81
CA GLU C 144 1.03 -1.54 -0.95
C GLU C 144 1.38 -0.98 -2.31
N LEU C 145 0.48 -1.17 -3.25
CA LEU C 145 0.81 -0.82 -4.63
C LEU C 145 0.37 0.61 -5.01
N GLY C 146 -0.79 0.82 -5.63
CA GLY C 146 -1.19 2.18 -6.01
C GLY C 146 -1.54 2.40 -7.49
N ASP C 147 -0.67 3.07 -8.26
CA ASP C 147 -0.77 3.01 -9.76
C ASP C 147 0.56 2.78 -10.66
N LYS C 148 1.19 1.59 -10.55
CA LYS C 148 2.52 1.07 -11.07
C LYS C 148 2.48 -0.29 -11.65
N PRO C 149 3.40 -0.53 -12.61
CA PRO C 149 3.74 -1.79 -13.26
C PRO C 149 4.24 -2.91 -12.35
N TYR C 150 5.23 -2.73 -11.47
CA TYR C 150 5.86 -3.88 -10.82
C TYR C 150 5.92 -3.93 -9.27
N PHE C 151 6.97 -4.55 -8.75
CA PHE C 151 7.07 -4.83 -7.30
C PHE C 151 8.51 -4.72 -6.78
N GLY C 152 9.37 -5.61 -7.26
CA GLY C 152 10.73 -5.71 -6.74
C GLY C 152 11.70 -4.59 -7.10
N GLY C 153 11.52 -3.97 -8.25
CA GLY C 153 12.45 -2.95 -8.72
C GLY C 153 11.71 -2.07 -9.70
N ASP C 154 12.38 -1.11 -10.32
CA ASP C 154 11.70 -0.21 -11.25
C ASP C 154 11.17 -0.92 -12.48
N SER C 155 11.73 -2.10 -12.76
CA SER C 155 11.18 -3.06 -13.72
C SER C 155 10.68 -4.31 -13.03
N PHE C 156 10.69 -5.42 -13.76
CA PHE C 156 10.17 -6.66 -13.21
C PHE C 156 11.03 -7.03 -12.02
N GLY C 157 10.37 -7.35 -10.91
CA GLY C 157 11.07 -7.55 -9.67
C GLY C 157 10.81 -8.85 -8.93
N TYR C 158 11.48 -8.96 -7.80
CA TYR C 158 11.51 -10.14 -6.95
C TYR C 158 10.15 -10.55 -6.41
N VAL C 159 9.38 -9.60 -5.86
CA VAL C 159 8.00 -9.87 -5.41
C VAL C 159 7.03 -10.12 -6.58
N ASP C 160 7.22 -9.40 -7.68
CA ASP C 160 6.48 -9.71 -8.92
C ASP C 160 6.66 -11.18 -9.26
N ILE C 161 7.90 -11.62 -9.19
CA ILE C 161 8.28 -13.01 -9.44
C ILE C 161 7.48 -13.98 -8.56
N SER C 162 7.46 -13.71 -7.26
CA SER C 162 6.79 -14.61 -6.32
C SER C 162 5.28 -14.64 -6.53
N LEU C 163 4.69 -13.49 -6.83
CA LEU C 163 3.22 -13.36 -6.93
C LEU C 163 2.63 -13.53 -8.34
N ILE C 164 3.38 -13.17 -9.38
CA ILE C 164 2.88 -13.25 -10.75
C ILE C 164 2.46 -14.68 -11.14
N THR C 165 3.05 -15.66 -10.50
CA THR C 165 2.81 -17.05 -10.87
C THR C 165 1.40 -17.46 -10.48
N PHE C 166 0.86 -16.80 -9.46
CA PHE C 166 -0.50 -17.07 -9.03
C PHE C 166 -1.50 -16.57 -10.07
N SER C 167 -1.04 -15.70 -10.96
CA SER C 167 -1.92 -15.15 -12.00
C SER C 167 -2.42 -16.22 -12.95
N SER C 168 -1.68 -17.32 -13.05
CA SER C 168 -2.13 -18.40 -13.91
C SER C 168 -3.30 -19.05 -13.20
N TRP C 169 -3.21 -19.07 -11.87
CA TRP C 169 -4.23 -19.61 -10.98
C TRP C 169 -5.35 -18.63 -10.68
N PHE C 170 -5.25 -17.40 -11.16
CA PHE C 170 -6.34 -16.43 -10.96
C PHE C 170 -7.64 -16.89 -11.61
N GLN C 171 -7.53 -17.56 -12.76
CA GLN C 171 -8.73 -18.02 -13.43
C GLN C 171 -9.45 -19.07 -12.58
N ALA C 172 -8.69 -19.81 -11.78
CA ALA C 172 -9.26 -20.84 -10.92
C ALA C 172 -9.90 -20.22 -9.69
N TYR C 173 -9.37 -19.06 -9.29
CA TYR C 173 -9.87 -18.45 -8.07
C TYR C 173 -11.12 -17.66 -8.33
N GLU C 174 -11.15 -16.93 -9.42
CA GLU C 174 -12.42 -16.41 -9.90
C GLU C 174 -13.40 -17.56 -10.10
N LYS C 175 -12.90 -18.69 -10.59
CA LYS C 175 -13.73 -19.85 -10.89
C LYS C 175 -14.33 -20.47 -9.65
N PHE C 176 -13.47 -20.93 -8.73
CA PHE C 176 -13.90 -21.68 -7.58
C PHE C 176 -14.33 -20.70 -6.49
N GLY C 177 -13.71 -19.52 -6.51
CA GLY C 177 -14.00 -18.52 -5.50
C GLY C 177 -15.36 -17.86 -5.68
N ASN C 178 -15.87 -17.87 -6.91
CA ASN C 178 -17.09 -17.16 -7.27
C ASN C 178 -17.01 -15.69 -6.85
N PHE C 179 -15.89 -15.07 -7.19
CA PHE C 179 -15.64 -13.71 -6.77
C PHE C 179 -15.06 -12.90 -7.90
N SER C 180 -15.16 -11.58 -7.81
CA SER C 180 -14.67 -10.73 -8.90
C SER C 180 -13.38 -10.08 -8.47
N ILE C 181 -12.26 -10.71 -8.78
CA ILE C 181 -11.00 -10.08 -8.45
C ILE C 181 -10.79 -8.87 -9.33
N GLU C 182 -11.38 -8.89 -10.52
CA GLU C 182 -11.26 -7.78 -11.46
C GLU C 182 -12.07 -6.60 -10.93
N SER C 183 -13.30 -6.86 -10.51
CA SER C 183 -14.17 -5.78 -10.05
C SER C 183 -13.71 -5.17 -8.71
N GLU C 184 -13.25 -6.01 -7.79
CA GLU C 184 -12.81 -5.48 -6.51
C GLU C 184 -11.35 -5.03 -6.54
N SER C 185 -10.55 -5.73 -7.34
CA SER C 185 -9.13 -5.43 -7.46
C SER C 185 -8.68 -5.47 -8.92
N PRO C 186 -9.10 -4.47 -9.69
CA PRO C 186 -8.73 -4.38 -11.09
C PRO C 186 -7.22 -4.30 -11.17
N LYS C 187 -6.65 -3.66 -10.15
CA LYS C 187 -5.24 -3.39 -10.09
C LYS C 187 -4.35 -4.64 -10.10
N LEU C 188 -4.69 -5.65 -9.31
CA LEU C 188 -3.83 -6.84 -9.22
C LEU C 188 -3.82 -7.62 -10.56
N ILE C 189 -5.00 -7.83 -11.11
CA ILE C 189 -5.16 -8.54 -12.37
C ILE C 189 -4.54 -7.81 -13.54
N ALA C 190 -4.72 -6.50 -13.56
CA ALA C 190 -4.15 -5.73 -14.65
C ALA C 190 -2.63 -5.74 -14.49
N TRP C 191 -2.18 -5.77 -13.24
CA TRP C 191 -0.76 -5.93 -12.96
C TRP C 191 -0.29 -7.26 -13.51
N ALA C 192 -1.16 -8.27 -13.40
CA ALA C 192 -0.88 -9.61 -13.90
C ALA C 192 -0.78 -9.64 -15.42
N LYS C 193 -1.63 -8.88 -16.10
CA LYS C 193 -1.64 -8.87 -17.57
C LYS C 193 -0.46 -8.05 -18.15
N ARG C 194 -0.05 -6.99 -17.47
CA ARG C 194 1.22 -6.32 -17.82
C ARG C 194 2.40 -7.27 -17.73
N CYS C 195 2.49 -8.02 -16.64
CA CYS C 195 3.59 -8.97 -16.49
C CYS C 195 3.46 -10.02 -17.58
N MET C 196 2.22 -10.32 -17.93
CA MET C 196 1.91 -11.23 -19.05
C MET C 196 2.41 -10.73 -20.40
N GLU C 197 2.51 -9.41 -20.57
CA GLU C 197 3.07 -8.86 -21.79
C GLU C 197 4.51 -9.32 -22.01
N LYS C 198 5.23 -9.60 -20.93
CA LYS C 198 6.62 -10.06 -21.06
C LYS C 198 6.72 -11.56 -21.33
N GLU C 199 7.70 -11.97 -22.14
CA GLU C 199 7.86 -13.38 -22.53
C GLU C 199 8.25 -14.23 -21.33
N SER C 200 8.69 -13.56 -20.28
CA SER C 200 9.09 -14.22 -19.05
C SER C 200 7.89 -14.84 -18.38
N VAL C 201 6.73 -14.24 -18.59
CA VAL C 201 5.51 -14.73 -18.00
C VAL C 201 4.65 -15.31 -19.11
N SER C 202 4.88 -14.81 -20.33
CA SER C 202 4.14 -15.25 -21.51
C SER C 202 4.57 -16.65 -21.95
N LYS C 203 5.69 -17.12 -21.42
CA LYS C 203 6.18 -18.43 -21.79
C LYS C 203 6.47 -19.31 -20.59
N SER C 204 6.34 -18.75 -19.38
CA SER C 204 6.57 -19.51 -18.15
C SER C 204 5.24 -19.93 -17.51
N LEU C 205 4.22 -19.10 -17.69
CA LEU C 205 2.89 -19.46 -17.21
C LEU C 205 2.19 -20.36 -18.24
N PRO C 206 1.90 -21.61 -17.86
CA PRO C 206 1.23 -22.57 -18.74
C PRO C 206 -0.21 -22.15 -18.94
N ASP C 207 -0.86 -22.63 -19.99
CA ASP C 207 -2.23 -22.22 -20.28
C ASP C 207 -3.04 -22.36 -18.99
N SER C 208 -3.75 -21.31 -18.61
CA SER C 208 -4.47 -21.35 -17.33
C SER C 208 -5.53 -22.43 -17.42
N GLU C 209 -6.01 -22.71 -18.63
CA GLU C 209 -6.96 -23.80 -18.84
C GLU C 209 -6.49 -25.16 -18.32
N LYS C 210 -5.18 -25.41 -18.39
CA LYS C 210 -4.63 -26.71 -17.99
C LYS C 210 -4.62 -26.86 -16.49
N ILE C 211 -4.09 -25.85 -15.81
CA ILE C 211 -4.07 -25.85 -14.36
C ILE C 211 -5.48 -25.72 -13.80
N VAL C 212 -6.31 -24.99 -14.53
CA VAL C 212 -7.65 -24.74 -14.06
C VAL C 212 -8.45 -26.05 -14.16
N ALA C 213 -8.23 -26.81 -15.22
CA ALA C 213 -8.79 -28.16 -15.36
C ALA C 213 -8.28 -29.15 -14.31
N TYR C 214 -6.97 -29.16 -14.10
CA TYR C 214 -6.32 -29.98 -13.08
C TYR C 214 -6.93 -29.77 -11.68
N ALA C 215 -7.14 -28.52 -11.30
CA ALA C 215 -7.61 -28.19 -9.96
C ALA C 215 -9.00 -28.82 -9.74
N ALA C 216 -9.86 -28.65 -10.72
CA ALA C 216 -11.17 -29.30 -10.66
C ALA C 216 -11.03 -30.83 -10.59
N GLU C 217 -10.17 -31.39 -11.44
CA GLU C 217 -9.91 -32.82 -11.47
C GLU C 217 -9.36 -33.30 -10.13
N TYR C 218 -8.49 -32.48 -9.57
CA TYR C 218 -8.02 -32.67 -8.20
C TYR C 218 -9.21 -32.73 -7.24
N ARG C 219 -10.11 -31.76 -7.32
CA ARG C 219 -11.26 -31.71 -6.43
C ARG C 219 -12.10 -32.97 -6.46
N LYS C 220 -12.48 -33.36 -7.67
CA LYS C 220 -13.17 -34.62 -7.92
C LYS C 220 -12.48 -35.79 -7.22
N ASN C 221 -11.16 -35.86 -7.36
CA ASN C 221 -10.42 -37.09 -7.03
C ASN C 221 -10.04 -37.28 -5.56
N ASN C 222 -9.86 -36.20 -4.81
CA ASN C 222 -9.40 -36.40 -3.44
C ASN C 222 -10.31 -35.85 -2.33
N LEU C 223 -10.72 -36.75 -1.44
CA LEU C 223 -11.38 -36.41 -0.20
C LEU C 223 -10.51 -36.80 0.97
N THR D 7 -13.44 9.69 13.27
CA THR D 7 -14.39 10.63 13.86
C THR D 7 -13.95 12.08 13.66
N PHE D 8 -14.89 12.92 13.24
CA PHE D 8 -14.68 14.33 12.97
C PHE D 8 -14.65 15.20 14.25
N ASP D 9 -13.52 15.86 14.53
CA ASP D 9 -13.44 16.79 15.66
C ASP D 9 -12.79 18.10 15.21
N MET D 10 -13.44 19.25 15.46
CA MET D 10 -12.87 20.54 15.07
C MET D 10 -11.50 20.82 15.67
N ASN D 11 -11.43 20.90 16.99
CA ASN D 11 -10.19 21.34 17.62
C ASN D 11 -9.04 20.42 17.25
N ARG D 12 -9.27 19.11 17.33
CA ARG D 12 -8.22 18.16 17.02
C ARG D 12 -7.84 18.18 15.54
N VAL D 13 -8.82 18.22 14.63
CA VAL D 13 -8.45 18.24 13.21
C VAL D 13 -7.68 19.50 12.90
N ILE D 14 -8.08 20.62 13.48
CA ILE D 14 -7.36 21.89 13.33
C ILE D 14 -5.96 21.86 13.94
N ASP D 15 -5.83 21.29 15.15
CA ASP D 15 -4.52 21.11 15.80
C ASP D 15 -3.58 20.20 15.01
N GLU D 16 -4.08 19.05 14.55
CA GLU D 16 -3.27 18.14 13.74
C GLU D 16 -2.91 18.81 12.42
N PHE D 17 -3.86 19.54 11.84
CA PHE D 17 -3.57 20.32 10.65
C PHE D 17 -2.53 21.39 10.96
N ASP D 18 -2.71 22.07 12.10
CA ASP D 18 -1.80 23.13 12.52
C ASP D 18 -0.39 22.59 12.63
N GLU D 19 -0.28 21.43 13.28
CA GLU D 19 0.98 20.73 13.42
C GLU D 19 1.45 20.35 12.03
N MET D 20 0.52 19.84 11.23
CA MET D 20 0.75 19.45 9.84
C MET D 20 1.33 20.59 9.01
N THR D 21 0.71 21.77 9.11
CA THR D 21 1.19 22.97 8.43
C THR D 21 2.53 23.44 8.96
N ARG D 22 2.69 23.36 10.27
CA ARG D 22 3.96 23.71 10.88
C ARG D 22 4.98 22.60 10.60
N ASN D 23 4.50 21.37 10.44
CA ASN D 23 5.36 20.28 9.97
C ASN D 23 5.47 20.19 8.44
N ALA D 24 4.94 21.19 7.75
CA ALA D 24 4.85 21.16 6.29
C ALA D 24 6.14 20.74 5.58
N HIS D 25 7.26 21.34 5.93
CA HIS D 25 8.53 20.98 5.30
C HIS D 25 8.85 19.50 5.54
N GLN D 26 8.65 19.04 6.77
CA GLN D 26 8.77 17.61 7.10
C GLN D 26 7.81 16.76 6.31
N VAL D 27 6.59 17.26 6.21
CA VAL D 27 5.50 16.48 5.66
C VAL D 27 5.65 16.39 4.16
N GLN D 28 6.18 17.46 3.56
CA GLN D 28 6.52 17.45 2.15
C GLN D 28 7.48 16.32 1.82
N LYS D 29 8.54 16.24 2.61
CA LYS D 29 9.61 15.29 2.36
C LYS D 29 9.18 13.85 2.59
N GLN D 30 8.56 13.61 3.75
CA GLN D 30 8.14 12.27 4.10
C GLN D 30 7.08 11.80 3.11
N THR D 31 6.24 12.72 2.65
CA THR D 31 5.19 12.37 1.69
C THR D 31 5.81 11.99 0.38
N LEU D 32 6.77 12.78 -0.09
CA LEU D 32 7.55 12.48 -1.29
C LEU D 32 8.17 11.09 -1.25
N LYS D 33 8.85 10.80 -0.15
CA LYS D 33 9.52 9.53 -0.03
C LYS D 33 8.54 8.37 0.11
N GLU D 34 7.50 8.53 0.94
CA GLU D 34 6.46 7.51 1.08
C GLU D 34 5.80 7.27 -0.27
N ILE D 35 5.54 8.34 -0.99
CA ILE D 35 5.11 8.19 -2.37
C ILE D 35 6.12 7.37 -3.17
N LEU D 36 7.40 7.67 -3.04
CA LEU D 36 8.39 6.94 -3.80
C LEU D 36 8.53 5.47 -3.37
N LEU D 37 8.48 5.19 -2.07
CA LEU D 37 8.60 3.79 -1.65
C LEU D 37 7.44 2.98 -2.18
N LYS D 38 6.25 3.53 -1.94
CA LYS D 38 5.02 2.98 -2.46
C LYS D 38 5.12 2.83 -3.97
N ASN D 39 5.63 3.86 -4.62
CA ASN D 39 5.64 3.89 -6.08
C ASN D 39 7.00 3.69 -6.75
N GLN D 40 7.91 2.96 -6.11
CA GLN D 40 9.29 2.86 -6.61
C GLN D 40 9.46 2.00 -7.87
N SER D 41 8.51 1.14 -8.18
CA SER D 41 8.71 0.23 -9.32
C SER D 41 8.31 0.84 -10.67
N ALA D 42 8.15 2.14 -10.76
CA ALA D 42 7.62 2.72 -11.99
C ALA D 42 8.70 2.91 -13.07
N ILE D 43 8.32 2.65 -14.32
CA ILE D 43 9.32 2.54 -15.41
C ILE D 43 9.99 3.82 -15.90
N TYR D 44 9.34 4.96 -15.85
CA TYR D 44 10.01 6.20 -16.26
C TYR D 44 11.18 6.45 -15.30
N LEU D 45 11.03 5.93 -14.08
CA LEU D 45 12.05 6.04 -13.07
C LEU D 45 13.25 5.12 -13.34
N GLN D 46 13.00 3.91 -13.88
CA GLN D 46 14.14 3.05 -14.31
C GLN D 46 14.88 3.79 -15.43
N ASN D 47 14.13 4.54 -16.24
CA ASN D 47 14.72 5.39 -17.25
C ASN D 47 15.61 6.42 -16.56
N CYS D 48 15.19 6.83 -15.37
CA CYS D 48 15.93 7.75 -14.53
C CYS D 48 16.99 7.03 -13.71
N GLY D 49 16.67 5.79 -13.27
CA GLY D 49 17.63 4.89 -12.65
C GLY D 49 17.54 4.64 -11.14
N LEU D 50 16.35 4.81 -10.59
CA LEU D 50 16.14 4.79 -9.13
C LEU D 50 15.69 3.44 -8.60
N ASN D 51 15.73 3.25 -7.30
CA ASN D 51 15.34 1.96 -6.77
C ASN D 51 14.89 2.15 -5.32
N GLY D 52 14.95 3.40 -4.86
CA GLY D 52 14.35 3.82 -3.61
C GLY D 52 15.21 3.83 -2.36
N ASN D 53 14.79 4.63 -1.36
CA ASN D 53 15.51 4.86 -0.09
C ASN D 53 16.99 5.27 -0.28
N ALA D 54 17.90 4.63 0.45
CA ALA D 54 19.29 5.06 0.58
C ALA D 54 19.36 6.33 1.43
N THR D 55 20.55 6.90 1.57
CA THR D 55 20.68 8.09 2.40
C THR D 55 20.74 9.36 1.56
N ASP D 56 20.53 9.22 0.25
CA ASP D 56 20.42 10.40 -0.62
C ASP D 56 19.16 10.37 -1.50
N PRO D 57 17.99 10.02 -0.94
CA PRO D 57 16.83 9.70 -1.80
C PRO D 57 16.10 10.92 -2.38
N GLU D 58 15.98 12.00 -1.60
CA GLU D 58 15.30 13.20 -2.08
C GLU D 58 16.18 13.98 -3.07
N GLU D 59 17.44 14.17 -2.73
CA GLU D 59 18.34 14.89 -3.64
C GLU D 59 18.53 14.10 -4.94
N ALA D 60 18.66 12.79 -4.84
CA ALA D 60 18.71 11.92 -6.02
C ALA D 60 17.48 12.12 -6.88
N PHE D 61 16.33 12.26 -6.25
CA PHE D 61 15.09 12.42 -6.99
C PHE D 61 15.08 13.72 -7.79
N LYS D 62 15.60 14.79 -7.22
CA LYS D 62 15.50 16.08 -7.90
C LYS D 62 16.57 16.19 -8.98
N SER D 63 17.73 15.57 -8.76
CA SER D 63 18.77 15.58 -9.78
C SER D 63 18.50 14.61 -10.94
N MET D 64 17.98 13.42 -10.64
CA MET D 64 17.80 12.37 -11.65
C MET D 64 16.48 12.43 -12.38
N VAL D 65 15.42 12.84 -11.69
CA VAL D 65 14.07 12.86 -12.29
C VAL D 65 13.72 14.18 -13.01
N PRO D 66 13.48 14.10 -14.34
CA PRO D 66 13.28 15.27 -15.20
C PRO D 66 11.83 15.75 -15.34
N LEU D 67 11.67 17.00 -15.77
CA LEU D 67 10.34 17.56 -15.99
C LEU D 67 9.67 16.81 -17.14
N VAL D 68 8.33 16.78 -17.15
CA VAL D 68 7.58 16.12 -18.22
C VAL D 68 6.45 17.02 -18.70
N THR D 69 6.06 16.87 -19.97
CA THR D 69 4.91 17.60 -20.50
C THR D 69 3.79 16.64 -20.80
N ASP D 70 2.61 17.17 -21.09
CA ASP D 70 1.47 16.33 -21.40
C ASP D 70 1.80 15.39 -22.58
N VAL D 71 2.30 15.93 -23.68
CA VAL D 71 2.65 15.09 -24.81
C VAL D 71 3.52 13.88 -24.41
N GLU D 72 4.47 14.09 -23.49
CA GLU D 72 5.29 12.95 -23.04
C GLU D 72 4.51 12.01 -22.12
N LEU D 73 3.55 12.54 -21.39
CA LEU D 73 2.84 11.71 -20.42
C LEU D 73 1.71 10.85 -21.00
N GLU D 74 1.01 11.31 -22.05
CA GLU D 74 -0.18 10.58 -22.51
C GLU D 74 0.01 9.17 -23.05
N PRO D 75 1.10 8.87 -23.79
CA PRO D 75 1.10 7.51 -24.38
C PRO D 75 1.06 6.42 -23.33
N TYR D 76 1.85 6.59 -22.29
CA TYR D 76 1.94 5.63 -21.19
C TYR D 76 0.59 5.37 -20.55
N ILE D 77 -0.08 6.42 -20.15
CA ILE D 77 -1.32 6.21 -19.45
C ILE D 77 -2.39 5.79 -20.47
N LYS D 78 -2.17 6.18 -21.72
CA LYS D 78 -3.01 5.71 -22.83
C LYS D 78 -2.93 4.19 -22.93
N ARG D 79 -1.72 3.65 -22.77
CA ARG D 79 -1.56 2.21 -22.74
C ARG D 79 -2.39 1.62 -21.60
N MET D 80 -2.31 2.24 -20.42
CA MET D 80 -3.05 1.75 -19.26
C MET D 80 -4.57 1.54 -19.42
N VAL D 81 -5.22 2.37 -20.25
CA VAL D 81 -6.68 2.43 -20.32
C VAL D 81 -7.36 1.48 -21.35
N ASP D 82 -6.75 1.28 -22.51
CA ASP D 82 -7.48 0.64 -23.62
C ASP D 82 -7.23 -0.86 -23.86
N GLY D 83 -7.55 -1.69 -22.88
CA GLY D 83 -7.52 -3.14 -23.08
C GLY D 83 -6.14 -3.67 -22.77
N ASP D 84 -5.20 -2.74 -22.82
CA ASP D 84 -3.90 -2.92 -22.24
C ASP D 84 -4.06 -2.45 -20.80
N THR D 85 -4.35 -3.39 -19.91
CA THR D 85 -4.64 -3.10 -18.52
C THR D 85 -3.33 -2.77 -17.77
N SER D 86 -2.24 -2.91 -18.50
CA SER D 86 -0.91 -2.60 -18.00
C SER D 86 -0.75 -1.22 -17.32
N PRO D 87 -0.11 -1.18 -16.15
CA PRO D 87 0.21 0.04 -15.37
C PRO D 87 1.61 0.58 -15.66
N ILE D 88 1.85 1.89 -15.48
CA ILE D 88 3.14 2.42 -15.92
C ILE D 88 3.93 3.30 -14.95
N LEU D 89 3.25 4.23 -14.27
CA LEU D 89 3.97 5.30 -13.57
C LEU D 89 3.94 5.40 -12.01
N THR D 90 3.12 4.64 -11.28
CA THR D 90 3.04 4.89 -9.80
C THR D 90 3.17 3.62 -8.92
N GLY D 91 2.06 3.09 -8.34
CA GLY D 91 1.92 1.81 -7.57
C GLY D 91 1.22 0.48 -8.07
N HIS D 92 0.04 0.54 -8.70
CA HIS D 92 -0.81 -0.55 -9.23
C HIS D 92 -1.54 -0.19 -10.59
N PRO D 93 -2.33 -1.08 -11.18
CA PRO D 93 -3.16 -0.42 -12.21
C PRO D 93 -4.29 0.47 -11.67
N VAL D 94 -4.75 1.47 -12.44
CA VAL D 94 -5.77 2.41 -11.95
C VAL D 94 -7.22 2.02 -12.26
N PRO D 95 -8.08 2.18 -11.26
CA PRO D 95 -9.53 2.03 -11.37
C PRO D 95 -10.17 3.18 -12.14
N ALA D 96 -9.68 4.42 -12.01
CA ALA D 96 -10.15 5.48 -12.91
C ALA D 96 -9.04 6.34 -13.49
N ILE D 97 -9.41 7.19 -14.46
CA ILE D 97 -8.43 8.03 -15.12
C ILE D 97 -9.05 9.40 -15.58
N SER D 98 -8.22 10.43 -15.69
CA SER D 98 -8.71 11.80 -15.93
C SER D 98 -8.11 12.58 -17.11
N LEU D 99 -8.61 13.80 -17.29
CA LEU D 99 -8.14 14.75 -18.32
C LEU D 99 -7.74 16.08 -17.66
N SER D 100 -6.93 16.89 -18.35
CA SER D 100 -6.64 18.28 -17.96
C SER D 100 -7.07 19.32 -19.01
N SER D 101 -7.58 20.46 -18.54
CA SER D 101 -8.03 21.55 -19.40
C SER D 101 -6.86 22.20 -20.12
N GLY D 102 -7.14 22.96 -21.17
CA GLY D 102 -6.05 23.33 -22.08
C GLY D 102 -5.80 22.04 -22.84
N THR D 103 -4.78 22.00 -23.67
CA THR D 103 -4.60 20.77 -24.43
C THR D 103 -3.20 20.21 -24.54
N SER D 104 -3.17 18.92 -24.87
CA SER D 104 -1.97 18.23 -25.25
C SER D 104 -1.80 18.35 -26.75
N GLN D 105 -1.30 19.52 -27.16
CA GLN D 105 -1.18 19.90 -28.56
C GLN D 105 -2.54 20.01 -29.24
N GLY D 106 -3.50 20.62 -28.54
CA GLY D 106 -4.87 20.68 -29.06
C GLY D 106 -5.63 19.40 -28.74
N ARG D 107 -4.91 18.37 -28.31
CA ARG D 107 -5.44 17.01 -28.24
C ARG D 107 -5.49 16.52 -26.79
N PRO D 108 -6.24 15.45 -26.57
CA PRO D 108 -6.51 14.81 -25.27
C PRO D 108 -5.39 14.33 -24.35
N LYS D 109 -5.73 14.31 -23.05
CA LYS D 109 -4.82 13.98 -21.98
C LYS D 109 -5.37 13.02 -20.89
N PHE D 110 -4.44 12.27 -20.30
CA PHE D 110 -4.73 11.18 -19.36
C PHE D 110 -4.00 11.32 -18.00
N ILE D 111 -4.71 11.13 -16.87
CA ILE D 111 -4.08 11.13 -15.53
C ILE D 111 -4.62 9.98 -14.63
N PRO D 112 -3.72 9.24 -13.94
CA PRO D 112 -4.08 8.07 -13.10
C PRO D 112 -4.95 8.33 -11.84
N PHE D 113 -5.75 7.34 -11.41
CA PHE D 113 -6.58 7.47 -10.19
C PHE D 113 -6.41 6.31 -9.19
N THR D 114 -6.45 6.62 -7.91
CA THR D 114 -6.26 5.62 -6.86
C THR D 114 -7.07 5.93 -5.64
N ASP D 115 -7.16 4.94 -4.73
CA ASP D 115 -7.87 5.11 -3.47
C ASP D 115 -7.25 6.21 -2.61
N GLU D 116 -5.93 6.32 -2.67
CA GLU D 116 -5.21 7.34 -1.92
C GLU D 116 -5.78 8.72 -2.16
N LEU D 117 -6.15 8.98 -3.40
CA LEU D 117 -6.82 10.21 -3.75
C LEU D 117 -8.12 10.36 -2.97
N MET D 118 -8.85 9.25 -2.76
CA MET D 118 -10.09 9.33 -1.97
C MET D 118 -9.82 9.68 -0.50
N GLU D 119 -8.75 9.12 0.06
CA GLU D 119 -8.29 9.53 1.38
C GLU D 119 -8.03 11.04 1.40
N ASN D 120 -7.48 11.57 0.30
CA ASN D 120 -7.23 13.01 0.24
C ASN D 120 -8.51 13.81 0.33
N THR D 121 -9.47 13.45 -0.51
CA THR D 121 -10.74 14.14 -0.60
C THR D 121 -11.48 14.19 0.71
N LEU D 122 -11.60 13.04 1.37
CA LEU D 122 -12.27 12.94 2.66
C LEU D 122 -11.55 13.78 3.70
N GLN D 123 -10.22 13.66 3.72
CA GLN D 123 -9.40 14.31 4.73
C GLN D 123 -9.42 15.83 4.58
N LEU D 124 -9.45 16.28 3.33
CA LEU D 124 -9.36 17.70 3.08
C LEU D 124 -10.66 18.38 3.38
N PHE D 125 -11.76 17.79 2.93
CA PHE D 125 -13.07 18.34 3.22
C PHE D 125 -13.30 18.37 4.71
N ARG D 126 -12.84 17.33 5.38
CA ARG D 126 -12.82 17.30 6.83
C ARG D 126 -12.13 18.55 7.34
N THR D 127 -10.95 18.83 6.80
CA THR D 127 -10.17 19.98 7.23
C THR D 127 -10.87 21.31 6.90
N ALA D 128 -11.20 21.53 5.63
CA ALA D 128 -11.84 22.80 5.22
C ALA D 128 -13.21 23.02 5.85
N PHE D 129 -14.04 21.97 5.84
CA PHE D 129 -15.36 22.08 6.42
C PHE D 129 -15.21 22.52 7.86
N ALA D 130 -14.31 21.84 8.58
CA ALA D 130 -13.98 22.16 9.97
C ALA D 130 -13.74 23.64 10.23
N PHE D 131 -12.77 24.20 9.49
CA PHE D 131 -12.33 25.58 9.63
C PHE D 131 -13.45 26.57 9.35
N ARG D 132 -14.26 26.24 8.34
CA ARG D 132 -15.40 27.06 8.01
C ARG D 132 -16.41 26.98 9.16
N ASN D 133 -16.63 25.79 9.74
CA ASN D 133 -17.60 25.71 10.81
C ASN D 133 -17.22 26.50 12.07
N ARG D 134 -15.94 26.71 12.32
CA ARG D 134 -15.57 27.59 13.41
C ARG D 134 -15.85 29.03 12.99
N ASP D 135 -15.54 29.37 11.75
CA ASP D 135 -15.86 30.71 11.28
C ASP D 135 -17.38 30.88 11.18
N PHE D 136 -18.07 29.78 10.88
CA PHE D 136 -19.53 29.84 10.78
C PHE D 136 -20.14 28.56 11.37
N PRO D 137 -20.95 28.69 12.41
CA PRO D 137 -21.54 27.45 12.98
C PRO D 137 -22.87 27.02 12.36
N ILE D 138 -22.99 25.73 12.04
CA ILE D 138 -24.22 25.16 11.49
C ILE D 138 -24.94 24.20 12.41
N ASP D 139 -26.26 24.12 12.26
CA ASP D 139 -27.05 23.08 12.90
C ASP D 139 -26.59 21.73 12.40
N ASP D 140 -26.28 20.82 13.32
CA ASP D 140 -25.94 19.46 12.94
C ASP D 140 -27.16 18.61 12.55
N ASN D 141 -28.36 19.14 12.75
CA ASN D 141 -29.58 18.49 12.25
C ASN D 141 -30.05 19.14 10.94
N GLY D 142 -29.15 19.87 10.28
CA GLY D 142 -29.51 20.67 9.12
C GLY D 142 -29.40 19.92 7.80
N LYS D 143 -29.68 20.60 6.68
CA LYS D 143 -29.49 20.02 5.34
C LYS D 143 -28.79 21.01 4.41
N ALA D 144 -28.39 20.56 3.22
CA ALA D 144 -27.79 21.45 2.23
C ALA D 144 -28.30 21.27 0.81
N LEU D 145 -28.44 22.39 0.11
CA LEU D 145 -28.59 22.37 -1.34
C LEU D 145 -27.22 22.42 -1.99
N GLN D 146 -26.81 21.30 -2.56
CA GLN D 146 -25.53 21.24 -3.24
C GLN D 146 -25.72 20.94 -4.72
N PHE D 147 -25.42 21.91 -5.59
CA PHE D 147 -25.55 21.66 -7.01
C PHE D 147 -24.38 20.81 -7.46
N ILE D 148 -24.32 19.60 -6.92
CA ILE D 148 -23.25 18.65 -7.20
C ILE D 148 -23.81 17.41 -7.89
N PHE D 149 -23.09 16.92 -8.89
CA PHE D 149 -23.57 15.80 -9.70
C PHE D 149 -22.60 14.68 -9.90
N SER D 150 -22.96 13.46 -9.52
CA SER D 150 -22.18 12.32 -10.00
C SER D 150 -23.11 11.25 -10.51
N SER D 151 -23.73 11.59 -11.62
CA SER D 151 -24.77 10.79 -12.22
C SER D 151 -24.28 10.04 -13.43
N LYS D 152 -22.96 9.91 -13.58
CA LYS D 152 -22.43 9.33 -14.82
C LYS D 152 -21.30 8.32 -14.61
N GLN D 153 -21.41 7.17 -15.26
CA GLN D 153 -20.26 6.25 -15.30
C GLN D 153 -20.25 5.45 -16.58
N TYR D 154 -19.11 5.45 -17.28
CA TYR D 154 -18.94 4.70 -18.51
C TYR D 154 -17.73 3.78 -18.42
N ILE D 155 -17.74 2.75 -19.26
CA ILE D 155 -16.65 1.80 -19.30
C ILE D 155 -15.79 2.08 -20.54
N SER D 156 -14.47 2.09 -20.38
CA SER D 156 -13.62 2.34 -21.53
C SER D 156 -13.55 1.14 -22.46
N THR D 157 -12.88 1.34 -23.58
CA THR D 157 -12.63 0.29 -24.54
C THR D 157 -12.00 -0.93 -23.87
N GLY D 158 -11.18 -0.66 -22.86
CA GLY D 158 -10.45 -1.72 -22.22
C GLY D 158 -11.26 -2.47 -21.20
N GLY D 159 -12.43 -1.93 -20.90
CA GLY D 159 -13.28 -2.54 -19.91
C GLY D 159 -12.82 -2.04 -18.56
N VAL D 160 -12.02 -0.97 -18.58
CA VAL D 160 -11.51 -0.40 -17.35
C VAL D 160 -12.14 0.99 -17.14
N PRO D 161 -12.50 1.31 -15.88
CA PRO D 161 -13.17 2.60 -15.65
C PRO D 161 -12.27 3.84 -15.90
N VAL D 162 -12.91 4.87 -16.42
CA VAL D 162 -12.22 6.09 -16.81
C VAL D 162 -13.05 7.25 -16.31
N GLY D 163 -12.50 8.09 -15.42
CA GLY D 163 -13.37 8.93 -14.61
C GLY D 163 -13.07 10.37 -14.24
N THR D 164 -14.14 11.15 -14.09
CA THR D 164 -14.08 12.50 -13.55
C THR D 164 -13.80 12.49 -12.06
N ALA D 165 -13.31 13.62 -11.60
CA ALA D 165 -13.07 13.90 -10.19
C ALA D 165 -14.37 13.77 -9.44
N THR D 166 -15.39 14.45 -9.97
CA THR D 166 -16.70 14.46 -9.35
C THR D 166 -17.29 13.07 -9.16
N THR D 167 -17.32 12.33 -10.26
CA THR D 167 -17.93 11.00 -10.30
C THR D 167 -17.26 10.03 -9.34
N ASN D 168 -15.96 10.06 -9.34
CA ASN D 168 -15.12 9.14 -8.59
C ASN D 168 -15.17 9.38 -7.07
N VAL D 169 -15.31 10.64 -6.63
CA VAL D 169 -15.70 10.92 -5.22
C VAL D 169 -17.00 10.26 -4.85
N TYR D 170 -18.03 10.67 -5.56
CA TYR D 170 -19.39 10.36 -5.17
C TYR D 170 -19.78 8.91 -5.45
N ARG D 171 -19.12 8.29 -6.43
CA ARG D 171 -19.42 6.90 -6.77
C ARG D 171 -18.50 5.94 -6.02
N ASN D 172 -17.52 6.50 -5.32
CA ASN D 172 -16.73 5.72 -4.40
C ASN D 172 -17.70 5.14 -3.37
N PRO D 173 -17.57 3.84 -3.09
CA PRO D 173 -18.40 3.14 -2.11
C PRO D 173 -18.25 3.72 -0.71
N ASN D 174 -17.15 4.42 -0.48
CA ASN D 174 -16.90 5.04 0.80
C ASN D 174 -17.36 6.51 0.88
N PHE D 175 -18.02 7.03 -0.15
CA PHE D 175 -18.38 8.44 -0.14
C PHE D 175 -19.45 8.79 0.91
N LYS D 176 -20.48 7.96 0.98
CA LYS D 176 -21.58 8.12 1.92
C LYS D 176 -21.15 8.10 3.39
N ALA D 177 -20.43 7.05 3.76
CA ALA D 177 -19.90 6.91 5.11
C ALA D 177 -18.94 8.03 5.48
N GLY D 178 -18.13 8.46 4.51
CA GLY D 178 -17.13 9.50 4.73
C GLY D 178 -17.74 10.89 4.85
N MET D 179 -18.86 11.13 4.18
CA MET D 179 -19.38 12.48 4.12
C MET D 179 -20.40 12.80 5.21
N LYS D 180 -20.95 11.77 5.85
CA LYS D 180 -22.07 11.96 6.77
C LYS D 180 -21.73 12.77 8.03
N SER D 181 -20.57 12.51 8.62
CA SER D 181 -20.14 13.24 9.80
C SER D 181 -19.76 14.71 9.54
N ILE D 182 -19.28 15.00 8.34
CA ILE D 182 -18.74 16.32 7.98
C ILE D 182 -19.63 17.19 7.07
N THR D 183 -20.90 16.81 6.88
CA THR D 183 -21.83 17.63 6.11
C THR D 183 -23.24 17.52 6.65
N SER D 184 -24.06 18.51 6.36
CA SER D 184 -25.47 18.41 6.64
C SER D 184 -26.01 17.61 5.47
N PRO D 185 -26.79 16.57 5.75
CA PRO D 185 -27.26 15.65 4.71
C PRO D 185 -27.90 16.36 3.53
N SER D 186 -27.35 16.04 2.37
CA SER D 186 -27.71 16.70 1.13
C SER D 186 -29.18 16.49 0.82
N CYS D 187 -29.84 17.54 0.30
CA CYS D 187 -31.28 17.55 0.10
C CYS D 187 -31.78 16.55 -0.96
N SER D 188 -30.91 16.27 -1.93
CA SER D 188 -31.28 15.42 -3.05
C SER D 188 -31.06 13.95 -2.75
N PRO D 189 -32.01 13.10 -3.18
CA PRO D 189 -31.80 11.65 -3.12
C PRO D 189 -30.58 11.29 -3.94
N ASP D 190 -29.88 10.21 -3.59
CA ASP D 190 -28.69 9.84 -4.35
C ASP D 190 -28.99 9.62 -5.82
N GLU D 191 -30.17 9.06 -6.07
CA GLU D 191 -30.63 8.81 -7.44
C GLU D 191 -30.90 10.10 -8.22
N VAL D 192 -31.42 11.13 -7.55
CA VAL D 192 -31.63 12.40 -8.25
C VAL D 192 -30.26 12.98 -8.57
N ILE D 193 -29.34 12.82 -7.63
CA ILE D 193 -27.95 13.22 -7.84
C ILE D 193 -27.37 12.39 -8.97
N PHE D 194 -27.71 11.11 -8.97
CA PHE D 194 -27.19 10.13 -9.91
C PHE D 194 -28.13 9.90 -11.11
N SER D 195 -28.95 10.90 -11.41
CA SER D 195 -29.93 10.83 -12.50
C SER D 195 -29.34 10.79 -13.90
N PRO D 196 -29.92 10.00 -14.79
CA PRO D 196 -29.49 10.04 -16.18
C PRO D 196 -29.73 11.42 -16.79
N ASP D 197 -30.77 12.11 -16.34
CA ASP D 197 -31.00 13.46 -16.84
C ASP D 197 -30.66 14.49 -15.76
N VAL D 198 -29.47 15.09 -15.83
CA VAL D 198 -29.10 16.04 -14.80
C VAL D 198 -29.76 17.44 -14.88
N HIS D 199 -30.30 17.85 -16.02
CA HIS D 199 -30.91 19.19 -16.05
C HIS D 199 -32.24 19.11 -15.35
N GLN D 200 -32.94 18.00 -15.61
CA GLN D 200 -34.22 17.78 -14.99
C GLN D 200 -33.93 17.44 -13.53
N ALA D 201 -32.81 16.76 -13.30
CA ALA D 201 -32.36 16.54 -11.94
C ALA D 201 -31.84 17.79 -11.26
N LEU D 202 -31.14 18.65 -12.00
CA LEU D 202 -30.73 19.93 -11.42
C LEU D 202 -32.01 20.68 -11.11
N TYR D 203 -32.99 20.51 -11.99
CA TYR D 203 -34.33 21.02 -11.76
C TYR D 203 -34.89 20.41 -10.47
N CYS D 204 -34.71 19.11 -10.29
CA CYS D 204 -35.17 18.48 -9.06
C CYS D 204 -34.21 18.76 -7.94
N HIS D 205 -32.98 19.14 -8.29
CA HIS D 205 -31.99 19.55 -7.28
C HIS D 205 -32.37 20.89 -6.69
N LEU D 206 -32.70 21.83 -7.57
CA LEU D 206 -33.22 23.13 -7.15
C LEU D 206 -34.34 22.82 -6.22
N LEU D 207 -35.34 22.12 -6.76
CA LEU D 207 -36.46 21.57 -6.02
C LEU D 207 -36.04 20.94 -4.69
N SER D 208 -35.07 20.04 -4.72
CA SER D 208 -34.63 19.30 -3.53
C SER D 208 -33.98 20.19 -2.50
N GLY D 209 -33.00 20.97 -2.92
CA GLY D 209 -32.38 21.93 -2.02
C GLY D 209 -33.45 22.83 -1.45
N ILE D 210 -34.37 23.23 -2.33
CA ILE D 210 -35.54 24.00 -1.95
C ILE D 210 -36.40 23.20 -0.94
N LEU D 211 -36.34 21.87 -0.95
CA LEU D 211 -37.16 21.03 -0.05
C LEU D 211 -36.95 21.24 1.46
N PHE D 212 -35.72 21.48 1.92
CA PHE D 212 -35.44 21.58 3.35
C PHE D 212 -34.81 22.90 3.70
N ARG D 213 -35.55 23.97 3.43
CA ARG D 213 -35.02 25.30 3.54
C ARG D 213 -34.54 25.75 4.90
N ASP D 214 -35.44 25.60 5.85
CA ASP D 214 -35.21 25.96 7.22
C ASP D 214 -34.15 25.02 7.76
N GLN D 215 -34.12 23.80 7.22
CA GLN D 215 -33.03 22.87 7.52
C GLN D 215 -31.71 23.24 6.81
N VAL D 216 -31.79 23.95 5.68
CA VAL D 216 -30.59 24.33 4.92
C VAL D 216 -29.64 25.24 5.70
N GLN D 217 -28.39 24.83 5.82
CA GLN D 217 -27.39 25.57 6.59
C GLN D 217 -26.41 26.30 5.67
N TYR D 218 -26.33 25.85 4.43
CA TYR D 218 -25.49 26.48 3.41
C TYR D 218 -25.98 26.13 2.01
N VAL D 219 -25.73 27.02 1.05
CA VAL D 219 -25.94 26.69 -0.38
C VAL D 219 -24.58 26.55 -1.04
N PHE D 220 -24.45 25.47 -1.80
CA PHE D 220 -23.16 25.09 -2.34
C PHE D 220 -23.23 24.61 -3.78
N ALA D 221 -22.36 25.14 -4.62
CA ALA D 221 -22.06 24.55 -5.91
C ALA D 221 -20.58 24.77 -6.10
N VAL D 222 -19.92 23.92 -6.86
CA VAL D 222 -18.49 24.06 -6.98
C VAL D 222 -18.16 25.42 -7.56
N PHE D 223 -18.98 25.87 -8.51
CA PHE D 223 -18.70 27.13 -9.17
C PHE D 223 -19.77 28.21 -9.09
N ALA D 224 -19.31 29.45 -9.20
CA ALA D 224 -20.19 30.60 -9.16
C ALA D 224 -21.12 30.56 -10.36
N HIS D 225 -20.56 30.24 -11.52
CA HIS D 225 -21.30 30.22 -12.77
C HIS D 225 -22.41 29.18 -12.68
N GLY D 226 -22.13 28.10 -11.97
CA GLY D 226 -23.09 27.02 -11.78
C GLY D 226 -24.25 27.49 -10.95
N LEU D 227 -23.94 28.20 -9.87
CA LEU D 227 -24.98 28.76 -9.02
C LEU D 227 -25.81 29.75 -9.81
N VAL D 228 -25.12 30.65 -10.50
CA VAL D 228 -25.79 31.68 -11.30
C VAL D 228 -26.65 31.02 -12.37
N HIS D 229 -26.09 30.01 -13.03
CA HIS D 229 -26.80 29.18 -13.98
C HIS D 229 -28.10 28.68 -13.41
N ALA D 230 -28.02 28.05 -12.24
CA ALA D 230 -29.19 27.56 -11.55
C ALA D 230 -30.19 28.68 -11.30
N PHE D 231 -29.70 29.80 -10.79
CA PHE D 231 -30.58 30.88 -10.36
C PHE D 231 -31.19 31.67 -11.52
N ARG D 232 -30.44 31.78 -12.61
CA ARG D 232 -30.99 32.30 -13.85
C ARG D 232 -32.16 31.41 -14.24
N THR D 233 -31.93 30.10 -14.17
CA THR D 233 -32.94 29.10 -14.50
C THR D 233 -34.13 29.23 -13.55
N PHE D 234 -33.85 29.60 -12.31
CA PHE D 234 -34.91 29.76 -11.33
C PHE D 234 -35.85 30.88 -11.79
N GLU D 235 -35.27 31.98 -12.26
CA GLU D 235 -36.03 33.08 -12.84
C GLU D 235 -36.87 32.59 -14.00
N GLN D 236 -36.34 31.64 -14.76
CA GLN D 236 -37.05 31.04 -15.88
C GLN D 236 -38.26 30.19 -15.48
N VAL D 237 -38.06 29.28 -14.52
CA VAL D 237 -39.03 28.22 -14.23
C VAL D 237 -39.70 28.24 -12.85
N TRP D 238 -39.74 29.39 -12.18
CA TRP D 238 -40.29 29.39 -10.84
C TRP D 238 -41.79 29.10 -10.85
N GLU D 239 -42.55 29.78 -11.72
CA GLU D 239 -43.99 29.51 -11.82
C GLU D 239 -44.30 28.06 -12.18
N GLU D 240 -43.47 27.47 -13.05
CA GLU D 240 -43.71 26.11 -13.51
C GLU D 240 -43.40 25.09 -12.42
N ILE D 241 -42.28 25.26 -11.73
CA ILE D 241 -41.98 24.46 -10.55
C ILE D 241 -43.16 24.46 -9.57
N VAL D 242 -43.73 25.65 -9.36
CA VAL D 242 -44.89 25.80 -8.50
C VAL D 242 -46.06 24.95 -8.97
N THR D 243 -46.29 24.94 -10.27
CA THR D 243 -47.37 24.14 -10.82
C THR D 243 -47.09 22.65 -10.63
N ASP D 244 -45.83 22.25 -10.75
CA ASP D 244 -45.44 20.84 -10.63
C ASP D 244 -45.64 20.34 -9.21
N ILE D 245 -45.03 21.06 -8.28
CA ILE D 245 -45.12 20.69 -6.87
C ILE D 245 -46.57 20.79 -6.35
N LYS D 246 -47.38 21.70 -6.91
CA LYS D 246 -48.73 21.97 -6.40
C LYS D 246 -49.72 20.82 -6.52
N ASP D 247 -49.75 20.22 -7.69
CA ASP D 247 -50.67 19.13 -7.98
C ASP D 247 -50.31 17.83 -7.29
N GLY D 248 -49.09 17.73 -6.77
CA GLY D 248 -48.61 16.45 -6.26
C GLY D 248 -48.28 15.57 -7.45
N VAL D 249 -48.17 16.23 -8.59
CA VAL D 249 -47.85 15.58 -9.85
C VAL D 249 -46.69 16.32 -10.48
N LEU D 250 -45.56 15.65 -10.67
CA LEU D 250 -44.40 16.32 -11.25
C LEU D 250 -44.69 16.68 -12.70
N SER D 251 -43.92 17.60 -13.26
CA SER D 251 -44.23 18.08 -14.60
C SER D 251 -44.00 17.03 -15.66
N ASN D 252 -44.75 17.23 -16.74
CA ASN D 252 -44.78 16.43 -17.94
C ASN D 252 -43.40 16.46 -18.58
N ARG D 253 -42.61 17.46 -18.19
CA ARG D 253 -41.23 17.59 -18.63
C ARG D 253 -40.35 16.40 -18.21
N ILE D 254 -40.58 15.84 -17.02
CA ILE D 254 -39.72 14.76 -16.48
C ILE D 254 -40.13 13.35 -16.97
N THR D 255 -39.16 12.57 -17.45
CA THR D 255 -39.53 11.28 -18.04
C THR D 255 -38.76 10.06 -17.51
N VAL D 256 -37.50 10.24 -17.12
CA VAL D 256 -36.70 9.10 -16.67
C VAL D 256 -37.36 8.43 -15.44
N PRO D 257 -37.50 7.09 -15.50
CA PRO D 257 -38.34 6.32 -14.56
C PRO D 257 -37.86 6.32 -13.11
N SER D 258 -36.57 6.06 -12.84
CA SER D 258 -36.08 6.02 -11.45
C SER D 258 -36.30 7.37 -10.78
N VAL D 259 -36.00 8.44 -11.50
CA VAL D 259 -36.18 9.79 -10.99
C VAL D 259 -37.67 10.05 -10.76
N ARG D 260 -38.50 9.56 -11.66
CA ARG D 260 -39.95 9.76 -11.57
C ARG D 260 -40.52 9.06 -10.36
N THR D 261 -40.03 7.83 -10.16
CA THR D 261 -40.43 6.99 -9.05
C THR D 261 -40.01 7.64 -7.74
N ALA D 262 -38.82 8.22 -7.74
CA ALA D 262 -38.28 8.90 -6.56
C ALA D 262 -39.11 10.13 -6.22
N MET D 263 -39.45 10.92 -7.25
CA MET D 263 -40.29 12.09 -7.07
C MET D 263 -41.74 11.71 -6.71
N SER D 264 -42.22 10.61 -7.28
CA SER D 264 -43.55 10.10 -6.94
C SER D 264 -43.62 9.75 -5.45
N LYS D 265 -42.53 9.25 -4.91
CA LYS D 265 -42.44 9.01 -3.48
C LYS D 265 -42.67 10.31 -2.73
N LEU D 266 -42.39 11.44 -3.39
CA LEU D 266 -42.41 12.73 -2.71
C LEU D 266 -43.54 13.66 -3.14
N LEU D 267 -44.60 13.16 -3.78
CA LEU D 267 -45.60 14.10 -4.30
C LEU D 267 -47.05 13.84 -3.85
N THR D 268 -47.72 14.89 -3.38
CA THR D 268 -49.15 14.88 -3.04
C THR D 268 -49.67 16.34 -3.12
N PRO D 269 -50.92 16.55 -3.56
CA PRO D 269 -51.41 17.90 -3.89
C PRO D 269 -51.50 18.86 -2.71
N ASN D 270 -51.14 20.14 -2.94
CA ASN D 270 -51.08 21.17 -1.91
C ASN D 270 -51.13 22.59 -2.53
N PRO D 271 -52.34 23.10 -2.80
CA PRO D 271 -52.59 24.41 -3.44
C PRO D 271 -52.07 25.64 -2.67
N GLU D 272 -51.87 25.43 -1.39
CA GLU D 272 -51.58 26.47 -0.41
C GLU D 272 -50.35 27.37 -0.71
N LEU D 273 -49.31 26.71 -1.20
CA LEU D 273 -47.95 27.22 -1.18
C LEU D 273 -47.71 28.07 -2.40
N ALA D 274 -48.46 27.71 -3.44
CA ALA D 274 -48.51 28.49 -4.66
C ALA D 274 -48.90 29.91 -4.32
N GLU D 275 -49.86 30.03 -3.40
CA GLU D 275 -50.27 31.36 -2.92
C GLU D 275 -49.05 32.12 -2.39
N THR D 276 -48.31 31.48 -1.48
CA THR D 276 -47.11 32.03 -0.86
C THR D 276 -45.99 32.44 -1.82
N ILE D 277 -45.55 31.53 -2.68
CA ILE D 277 -44.45 31.85 -3.61
C ILE D 277 -44.78 32.98 -4.55
N ARG D 278 -46.04 33.02 -4.99
CA ARG D 278 -46.42 33.96 -6.02
C ARG D 278 -46.19 35.33 -5.48
N THR D 279 -46.63 35.54 -4.24
CA THR D 279 -46.47 36.83 -3.60
C THR D 279 -45.00 37.18 -3.33
N LYS D 280 -44.21 36.18 -2.87
CA LYS D 280 -42.80 36.43 -2.53
C LYS D 280 -41.90 36.61 -3.73
N CYS D 281 -42.01 35.71 -4.70
CA CYS D 281 -41.18 35.81 -5.88
C CYS D 281 -41.50 37.06 -6.67
N MET D 282 -42.77 37.49 -6.63
CA MET D 282 -43.13 38.75 -7.27
C MET D 282 -42.44 39.90 -6.55
N SER D 283 -42.23 39.71 -5.25
CA SER D 283 -41.61 40.72 -4.40
C SER D 283 -40.15 41.03 -4.77
N LEU D 284 -39.42 40.06 -5.32
CA LEU D 284 -37.98 40.25 -5.58
C LEU D 284 -37.70 41.39 -6.56
N SER D 285 -36.56 42.07 -6.38
CA SER D 285 -36.11 43.09 -7.33
C SER D 285 -34.92 42.58 -8.15
N ASN D 286 -35.16 42.35 -9.45
CA ASN D 286 -34.20 41.71 -10.36
C ASN D 286 -33.61 40.43 -9.77
N TRP D 287 -34.41 39.80 -8.91
CA TRP D 287 -34.06 38.60 -8.15
C TRP D 287 -32.87 38.84 -7.23
N TYR D 288 -32.63 40.09 -6.87
CA TYR D 288 -31.55 40.45 -5.96
C TYR D 288 -31.77 39.79 -4.61
N GLY D 289 -30.71 39.22 -4.05
CA GLY D 289 -30.85 38.51 -2.80
C GLY D 289 -31.72 37.30 -3.07
N LEU D 290 -31.48 36.65 -4.19
CA LEU D 290 -32.28 35.48 -4.53
C LEU D 290 -32.07 34.39 -3.48
N ILE D 291 -30.81 34.04 -3.23
CA ILE D 291 -30.52 32.92 -2.34
C ILE D 291 -30.88 33.19 -0.87
N PRO D 292 -30.72 34.44 -0.36
CA PRO D 292 -31.18 34.61 1.01
C PRO D 292 -32.69 34.64 1.07
N ALA D 293 -33.31 35.06 -0.02
CA ALA D 293 -34.76 34.99 -0.12
C ALA D 293 -35.16 33.51 -0.08
N LEU D 294 -34.43 32.70 -0.82
CA LEU D 294 -34.64 31.26 -0.79
C LEU D 294 -34.15 30.70 0.53
N PHE D 295 -32.88 30.85 0.89
CA PHE D 295 -32.48 30.37 2.21
C PHE D 295 -32.21 31.57 3.11
N PRO D 296 -33.20 31.95 3.94
CA PRO D 296 -33.09 33.14 4.80
C PRO D 296 -31.95 33.03 5.77
N ASN D 297 -31.48 31.81 5.95
CA ASN D 297 -30.59 31.56 7.04
C ASN D 297 -29.29 30.91 6.71
N ALA D 298 -29.11 30.66 5.43
CA ALA D 298 -27.85 30.23 4.89
C ALA D 298 -26.76 31.14 5.41
N LYS D 299 -25.72 30.55 5.97
CA LYS D 299 -24.65 31.34 6.54
C LYS D 299 -23.73 31.84 5.44
N TYR D 300 -23.62 31.05 4.37
CA TYR D 300 -22.86 31.48 3.20
C TYR D 300 -23.33 30.88 1.89
N VAL D 301 -22.78 31.43 0.82
CA VAL D 301 -22.75 30.81 -0.48
C VAL D 301 -21.30 30.31 -0.63
N TYR D 302 -21.10 29.04 -0.98
CA TYR D 302 -19.76 28.42 -1.02
C TYR D 302 -19.29 27.92 -2.39
N GLY D 303 -17.99 28.01 -2.63
CA GLY D 303 -17.40 27.45 -3.83
C GLY D 303 -16.02 28.05 -3.99
N ILE D 304 -15.29 27.64 -5.03
CA ILE D 304 -14.03 28.32 -5.36
C ILE D 304 -14.34 29.57 -6.16
N MET D 305 -14.07 30.73 -5.55
CA MET D 305 -14.53 32.00 -6.11
C MET D 305 -13.40 32.83 -6.75
N THR D 306 -12.21 32.25 -6.88
CA THR D 306 -11.08 32.98 -7.46
C THR D 306 -10.81 32.59 -8.91
N GLY D 307 -10.10 33.45 -9.62
CA GLY D 307 -9.70 33.19 -10.99
C GLY D 307 -10.81 33.40 -12.00
N SER D 308 -11.18 32.32 -12.68
CA SER D 308 -12.19 32.37 -13.72
C SER D 308 -13.61 32.72 -13.27
N MET D 309 -13.93 32.44 -12.00
CA MET D 309 -15.29 32.67 -11.52
C MET D 309 -15.54 34.08 -11.03
N GLU D 310 -14.49 34.90 -11.03
CA GLU D 310 -14.61 36.29 -10.64
C GLU D 310 -15.69 37.06 -11.41
N PRO D 311 -15.82 36.87 -12.75
CA PRO D 311 -16.91 37.53 -13.49
C PRO D 311 -18.33 37.11 -13.11
N TYR D 312 -18.52 35.84 -12.77
CA TYR D 312 -19.84 35.33 -12.37
C TYR D 312 -20.12 35.68 -10.92
N VAL D 313 -19.08 36.08 -10.19
CA VAL D 313 -19.18 36.36 -8.76
C VAL D 313 -20.10 37.58 -8.44
N PRO D 314 -20.02 38.68 -9.22
CA PRO D 314 -20.97 39.77 -8.98
C PRO D 314 -22.41 39.39 -9.28
N LYS D 315 -22.63 38.64 -10.35
CA LYS D 315 -23.98 38.18 -10.67
C LYS D 315 -24.49 37.29 -9.55
N LEU D 316 -23.63 36.38 -9.11
CA LEU D 316 -23.93 35.53 -7.97
C LEU D 316 -24.16 36.37 -6.73
N ARG D 317 -23.35 37.42 -6.59
CA ARG D 317 -23.45 38.36 -5.47
C ARG D 317 -24.76 39.07 -5.49
N HIS D 318 -25.13 39.56 -6.69
CA HIS D 318 -26.42 40.19 -6.97
C HIS D 318 -27.45 39.23 -6.41
N TYR D 319 -27.23 37.97 -6.75
CA TYR D 319 -28.17 36.90 -6.38
C TYR D 319 -28.07 36.53 -4.92
N ALA D 320 -26.86 36.57 -4.38
CA ALA D 320 -26.70 36.15 -2.98
C ALA D 320 -26.88 37.29 -1.98
N GLY D 321 -27.10 38.52 -2.46
CA GLY D 321 -27.27 39.66 -1.58
C GLY D 321 -25.97 39.89 -0.81
N ASP D 322 -26.06 40.09 0.50
CA ASP D 322 -24.84 40.30 1.28
C ASP D 322 -24.36 39.00 1.94
N LEU D 323 -24.98 37.89 1.60
CA LEU D 323 -24.57 36.62 2.17
C LEU D 323 -23.15 36.33 1.71
N PRO D 324 -22.27 35.94 2.65
CA PRO D 324 -20.83 35.77 2.41
C PRO D 324 -20.50 34.76 1.31
N LEU D 325 -19.75 35.22 0.31
CA LEU D 325 -19.17 34.33 -0.69
C LEU D 325 -17.90 33.69 -0.15
N VAL D 326 -17.96 32.44 0.30
CA VAL D 326 -16.75 31.89 0.89
C VAL D 326 -16.03 31.00 -0.13
N SER D 327 -14.74 31.23 -0.29
CA SER D 327 -13.94 30.58 -1.33
C SER D 327 -13.53 29.17 -0.93
N HIS D 328 -13.61 28.20 -1.84
CA HIS D 328 -13.24 26.82 -1.48
C HIS D 328 -11.75 26.49 -1.67
N ASP D 329 -11.38 25.26 -1.29
CA ASP D 329 -10.03 24.68 -1.33
C ASP D 329 -9.41 24.64 -2.71
N TYR D 330 -8.15 24.27 -2.74
CA TYR D 330 -7.32 24.44 -3.92
C TYR D 330 -6.47 23.17 -4.22
N GLY D 331 -7.10 22.15 -4.77
CA GLY D 331 -6.39 20.94 -5.19
C GLY D 331 -7.25 19.89 -5.88
N SER D 332 -6.65 18.95 -6.63
CA SER D 332 -7.44 17.99 -7.42
C SER D 332 -6.94 16.58 -7.24
N SER D 333 -7.47 15.62 -8.01
CA SER D 333 -6.91 14.28 -7.91
C SER D 333 -5.56 14.24 -8.58
N GLU D 334 -5.29 15.18 -9.48
CA GLU D 334 -3.94 15.33 -10.02
C GLU D 334 -3.01 15.76 -8.90
N GLY D 335 -3.62 16.20 -7.80
CA GLY D 335 -2.92 16.52 -6.57
C GLY D 335 -3.66 17.64 -5.87
N TRP D 336 -3.95 17.48 -4.57
CA TRP D 336 -4.49 18.60 -3.82
C TRP D 336 -3.39 19.51 -3.33
N ILE D 337 -3.62 20.81 -3.39
CA ILE D 337 -2.59 21.73 -2.95
C ILE D 337 -3.08 22.56 -1.75
N ALA D 338 -4.18 23.30 -1.86
CA ALA D 338 -4.55 24.16 -0.72
C ALA D 338 -6.00 24.12 -0.21
N ALA D 339 -6.19 24.29 1.09
CA ALA D 339 -7.52 24.49 1.66
C ALA D 339 -7.62 25.87 2.28
N ASN D 340 -8.82 26.44 2.25
CA ASN D 340 -9.06 27.72 2.89
C ASN D 340 -9.23 27.56 4.40
N VAL D 341 -8.26 28.02 5.17
CA VAL D 341 -8.34 27.86 6.62
C VAL D 341 -8.66 29.19 7.26
N THR D 342 -8.99 30.16 6.41
CA THR D 342 -9.50 31.45 6.87
C THR D 342 -10.62 31.86 5.92
N PRO D 343 -11.71 31.08 5.90
CA PRO D 343 -12.77 31.19 4.90
C PRO D 343 -13.63 32.45 4.98
N ARG D 344 -13.45 33.24 6.03
CA ARG D 344 -14.25 34.46 6.13
C ARG D 344 -13.80 35.51 5.13
N LEU D 345 -12.67 35.27 4.48
CA LEU D 345 -12.11 36.26 3.54
C LEU D 345 -13.04 36.54 2.34
N SER D 346 -12.99 37.77 1.84
CA SER D 346 -13.79 38.19 0.70
C SER D 346 -13.22 37.63 -0.59
N PRO D 347 -14.06 37.53 -1.63
CA PRO D 347 -13.61 37.06 -2.95
C PRO D 347 -12.41 37.83 -3.50
N GLU D 348 -12.39 39.15 -3.39
CA GLU D 348 -11.26 39.94 -3.89
C GLU D 348 -9.99 39.68 -3.08
N GLU D 349 -10.15 39.24 -1.84
CA GLU D 349 -8.97 39.06 -0.97
C GLU D 349 -8.77 37.59 -0.59
N ALA D 350 -9.56 36.71 -1.20
CA ALA D 350 -9.44 35.27 -0.98
C ALA D 350 -8.06 34.70 -1.32
N THR D 351 -7.47 33.98 -0.35
CA THR D 351 -6.21 33.28 -0.55
C THR D 351 -6.36 31.85 -0.01
N PHE D 352 -5.45 30.94 -0.38
CA PHE D 352 -5.59 29.55 0.07
C PHE D 352 -4.33 28.90 0.63
N ALA D 353 -4.48 28.30 1.81
CA ALA D 353 -3.37 27.72 2.53
C ALA D 353 -3.13 26.26 2.12
N VAL D 354 -1.87 25.93 1.85
CA VAL D 354 -1.51 24.62 1.29
C VAL D 354 -1.41 23.48 2.31
N ILE D 355 -1.93 22.31 1.92
CA ILE D 355 -1.77 21.10 2.74
C ILE D 355 -0.55 20.29 2.27
N PRO D 356 0.33 19.88 3.20
CA PRO D 356 1.62 19.29 2.79
C PRO D 356 1.67 17.76 2.59
N ASN D 357 0.65 16.98 2.96
CA ASN D 357 0.85 15.53 2.94
C ASN D 357 0.38 14.77 1.68
N LEU D 358 -0.27 15.45 0.75
CA LEU D 358 -0.83 14.70 -0.37
C LEU D 358 0.21 14.44 -1.47
N GLY D 359 1.25 15.28 -1.52
CA GLY D 359 2.28 15.11 -2.53
C GLY D 359 3.39 16.13 -2.41
N TYR D 360 4.43 15.96 -3.22
CA TYR D 360 5.58 16.86 -3.25
C TYR D 360 5.45 17.82 -4.41
N PHE D 361 5.13 19.08 -4.12
CA PHE D 361 5.03 20.08 -5.18
C PHE D 361 6.26 20.96 -5.19
N GLU D 362 6.56 21.52 -6.36
CA GLU D 362 7.70 22.39 -6.58
C GLU D 362 7.29 23.54 -7.48
N PHE D 363 8.12 24.58 -7.58
CA PHE D 363 7.70 25.78 -8.30
C PHE D 363 8.81 26.34 -9.22
N LEU D 364 8.50 26.44 -10.51
CA LEU D 364 9.46 26.97 -11.50
C LEU D 364 9.22 28.46 -11.75
N PRO D 365 10.25 29.29 -11.51
CA PRO D 365 10.07 30.76 -11.64
C PRO D 365 10.03 31.31 -13.08
N VAL D 366 9.36 32.46 -13.20
CA VAL D 366 9.26 33.18 -14.45
C VAL D 366 10.21 34.39 -14.45
N SER D 367 10.79 34.68 -13.29
CA SER D 367 11.65 35.87 -13.15
C SER D 367 12.85 35.90 -14.12
N GLU D 368 12.79 36.87 -15.04
CA GLU D 368 13.86 37.28 -15.96
C GLU D 368 13.16 38.19 -16.97
N THR D 369 12.37 37.55 -17.83
CA THR D 369 11.45 38.20 -18.75
C THR D 369 10.55 37.13 -19.37
N GLY D 370 11.13 36.35 -20.29
CA GLY D 370 10.43 35.24 -20.92
C GLY D 370 11.35 34.18 -21.51
N GLU D 371 11.25 32.94 -21.04
CA GLU D 371 10.32 32.59 -19.94
C GLU D 371 11.00 32.77 -18.58
N GLY D 372 12.29 32.50 -18.50
CA GLY D 372 12.99 32.59 -17.22
C GLY D 372 14.13 31.61 -17.05
N GLU D 373 13.89 30.33 -17.37
CA GLU D 373 14.92 29.28 -17.28
C GLU D 373 15.57 29.20 -15.88
N GLU D 374 14.83 29.57 -14.86
CA GLU D 374 15.33 29.33 -13.51
C GLU D 374 14.91 27.93 -13.06
N LYS D 375 15.80 27.25 -12.35
CA LYS D 375 15.53 25.88 -11.85
C LYS D 375 14.61 25.93 -10.62
N PRO D 376 13.84 24.85 -10.39
CA PRO D 376 12.83 24.83 -9.31
C PRO D 376 13.39 24.93 -7.89
N VAL D 377 12.58 25.41 -6.95
CA VAL D 377 12.92 25.46 -5.53
C VAL D 377 11.76 24.88 -4.74
N GLY D 378 11.92 24.77 -3.42
CA GLY D 378 10.91 24.14 -2.58
C GLY D 378 9.68 25.00 -2.28
N LEU D 379 8.62 24.36 -1.79
CA LEU D 379 7.42 25.07 -1.39
C LEU D 379 7.73 26.09 -0.31
N THR D 380 8.56 25.72 0.66
CA THR D 380 8.97 26.67 1.68
C THR D 380 9.96 27.67 1.09
N GLN D 381 10.58 27.29 -0.02
CA GLN D 381 11.66 28.08 -0.59
C GLN D 381 11.18 29.23 -1.48
N VAL D 382 9.92 29.20 -1.90
CA VAL D 382 9.39 30.23 -2.81
C VAL D 382 9.31 31.62 -2.17
N LYS D 383 9.44 32.65 -3.00
CA LYS D 383 9.59 34.01 -2.50
C LYS D 383 8.26 34.73 -2.44
N ILE D 384 8.08 35.59 -1.43
CA ILE D 384 6.79 36.26 -1.24
C ILE D 384 6.53 37.30 -2.33
N GLY D 385 5.36 37.20 -2.96
CA GLY D 385 4.91 38.22 -3.88
C GLY D 385 5.27 37.91 -5.32
N GLU D 386 6.10 36.90 -5.52
CA GLU D 386 6.51 36.49 -6.86
C GLU D 386 5.54 35.46 -7.44
N GLU D 387 5.45 35.40 -8.77
CA GLU D 387 4.60 34.43 -9.44
C GLU D 387 5.37 33.19 -9.94
N TYR D 388 4.87 31.99 -9.65
CA TYR D 388 5.52 30.72 -10.06
C TYR D 388 4.58 29.83 -10.83
N GLU D 389 5.16 28.89 -11.59
CA GLU D 389 4.36 27.81 -12.14
C GLU D 389 4.59 26.49 -11.37
N VAL D 390 3.48 25.90 -10.95
CA VAL D 390 3.48 24.69 -10.13
C VAL D 390 3.96 23.44 -10.88
N VAL D 391 4.76 22.66 -10.19
CA VAL D 391 5.24 21.38 -10.66
C VAL D 391 4.74 20.31 -9.68
N ILE D 392 4.16 19.22 -10.19
CA ILE D 392 3.47 18.28 -9.31
C ILE D 392 4.10 16.87 -9.29
N THR D 393 4.31 16.35 -8.09
CA THR D 393 4.69 14.95 -7.89
C THR D 393 3.75 14.37 -6.84
N ASN D 394 3.08 13.27 -7.21
CA ASN D 394 2.09 12.69 -6.32
C ASN D 394 1.67 11.28 -6.73
N TYR D 395 0.57 10.81 -6.17
CA TYR D 395 0.04 9.47 -6.47
C TYR D 395 -0.71 9.41 -7.80
N ALA D 396 -0.81 10.55 -8.50
CA ALA D 396 -1.66 10.60 -9.69
C ALA D 396 -0.92 10.53 -11.02
N GLY D 397 0.20 9.83 -11.08
CA GLY D 397 0.93 9.67 -12.33
C GLY D 397 1.61 10.93 -12.86
N LEU D 398 1.67 11.96 -12.01
CA LEU D 398 2.38 13.18 -12.35
C LEU D 398 3.65 13.28 -11.51
N TYR D 399 4.80 13.43 -12.15
CA TYR D 399 6.05 13.50 -11.40
C TYR D 399 6.95 14.61 -11.91
N ARG D 400 7.17 15.61 -11.06
CA ARG D 400 7.86 16.82 -11.47
C ARG D 400 7.23 17.34 -12.76
N TYR D 401 5.90 17.21 -12.81
CA TYR D 401 5.11 17.48 -14.01
C TYR D 401 4.58 18.92 -14.05
N ARG D 402 4.81 19.61 -15.17
CA ARG D 402 4.30 20.96 -15.33
C ARG D 402 2.89 21.01 -15.89
N LEU D 403 1.96 21.47 -15.07
CA LEU D 403 0.55 21.58 -15.45
C LEU D 403 0.30 22.90 -16.18
N GLY D 404 1.22 23.84 -16.03
CA GLY D 404 1.22 25.01 -16.90
C GLY D 404 0.49 26.19 -16.29
N ASP D 405 0.82 26.51 -15.05
CA ASP D 405 0.00 27.44 -14.28
C ASP D 405 0.72 28.41 -13.36
N VAL D 406 0.29 29.67 -13.34
CA VAL D 406 0.98 30.69 -12.55
C VAL D 406 0.28 31.04 -11.22
N VAL D 407 1.06 31.02 -10.13
CA VAL D 407 0.54 31.34 -8.79
C VAL D 407 1.36 32.44 -8.11
N LYS D 408 0.76 33.12 -7.13
CA LYS D 408 1.46 34.18 -6.37
C LYS D 408 1.40 33.92 -4.86
N VAL D 409 2.41 34.37 -4.12
CA VAL D 409 2.41 34.16 -2.66
C VAL D 409 2.07 35.47 -1.92
N ILE D 410 0.93 35.49 -1.25
CA ILE D 410 0.57 36.65 -0.42
C ILE D 410 1.24 36.53 0.94
N GLY D 411 1.40 35.30 1.43
CA GLY D 411 2.04 35.10 2.71
C GLY D 411 2.06 33.68 3.26
N PHE D 412 2.42 33.58 4.53
CA PHE D 412 2.55 32.28 5.15
C PHE D 412 1.55 32.13 6.29
N TYR D 413 0.80 31.02 6.30
CA TYR D 413 -0.03 30.66 7.44
C TYR D 413 0.71 29.58 8.20
N ASN D 414 1.29 29.95 9.34
CA ASN D 414 2.28 29.11 10.02
C ASN D 414 3.44 28.82 9.09
N ASN D 415 3.73 27.54 8.87
CA ASN D 415 4.89 27.16 8.04
C ASN D 415 4.51 26.82 6.61
N THR D 416 3.24 26.94 6.29
CA THR D 416 2.75 26.68 4.94
C THR D 416 2.36 28.01 4.27
N PRO D 417 2.66 28.14 2.97
CA PRO D 417 2.43 29.39 2.23
C PRO D 417 0.99 29.61 1.81
N GLN D 418 0.57 30.87 1.73
CA GLN D 418 -0.75 31.25 1.25
C GLN D 418 -0.69 31.79 -0.18
N LEU D 419 -1.62 31.37 -1.04
CA LEU D 419 -1.47 31.71 -2.45
C LEU D 419 -2.69 32.42 -3.05
N LYS D 420 -2.41 33.25 -4.06
CA LYS D 420 -3.40 34.03 -4.83
C LYS D 420 -3.29 33.75 -6.31
N PHE D 421 -4.43 33.62 -6.99
CA PHE D 421 -4.42 33.30 -8.41
C PHE D 421 -5.36 34.20 -9.19
N ILE D 422 -4.90 34.66 -10.34
CA ILE D 422 -5.71 35.50 -11.21
C ILE D 422 -5.92 34.82 -12.55
N CYS D 423 -7.19 34.77 -12.95
CA CYS D 423 -7.63 34.37 -14.28
C CYS D 423 -7.66 32.88 -14.53
N ARG D 424 -7.75 32.56 -15.82
CA ARG D 424 -8.19 31.25 -16.27
C ARG D 424 -7.40 30.66 -17.45
N ARG D 425 -6.44 31.38 -18.00
CA ARG D 425 -5.82 30.91 -19.24
C ARG D 425 -4.39 30.37 -19.04
N ASN D 426 -4.21 29.08 -19.32
CA ASN D 426 -2.91 28.41 -19.20
C ASN D 426 -2.36 28.11 -20.58
N LEU D 427 -2.64 29.01 -21.52
CA LEU D 427 -2.68 28.58 -22.91
C LEU D 427 -1.43 28.86 -23.75
N ILE D 428 -0.75 27.77 -24.06
CA ILE D 428 -0.07 27.62 -25.34
C ILE D 428 -0.85 26.47 -25.98
N LEU D 429 -1.11 26.60 -27.27
CA LEU D 429 -1.90 25.59 -27.94
C LEU D 429 -1.11 25.09 -29.12
N SER D 430 -1.62 24.05 -29.75
CA SER D 430 -1.05 23.57 -31.01
C SER D 430 -2.22 23.18 -31.88
N ILE D 431 -1.94 22.48 -32.97
CA ILE D 431 -3.02 21.93 -33.75
C ILE D 431 -3.30 20.51 -33.31
N ASN D 432 -4.52 20.29 -32.81
CA ASN D 432 -5.04 18.95 -32.44
C ASN D 432 -5.27 18.12 -33.63
N ILE D 433 -5.49 16.82 -33.51
CA ILE D 433 -5.90 16.01 -34.66
C ILE D 433 -7.34 15.54 -34.45
N ASP D 434 -7.97 16.09 -33.43
CA ASP D 434 -9.37 15.75 -33.12
C ASP D 434 -10.26 16.72 -33.87
N LYS D 435 -9.69 17.30 -34.89
CA LYS D 435 -10.38 18.24 -35.70
C LYS D 435 -10.42 17.58 -37.08
N ASN D 436 -11.57 17.18 -37.64
CA ASN D 436 -12.80 17.95 -37.79
C ASN D 436 -12.69 19.31 -37.16
N THR D 437 -12.02 20.23 -37.86
CA THR D 437 -11.65 21.58 -37.38
C THR D 437 -12.53 22.05 -36.23
N GLU D 438 -11.96 22.53 -35.12
CA GLU D 438 -12.78 22.93 -33.97
C GLU D 438 -13.95 23.75 -34.43
N ARG D 439 -13.69 24.57 -35.44
CA ARG D 439 -14.74 25.36 -36.03
C ARG D 439 -15.81 24.46 -36.63
N ASP D 440 -15.39 23.32 -37.16
CA ASP D 440 -16.31 22.34 -37.71
C ASP D 440 -17.14 21.70 -36.61
N LEU D 441 -16.49 21.34 -35.50
CA LEU D 441 -17.24 20.68 -34.42
C LEU D 441 -18.25 21.67 -33.86
N GLN D 442 -17.80 22.89 -33.60
CA GLN D 442 -18.68 23.91 -33.01
C GLN D 442 -19.82 24.17 -33.95
N LEU D 443 -19.47 24.25 -35.23
CA LEU D 443 -20.44 24.50 -36.27
C LEU D 443 -21.42 23.33 -36.39
N SER D 444 -20.98 22.13 -36.00
CA SER D 444 -21.85 20.96 -36.10
C SER D 444 -22.92 21.03 -35.03
N VAL D 445 -22.46 21.27 -33.81
CA VAL D 445 -23.36 21.46 -32.69
C VAL D 445 -24.32 22.56 -33.02
N GLU D 446 -23.77 23.70 -33.41
CA GLU D 446 -24.62 24.83 -33.84
C GLU D 446 -25.66 24.44 -34.90
N SER D 447 -25.23 23.73 -35.95
CA SER D 447 -26.17 23.33 -37.01
C SER D 447 -27.30 22.45 -36.48
N ALA D 448 -26.95 21.38 -35.79
CA ALA D 448 -27.96 20.43 -35.27
C ALA D 448 -28.87 21.05 -34.19
N ALA D 449 -28.29 21.93 -33.38
CA ALA D 449 -28.91 22.42 -32.16
C ALA D 449 -30.12 23.24 -32.33
N LYS D 450 -30.23 23.83 -33.50
CA LYS D 450 -31.32 24.76 -33.66
C LYS D 450 -32.60 24.03 -33.95
N ARG D 451 -32.48 22.77 -34.31
CA ARG D 451 -33.61 21.87 -34.27
C ARG D 451 -34.15 21.83 -32.84
N LEU D 452 -33.24 21.94 -31.87
CA LEU D 452 -33.66 22.06 -30.48
C LEU D 452 -34.09 23.49 -30.18
N SER D 453 -33.55 24.45 -30.93
CA SER D 453 -33.88 25.86 -30.67
C SER D 453 -35.31 26.16 -31.09
N GLU D 454 -35.90 25.24 -31.86
CA GLU D 454 -37.32 25.33 -32.22
C GLU D 454 -38.16 25.20 -30.95
N GLU D 455 -37.48 24.83 -29.86
CA GLU D 455 -38.15 24.50 -28.62
C GLU D 455 -37.86 25.53 -27.51
N LYS D 456 -37.38 26.71 -27.93
CA LYS D 456 -36.96 27.80 -27.03
C LYS D 456 -35.72 27.48 -26.19
N ILE D 457 -34.71 26.88 -26.81
CA ILE D 457 -33.52 26.42 -26.09
C ILE D 457 -32.21 26.84 -26.76
N GLU D 458 -31.18 27.11 -25.96
CA GLU D 458 -29.85 27.41 -26.51
C GLU D 458 -28.83 26.38 -26.02
N VAL D 459 -27.76 26.18 -26.79
CA VAL D 459 -26.70 25.28 -26.40
C VAL D 459 -25.67 25.99 -25.52
N ILE D 460 -25.58 25.53 -24.28
CA ILE D 460 -24.67 26.15 -23.34
C ILE D 460 -23.23 25.73 -23.59
N ASP D 461 -23.00 24.44 -23.85
CA ASP D 461 -21.65 23.96 -24.24
C ASP D 461 -21.70 22.58 -24.94
N PHE D 462 -20.55 22.06 -25.40
CA PHE D 462 -20.51 20.86 -26.27
C PHE D 462 -19.16 20.11 -26.30
N SER D 463 -19.20 18.81 -26.61
CA SER D 463 -17.95 18.07 -26.88
C SER D 463 -18.18 16.77 -27.69
N SER D 464 -17.10 16.10 -28.07
CA SER D 464 -17.19 14.90 -28.91
C SER D 464 -16.09 13.87 -28.62
N TYR D 465 -16.30 12.60 -29.00
CA TYR D 465 -15.36 11.52 -28.65
C TYR D 465 -15.23 10.44 -29.74
N ILE D 466 -14.03 9.90 -29.90
CA ILE D 466 -13.74 8.86 -30.90
C ILE D 466 -13.77 7.46 -30.30
N ASP D 467 -14.77 6.66 -30.67
CA ASP D 467 -14.94 5.29 -30.13
C ASP D 467 -14.23 4.26 -31.02
N VAL D 468 -13.12 3.70 -30.55
CA VAL D 468 -12.36 2.76 -31.37
C VAL D 468 -12.60 1.30 -30.95
N SER D 469 -13.51 1.08 -30.02
CA SER D 469 -13.88 -0.28 -29.67
C SER D 469 -14.78 -0.86 -30.75
N THR D 470 -15.60 0.01 -31.35
CA THR D 470 -16.64 -0.39 -32.30
C THR D 470 -16.15 -0.54 -33.73
N ASP D 471 -16.90 -1.31 -34.51
CA ASP D 471 -16.68 -1.45 -35.93
C ASP D 471 -18.01 -1.20 -36.62
N PRO D 472 -18.12 -0.08 -37.34
CA PRO D 472 -17.03 0.90 -37.47
C PRO D 472 -16.96 1.88 -36.28
N GLY D 473 -15.76 2.37 -35.98
CA GLY D 473 -15.59 3.38 -34.95
C GLY D 473 -16.39 4.61 -35.30
N HIS D 474 -16.84 5.36 -34.30
CA HIS D 474 -17.69 6.52 -34.56
C HIS D 474 -17.40 7.69 -33.64
N TYR D 475 -17.64 8.92 -34.11
CA TYR D 475 -17.50 10.02 -33.16
C TYR D 475 -18.80 10.17 -32.42
N ALA D 476 -18.71 10.47 -31.14
CA ALA D 476 -19.91 10.70 -30.37
C ALA D 476 -19.97 12.17 -29.97
N ILE D 477 -21.03 12.86 -30.37
CA ILE D 477 -21.20 14.29 -30.07
C ILE D 477 -21.98 14.54 -28.79
N PHE D 478 -21.47 15.43 -27.94
CA PHE D 478 -22.15 15.69 -26.66
C PHE D 478 -22.51 17.15 -26.46
N TRP D 479 -23.64 17.38 -25.81
CA TRP D 479 -24.15 18.75 -25.70
C TRP D 479 -24.66 19.15 -24.37
N GLU D 480 -24.34 20.37 -24.01
CA GLU D 480 -25.02 21.01 -22.91
C GLU D 480 -26.03 21.99 -23.46
N ILE D 481 -27.27 21.92 -22.98
CA ILE D 481 -28.34 22.78 -23.44
C ILE D 481 -29.18 23.30 -22.26
N SER D 482 -30.02 24.31 -22.48
CA SER D 482 -30.75 24.90 -21.36
C SER D 482 -31.99 24.11 -20.92
N GLY D 483 -32.42 23.11 -21.71
CA GLY D 483 -33.61 22.35 -21.36
C GLY D 483 -33.88 21.07 -22.14
N GLU D 484 -34.98 20.36 -21.81
CA GLU D 484 -35.30 19.06 -22.41
C GLU D 484 -36.18 19.11 -23.69
N THR D 485 -36.27 17.98 -24.42
CA THR D 485 -36.96 17.82 -25.74
C THR D 485 -37.10 16.28 -26.07
N ASN D 486 -37.82 15.85 -27.14
CA ASN D 486 -38.13 14.40 -27.44
C ASN D 486 -37.05 13.69 -28.25
N GLU D 487 -37.14 12.36 -28.29
CA GLU D 487 -36.30 11.50 -29.08
C GLU D 487 -36.21 11.85 -30.62
N ASP D 488 -37.32 11.92 -31.33
CA ASP D 488 -37.25 12.15 -32.76
C ASP D 488 -36.35 13.35 -33.19
N VAL D 489 -36.43 14.48 -32.50
CA VAL D 489 -35.64 15.63 -32.93
C VAL D 489 -34.15 15.45 -32.67
N LEU D 490 -33.78 14.71 -31.62
CA LEU D 490 -32.37 14.55 -31.30
C LEU D 490 -31.73 13.53 -32.24
N GLN D 491 -32.56 12.67 -32.81
CA GLN D 491 -32.11 11.65 -33.76
C GLN D 491 -31.79 12.41 -35.00
N ASP D 492 -32.76 13.19 -35.44
CA ASP D 492 -32.54 14.22 -36.45
C ASP D 492 -31.21 14.95 -36.27
N CYS D 493 -31.01 15.47 -35.06
CA CYS D 493 -29.83 16.23 -34.74
C CYS D 493 -28.56 15.42 -34.95
N CYS D 494 -28.56 14.18 -34.48
CA CYS D 494 -27.36 13.39 -34.61
C CYS D 494 -27.06 13.26 -36.09
N ASN D 495 -28.11 13.11 -36.89
CA ASN D 495 -27.96 13.17 -38.33
C ASN D 495 -27.33 14.51 -38.69
N CYS D 496 -27.78 15.62 -38.09
CA CYS D 496 -27.19 16.89 -38.53
C CYS D 496 -25.72 17.07 -38.12
N LEU D 497 -25.31 16.47 -37.00
CA LEU D 497 -23.91 16.54 -36.62
C LEU D 497 -23.12 15.79 -37.68
N ASP D 498 -23.68 14.70 -38.15
CA ASP D 498 -23.02 14.08 -39.24
C ASP D 498 -23.02 14.96 -40.50
N ARG D 499 -24.11 15.65 -40.73
CA ARG D 499 -24.25 16.45 -41.91
C ARG D 499 -23.48 17.76 -41.81
N ALA D 500 -22.78 18.00 -40.72
CA ALA D 500 -22.28 19.36 -40.51
C ALA D 500 -20.78 19.47 -40.61
N PHE D 501 -20.09 18.43 -40.18
CA PHE D 501 -18.66 18.43 -40.35
C PHE D 501 -18.35 18.62 -41.82
N ILE D 502 -17.78 19.78 -42.09
CA ILE D 502 -17.71 20.41 -43.39
C ILE D 502 -16.73 19.68 -44.34
N ASP D 503 -15.66 19.10 -43.79
CA ASP D 503 -14.59 18.56 -44.64
C ASP D 503 -14.89 17.22 -45.35
N ALA D 504 -14.13 16.99 -46.43
CA ALA D 504 -14.25 15.84 -47.33
C ALA D 504 -13.98 14.46 -46.74
N GLY D 505 -13.10 14.38 -45.76
CA GLY D 505 -12.70 13.06 -45.31
C GLY D 505 -13.76 12.36 -44.55
N TYR D 506 -14.38 13.15 -43.70
CA TYR D 506 -15.55 12.76 -42.99
C TYR D 506 -16.52 12.27 -44.07
N VAL D 507 -16.59 12.98 -45.16
CA VAL D 507 -17.44 12.58 -46.30
C VAL D 507 -17.08 11.23 -46.95
N SER D 508 -15.80 10.96 -47.19
CA SER D 508 -15.46 9.66 -47.74
C SER D 508 -15.84 8.56 -46.74
N SER D 509 -15.40 8.70 -45.50
CA SER D 509 -15.64 7.70 -44.46
C SER D 509 -17.09 7.46 -44.07
N ARG D 510 -17.82 8.49 -43.67
CA ARG D 510 -19.18 8.13 -43.24
C ARG D 510 -20.00 7.61 -44.39
N LYS D 511 -19.67 8.02 -45.61
CA LYS D 511 -20.43 7.55 -46.78
C LYS D 511 -20.02 6.11 -46.96
N CYS D 512 -18.71 5.88 -46.90
CA CYS D 512 -18.21 4.53 -47.02
C CYS D 512 -18.52 3.68 -45.78
N LYS D 513 -18.59 4.34 -44.61
CA LYS D 513 -18.88 3.70 -43.31
C LYS D 513 -17.76 2.84 -42.75
N THR D 514 -16.52 3.14 -43.14
CA THR D 514 -15.39 2.40 -42.61
C THR D 514 -15.16 2.85 -41.18
N ILE D 515 -15.45 4.12 -40.91
CA ILE D 515 -15.61 4.59 -39.53
C ILE D 515 -17.05 5.14 -39.36
N GLY D 516 -17.68 4.77 -38.25
CA GLY D 516 -19.14 4.73 -38.16
C GLY D 516 -19.89 6.01 -37.87
N ALA D 517 -21.18 5.97 -38.14
CA ALA D 517 -22.10 7.10 -37.98
C ALA D 517 -21.97 7.77 -36.61
N LEU D 518 -21.95 9.09 -36.60
CA LEU D 518 -21.85 9.78 -35.31
C LEU D 518 -23.02 9.45 -34.45
N GLU D 519 -22.73 9.31 -33.17
CA GLU D 519 -23.77 9.20 -32.19
C GLU D 519 -23.87 10.52 -31.46
N LEU D 520 -25.06 11.12 -31.46
CA LEU D 520 -25.26 12.30 -30.63
C LEU D 520 -25.89 11.87 -29.34
N ARG D 521 -25.06 11.72 -28.31
CA ARG D 521 -25.57 11.38 -27.00
C ARG D 521 -25.82 12.69 -26.25
N VAL D 522 -27.08 13.15 -26.28
CA VAL D 522 -27.43 14.44 -25.66
C VAL D 522 -27.41 14.36 -24.15
N VAL D 523 -26.75 15.32 -23.52
CA VAL D 523 -26.61 15.32 -22.07
C VAL D 523 -27.28 16.54 -21.42
N ALA D 524 -27.59 16.40 -20.15
CA ALA D 524 -28.31 17.40 -19.41
C ALA D 524 -27.38 18.44 -18.78
N LYS D 525 -27.93 19.30 -17.92
CA LYS D 525 -27.28 20.57 -17.52
C LYS D 525 -26.09 20.42 -16.60
N GLY D 526 -25.09 21.27 -16.83
CA GLY D 526 -23.95 21.32 -15.93
C GLY D 526 -22.83 20.34 -16.23
N THR D 527 -22.95 19.56 -17.30
CA THR D 527 -21.90 18.61 -17.67
C THR D 527 -20.55 19.30 -17.86
N PHE D 528 -20.50 20.32 -18.68
CA PHE D 528 -19.25 21.04 -18.91
C PHE D 528 -18.94 21.85 -17.68
N ARG D 529 -19.99 22.20 -16.95
CA ARG D 529 -19.85 22.87 -15.68
C ARG D 529 -19.12 21.92 -14.71
N LYS D 530 -19.45 20.64 -14.75
CA LYS D 530 -18.76 19.66 -13.88
C LYS D 530 -17.28 19.62 -14.20
N ILE D 531 -16.97 19.68 -15.47
CA ILE D 531 -15.59 19.66 -15.93
C ILE D 531 -14.83 20.93 -15.48
N GLN D 532 -15.46 22.10 -15.56
CA GLN D 532 -14.77 23.35 -15.28
C GLN D 532 -14.61 23.51 -13.80
N GLU D 533 -15.71 23.19 -13.11
CA GLU D 533 -15.77 23.12 -11.66
C GLU D 533 -14.56 22.38 -11.18
N HIS D 534 -14.30 21.28 -11.86
CA HIS D 534 -13.15 20.45 -11.61
C HIS D 534 -11.84 21.17 -11.89
N PHE D 535 -11.79 21.85 -13.03
CA PHE D 535 -10.49 22.36 -13.45
C PHE D 535 -10.00 23.48 -12.54
N LEU D 536 -10.75 24.55 -12.31
CA LEU D 536 -10.26 25.55 -11.35
C LEU D 536 -10.16 24.90 -9.96
N GLY D 537 -10.97 23.87 -9.75
CA GLY D 537 -10.77 23.00 -8.62
C GLY D 537 -9.43 22.23 -8.65
N LEU D 538 -8.68 22.27 -9.75
CA LEU D 538 -7.39 21.56 -9.77
C LEU D 538 -6.44 22.10 -8.73
N GLY D 539 -6.68 23.33 -8.31
CA GLY D 539 -5.93 23.90 -7.22
C GLY D 539 -4.42 23.91 -7.42
N SER D 540 -3.97 24.01 -8.67
CA SER D 540 -2.56 24.25 -8.89
C SER D 540 -2.42 25.45 -9.80
N SER D 541 -3.55 26.09 -10.09
CA SER D 541 -3.64 26.77 -11.36
C SER D 541 -4.34 28.13 -11.41
N ALA D 542 -3.91 28.95 -12.38
CA ALA D 542 -4.59 30.20 -12.72
C ALA D 542 -4.73 30.27 -14.23
N GLY D 543 -4.55 29.12 -14.86
CA GLY D 543 -4.96 28.89 -16.23
C GLY D 543 -5.62 27.53 -16.14
N GLN D 544 -6.80 27.36 -16.74
CA GLN D 544 -7.61 26.24 -16.34
C GLN D 544 -9.03 26.20 -16.92
N PHE D 545 -9.36 27.17 -17.76
CA PHE D 545 -10.76 27.37 -18.15
C PHE D 545 -11.09 26.82 -19.53
N LYS D 546 -10.09 26.44 -20.31
CA LYS D 546 -10.41 25.93 -21.64
C LYS D 546 -10.77 24.43 -21.61
N MET D 547 -11.90 24.11 -22.21
CA MET D 547 -12.36 22.74 -22.34
C MET D 547 -11.93 22.15 -23.68
N PRO D 548 -11.31 20.96 -23.67
CA PRO D 548 -11.00 20.38 -24.98
C PRO D 548 -12.24 19.93 -25.77
N ARG D 549 -12.25 20.22 -27.06
CA ARG D 549 -13.45 20.09 -27.89
C ARG D 549 -13.75 18.69 -28.42
N CYS D 550 -12.72 17.95 -28.83
CA CYS D 550 -12.95 16.57 -29.25
C CYS D 550 -12.04 15.58 -28.53
N VAL D 551 -12.64 14.46 -28.12
CA VAL D 551 -11.98 13.47 -27.27
C VAL D 551 -11.30 12.33 -28.04
N LYS D 552 -9.98 12.37 -28.10
CA LYS D 552 -9.15 11.22 -28.47
C LYS D 552 -9.40 10.17 -27.40
N PRO D 553 -9.05 8.91 -27.65
CA PRO D 553 -9.23 7.98 -26.55
C PRO D 553 -8.58 8.49 -25.27
N SER D 554 -7.65 9.44 -25.40
CA SER D 554 -6.96 10.00 -24.25
C SER D 554 -7.71 11.10 -23.47
N ASN D 555 -8.83 11.64 -23.90
CA ASN D 555 -9.53 12.55 -22.98
C ASN D 555 -10.50 11.79 -22.06
N ALA D 556 -10.52 12.14 -20.78
CA ALA D 556 -11.24 11.32 -19.81
C ALA D 556 -12.28 12.00 -18.93
N LYS D 557 -12.01 13.24 -18.50
CA LYS D 557 -12.96 13.99 -17.68
C LYS D 557 -14.24 14.02 -18.45
N VAL D 558 -14.17 14.61 -19.63
CA VAL D 558 -15.28 14.59 -20.55
C VAL D 558 -15.72 13.15 -20.83
N LEU D 559 -14.82 12.20 -20.98
CA LEU D 559 -15.29 10.87 -21.38
C LEU D 559 -16.15 10.21 -20.29
N GLN D 560 -15.76 10.37 -19.02
CA GLN D 560 -16.54 9.81 -17.93
C GLN D 560 -17.97 10.34 -17.87
N ILE D 561 -18.08 11.65 -18.00
CA ILE D 561 -19.31 12.37 -17.80
C ILE D 561 -20.33 12.12 -18.91
N LEU D 562 -19.80 11.73 -20.07
CA LEU D 562 -20.60 11.58 -21.29
C LEU D 562 -21.68 10.47 -21.31
N CYS D 563 -21.33 9.21 -21.11
CA CYS D 563 -22.24 8.12 -21.52
C CYS D 563 -23.48 7.84 -20.63
N GLU D 564 -23.33 7.83 -19.31
CA GLU D 564 -24.46 7.44 -18.46
C GLU D 564 -25.57 8.50 -18.43
N ASN D 565 -25.20 9.78 -18.43
CA ASN D 565 -26.20 10.83 -18.30
C ASN D 565 -26.84 11.24 -19.61
N VAL D 566 -26.72 10.35 -20.57
CA VAL D 566 -27.42 10.51 -21.82
C VAL D 566 -28.92 10.40 -21.59
N VAL D 567 -29.60 11.54 -21.62
CA VAL D 567 -31.06 11.53 -21.57
C VAL D 567 -31.58 10.92 -22.85
N SER D 568 -30.88 11.24 -23.93
CA SER D 568 -31.20 10.75 -25.26
C SER D 568 -29.95 10.64 -26.10
N SER D 569 -29.71 9.45 -26.66
CA SER D 569 -28.58 9.25 -27.57
C SER D 569 -29.03 8.70 -28.90
N TYR D 570 -28.22 8.91 -29.92
CA TYR D 570 -28.65 8.46 -31.24
C TYR D 570 -27.65 8.10 -32.25
N PHE D 571 -27.96 7.03 -32.97
CA PHE D 571 -27.20 6.68 -34.13
C PHE D 571 -28.03 7.10 -35.32
N SER D 572 -27.40 7.83 -36.23
CA SER D 572 -28.08 8.49 -37.32
C SER D 572 -29.02 7.61 -38.13
N THR D 573 -30.27 8.04 -38.24
CA THR D 573 -31.25 7.35 -39.08
C THR D 573 -31.13 7.84 -40.51
N ALA D 574 -30.24 8.81 -40.71
CA ALA D 574 -29.79 9.20 -42.02
C ALA D 574 -28.81 8.14 -42.44
N PHE D 575 -28.19 8.33 -43.60
CA PHE D 575 -27.29 7.33 -44.14
C PHE D 575 -28.00 5.99 -44.39
N LEU E 10 -38.73 52.35 -46.66
CA LEU E 10 -38.77 51.09 -45.89
C LEU E 10 -39.89 50.14 -46.31
N PRO E 11 -39.52 48.90 -46.62
CA PRO E 11 -40.45 47.86 -47.09
C PRO E 11 -41.39 47.49 -45.99
N ILE E 12 -42.70 47.58 -46.22
CA ILE E 12 -43.64 47.23 -45.16
C ILE E 12 -44.31 45.91 -45.46
N LEU E 13 -44.15 44.95 -44.54
CA LEU E 13 -44.71 43.61 -44.71
C LEU E 13 -45.96 43.35 -43.87
N LEU E 14 -47.01 42.98 -44.58
CA LEU E 14 -48.23 42.55 -43.94
C LEU E 14 -48.08 41.06 -43.74
N ASP E 15 -47.90 40.64 -42.50
CA ASP E 15 -47.65 39.24 -42.19
C ASP E 15 -48.51 38.65 -41.06
N TYR E 16 -48.36 37.35 -40.83
CA TYR E 16 -49.16 36.63 -39.86
C TYR E 16 -48.21 35.61 -39.21
N TRP E 17 -48.22 35.56 -37.88
CA TRP E 17 -47.20 34.82 -37.14
C TRP E 17 -47.06 33.34 -37.56
N PRO E 18 -48.17 32.60 -37.81
CA PRO E 18 -47.82 31.27 -38.30
C PRO E 18 -47.93 31.17 -39.82
N SER E 19 -47.93 32.26 -40.57
CA SER E 19 -48.05 32.06 -42.01
C SER E 19 -46.77 31.45 -42.58
N MET E 20 -46.86 30.18 -42.98
CA MET E 20 -45.77 29.54 -43.74
C MET E 20 -45.43 30.36 -44.97
N PHE E 21 -46.43 31.10 -45.46
CA PHE E 21 -46.30 31.96 -46.63
C PHE E 21 -45.73 33.30 -46.22
N GLY E 22 -46.32 33.93 -45.21
CA GLY E 22 -45.67 35.06 -44.55
C GLY E 22 -44.21 34.77 -44.22
N MET E 23 -43.91 33.53 -43.83
CA MET E 23 -42.51 33.12 -43.61
C MET E 23 -41.76 32.96 -44.93
N ARG E 24 -42.44 32.49 -45.98
CA ARG E 24 -41.83 32.57 -47.30
C ARG E 24 -41.41 34.00 -47.62
N ALA E 25 -42.22 35.01 -47.29
CA ALA E 25 -41.78 36.37 -47.60
C ALA E 25 -40.61 36.83 -46.72
N ARG E 26 -40.75 36.64 -45.41
CA ARG E 26 -39.74 37.08 -44.46
C ARG E 26 -38.40 36.39 -44.70
N VAL E 27 -38.44 35.09 -45.01
CA VAL E 27 -37.21 34.39 -45.30
C VAL E 27 -36.56 34.98 -46.57
N ALA E 28 -37.34 35.29 -47.62
CA ALA E 28 -36.75 35.82 -48.88
C ALA E 28 -36.07 37.12 -48.65
N LEU E 29 -36.81 38.07 -48.09
CA LEU E 29 -36.25 39.38 -47.82
C LEU E 29 -35.00 39.31 -46.93
N ARG E 30 -35.12 38.71 -45.75
CA ARG E 30 -33.99 38.61 -44.82
C ARG E 30 -32.82 37.83 -45.39
N GLU E 31 -33.10 36.91 -46.30
CA GLU E 31 -32.03 36.18 -47.00
C GLU E 31 -31.26 37.13 -47.94
N LYS E 32 -31.99 38.05 -48.56
CA LYS E 32 -31.33 39.00 -49.45
C LYS E 32 -30.49 40.00 -48.69
N GLY E 33 -31.11 40.80 -47.80
CA GLY E 33 -30.33 41.80 -47.10
C GLY E 33 -31.05 43.13 -47.01
N VAL E 34 -32.35 43.05 -46.77
CA VAL E 34 -33.16 44.22 -46.59
C VAL E 34 -33.43 44.43 -45.10
N GLU E 35 -33.43 45.67 -44.65
CA GLU E 35 -34.06 45.95 -43.37
C GLU E 35 -35.53 46.33 -43.62
N PHE E 36 -36.47 45.58 -43.06
CA PHE E 36 -37.90 45.75 -43.37
C PHE E 36 -38.73 45.68 -42.10
N GLU E 37 -39.97 46.17 -42.14
CA GLU E 37 -40.81 46.17 -40.93
C GLU E 37 -41.99 45.23 -41.08
N TYR E 38 -42.30 44.56 -39.98
CA TYR E 38 -43.35 43.56 -39.93
C TYR E 38 -44.59 44.11 -39.23
N ARG E 39 -45.76 43.95 -39.85
CA ARG E 39 -47.02 44.28 -39.19
C ARG E 39 -47.91 43.03 -39.05
N GLU E 40 -48.32 42.74 -37.82
CA GLU E 40 -49.03 41.49 -37.54
C GLU E 40 -50.50 41.66 -37.78
N GLU E 41 -51.13 40.64 -38.36
CA GLU E 41 -52.51 40.78 -38.81
C GLU E 41 -53.51 40.12 -37.89
N ASP E 42 -54.62 40.82 -37.69
CA ASP E 42 -55.79 40.25 -37.07
C ASP E 42 -56.68 40.03 -38.26
N PHE E 43 -56.75 38.80 -38.75
CA PHE E 43 -57.50 38.57 -39.98
C PHE E 43 -58.96 38.76 -39.81
N SER E 44 -59.37 38.90 -38.56
CA SER E 44 -60.67 39.37 -38.15
C SER E 44 -60.82 40.84 -38.52
N ASN E 45 -59.70 41.57 -38.51
CA ASN E 45 -59.71 42.96 -38.97
C ASN E 45 -58.56 43.24 -39.93
N LYS E 46 -58.76 42.89 -41.19
CA LYS E 46 -57.74 43.04 -42.24
C LYS E 46 -57.49 44.51 -42.55
N SER E 47 -56.22 44.90 -42.49
CA SER E 47 -55.81 46.31 -42.47
C SER E 47 -56.30 47.16 -43.64
N PRO E 48 -56.52 48.47 -43.37
CA PRO E 48 -56.87 49.44 -44.41
C PRO E 48 -55.84 49.48 -45.52
N LEU E 49 -54.57 49.24 -45.20
CA LEU E 49 -53.52 49.20 -46.22
C LEU E 49 -53.52 47.83 -46.89
N LEU E 50 -53.84 46.80 -46.12
CA LEU E 50 -54.01 45.43 -46.64
C LEU E 50 -55.24 45.30 -47.53
N LEU E 51 -56.36 45.90 -47.11
CA LEU E 51 -57.60 45.82 -47.88
C LEU E 51 -57.50 46.70 -49.12
N GLN E 52 -56.44 47.51 -49.18
CA GLN E 52 -56.15 48.28 -50.37
C GLN E 52 -55.10 47.54 -51.21
N SER E 53 -54.44 46.57 -50.61
CA SER E 53 -53.37 45.85 -51.30
C SER E 53 -54.00 44.71 -52.10
N ASN E 54 -54.87 43.94 -51.45
CA ASN E 54 -55.67 42.90 -52.12
C ASN E 54 -57.12 42.98 -51.63
N PRO E 55 -57.95 43.78 -52.28
CA PRO E 55 -59.31 44.00 -51.76
C PRO E 55 -60.24 42.80 -51.84
N ILE E 56 -59.78 41.71 -52.47
CA ILE E 56 -60.64 40.55 -52.69
C ILE E 56 -60.11 39.25 -52.06
N HIS E 57 -58.86 38.89 -52.33
CA HIS E 57 -58.20 37.77 -51.64
C HIS E 57 -58.11 38.10 -50.17
N LYS E 58 -57.71 39.35 -49.92
CA LYS E 58 -57.45 39.87 -48.58
C LYS E 58 -56.35 39.02 -47.91
N LYS E 59 -55.41 38.55 -48.72
CA LYS E 59 -54.47 37.52 -48.27
C LYS E 59 -53.00 37.97 -48.24
N ILE E 60 -52.22 37.41 -47.32
CA ILE E 60 -50.83 37.82 -47.13
C ILE E 60 -49.91 36.68 -47.57
N PRO E 61 -48.58 36.88 -47.59
CA PRO E 61 -47.75 38.05 -47.28
C PRO E 61 -47.95 39.18 -48.28
N VAL E 62 -47.74 40.41 -47.81
CA VAL E 62 -47.79 41.57 -48.69
C VAL E 62 -46.57 42.45 -48.44
N LEU E 63 -45.72 42.63 -49.44
CA LEU E 63 -44.57 43.52 -49.27
C LEU E 63 -44.89 44.81 -50.00
N VAL E 64 -44.77 45.95 -49.33
CA VAL E 64 -45.13 47.20 -50.00
C VAL E 64 -43.86 48.02 -50.31
N HIS E 65 -43.62 48.25 -51.60
CA HIS E 65 -42.42 48.94 -52.10
C HIS E 65 -42.79 50.01 -53.14
N ASN E 66 -42.27 51.21 -52.96
CA ASN E 66 -42.65 52.41 -53.75
C ASN E 66 -44.13 52.74 -53.56
N GLY E 67 -44.74 52.15 -52.54
CA GLY E 67 -46.17 52.30 -52.32
C GLY E 67 -46.92 51.42 -53.29
N LYS E 68 -46.27 50.33 -53.69
CA LYS E 68 -46.93 49.38 -54.57
C LYS E 68 -46.96 48.01 -53.91
N PRO E 69 -48.18 47.46 -53.72
CA PRO E 69 -48.38 46.18 -53.02
C PRO E 69 -47.92 45.00 -53.83
N VAL E 70 -47.16 44.13 -53.21
CA VAL E 70 -46.67 42.99 -53.93
C VAL E 70 -47.19 41.75 -53.18
N CYS E 71 -47.90 40.88 -53.88
CA CYS E 71 -48.75 39.89 -53.21
C CYS E 71 -48.40 38.46 -53.63
N GLU E 72 -48.91 37.48 -52.88
CA GLU E 72 -48.59 36.04 -53.04
C GLU E 72 -47.14 35.70 -52.68
N SER E 73 -46.96 34.60 -51.96
CA SER E 73 -45.66 34.25 -51.34
C SER E 73 -44.52 34.06 -52.33
N LEU E 74 -44.72 33.19 -53.32
CA LEU E 74 -43.66 32.95 -54.29
C LEU E 74 -43.51 34.17 -55.19
N ASN E 75 -44.61 34.83 -55.52
CA ASN E 75 -44.53 36.09 -56.26
C ASN E 75 -43.58 37.01 -55.52
N VAL E 76 -43.85 37.21 -54.22
CA VAL E 76 -43.07 38.06 -53.30
C VAL E 76 -41.58 37.73 -53.21
N VAL E 77 -41.22 36.46 -53.09
CA VAL E 77 -39.81 36.10 -53.06
C VAL E 77 -39.09 36.33 -54.40
N GLN E 78 -39.71 36.12 -55.54
CA GLN E 78 -38.96 36.46 -56.76
C GLN E 78 -39.02 37.97 -56.93
N TYR E 79 -40.03 38.60 -56.32
CA TYR E 79 -39.98 40.05 -56.21
C TYR E 79 -38.71 40.37 -55.46
N VAL E 80 -38.39 39.54 -54.45
CA VAL E 80 -37.18 39.72 -53.64
C VAL E 80 -35.95 39.63 -54.54
N ASP E 81 -35.85 38.58 -55.35
CA ASP E 81 -34.73 38.42 -56.27
C ASP E 81 -34.50 39.64 -57.15
N GLU E 82 -35.60 40.15 -57.71
CA GLU E 82 -35.52 41.15 -58.77
C GLU E 82 -35.43 42.58 -58.23
N ALA E 83 -35.79 42.77 -56.96
CA ALA E 83 -35.77 44.11 -56.38
C ALA E 83 -34.36 44.54 -55.93
N TRP E 84 -33.49 43.56 -55.70
CA TRP E 84 -32.08 43.80 -55.37
C TRP E 84 -31.15 42.80 -56.07
N PRO E 85 -30.96 42.95 -57.40
CA PRO E 85 -30.29 41.96 -58.25
C PRO E 85 -28.75 42.06 -58.30
N GLU E 86 -28.08 42.09 -57.16
CA GLU E 86 -26.64 42.36 -57.18
C GLU E 86 -25.80 41.46 -56.28
N LYS E 87 -26.43 40.88 -55.27
CA LYS E 87 -25.70 40.18 -54.22
C LYS E 87 -26.05 38.70 -54.10
N ASN E 88 -27.25 38.42 -53.61
CA ASN E 88 -27.65 37.04 -53.31
C ASN E 88 -28.73 36.56 -54.27
N PRO E 89 -28.33 35.91 -55.36
CA PRO E 89 -29.27 35.36 -56.34
C PRO E 89 -29.91 34.06 -55.84
N PHE E 90 -31.20 33.83 -56.08
CA PHE E 90 -31.69 32.54 -55.61
C PHE E 90 -31.66 31.49 -56.72
N PHE E 91 -31.79 31.94 -57.96
CA PHE E 91 -31.72 31.04 -59.11
C PHE E 91 -30.25 30.91 -59.52
N PRO E 92 -29.91 29.85 -60.27
CA PRO E 92 -28.66 29.77 -61.00
C PRO E 92 -28.78 30.55 -62.32
N SER E 93 -27.74 30.49 -63.15
CA SER E 93 -27.66 31.32 -64.35
C SER E 93 -28.45 30.80 -65.55
N ASP E 94 -28.63 29.49 -65.65
CA ASP E 94 -29.35 28.95 -66.81
C ASP E 94 -30.87 29.14 -66.72
N PRO E 95 -31.57 29.24 -67.87
CA PRO E 95 -33.04 29.26 -67.81
C PRO E 95 -33.61 27.92 -67.33
N TYR E 96 -32.95 26.81 -67.63
CA TYR E 96 -33.55 25.50 -67.32
C TYR E 96 -33.53 25.21 -65.84
N GLY E 97 -32.45 25.60 -65.19
CA GLY E 97 -32.33 25.41 -63.75
C GLY E 97 -33.35 26.29 -63.07
N ARG E 98 -33.59 27.45 -63.66
CA ARG E 98 -34.63 28.36 -63.22
C ARG E 98 -35.97 27.67 -63.30
N ALA E 99 -36.17 27.04 -64.44
CA ALA E 99 -37.42 26.37 -64.68
C ALA E 99 -37.59 25.11 -63.80
N GLN E 100 -36.47 24.49 -63.41
CA GLN E 100 -36.56 23.35 -62.49
C GLN E 100 -37.01 23.78 -61.10
N ALA E 101 -36.46 24.92 -60.69
CA ALA E 101 -36.76 25.52 -59.41
C ALA E 101 -38.23 25.91 -59.27
N ARG E 102 -38.70 26.69 -60.25
CA ARG E 102 -40.09 27.11 -60.28
C ARG E 102 -40.95 25.86 -60.26
N PHE E 103 -40.56 24.87 -61.06
CA PHE E 103 -41.22 23.57 -61.12
C PHE E 103 -41.47 23.04 -59.73
N TRP E 104 -40.40 22.92 -58.95
CA TRP E 104 -40.44 22.34 -57.62
C TRP E 104 -41.10 23.31 -56.63
N ALA E 105 -41.07 24.61 -56.90
CA ALA E 105 -41.81 25.50 -56.01
C ALA E 105 -43.31 25.26 -56.19
N ASP E 106 -43.70 25.02 -57.43
CA ASP E 106 -45.05 24.64 -57.73
C ASP E 106 -45.41 23.33 -57.02
N PHE E 107 -44.41 22.43 -56.92
CA PHE E 107 -44.60 21.17 -56.17
C PHE E 107 -44.88 21.38 -54.70
N VAL E 108 -44.04 22.21 -54.09
CA VAL E 108 -44.23 22.59 -52.70
C VAL E 108 -45.66 23.08 -52.51
N ASP E 109 -46.18 23.80 -53.51
CA ASP E 109 -47.46 24.48 -53.32
C ASP E 109 -48.74 23.65 -53.48
N LYS E 110 -48.68 22.49 -54.13
CA LYS E 110 -49.90 21.73 -54.41
C LYS E 110 -50.13 20.58 -53.42
N LYS E 111 -49.72 19.37 -53.76
CA LYS E 111 -50.20 18.21 -53.00
C LYS E 111 -49.54 18.21 -51.64
N PHE E 112 -48.40 18.87 -51.58
CA PHE E 112 -47.61 19.00 -50.37
C PHE E 112 -48.36 19.81 -49.30
N THR E 113 -48.72 21.03 -49.69
CA THR E 113 -49.43 21.96 -48.80
C THR E 113 -50.77 21.42 -48.37
N ASP E 114 -51.54 20.93 -49.34
CA ASP E 114 -52.82 20.35 -49.02
C ASP E 114 -52.65 19.15 -48.08
N ALA E 115 -51.65 18.32 -48.32
CA ALA E 115 -51.48 17.11 -47.54
C ALA E 115 -51.17 17.46 -46.09
N GLN E 116 -50.38 18.50 -45.86
CA GLN E 116 -50.07 18.93 -44.49
C GLN E 116 -51.32 19.53 -43.86
N PHE E 117 -51.97 20.39 -44.64
CA PHE E 117 -53.24 20.94 -44.25
C PHE E 117 -54.19 19.82 -43.77
N LYS E 118 -54.07 18.64 -44.37
CA LYS E 118 -54.87 17.50 -43.97
C LYS E 118 -54.35 16.86 -42.69
N VAL E 119 -53.04 16.80 -42.54
CA VAL E 119 -52.52 16.05 -41.40
C VAL E 119 -52.74 16.76 -40.08
N TRP E 120 -52.65 18.09 -40.04
CA TRP E 120 -52.88 18.82 -38.78
C TRP E 120 -54.28 19.45 -38.73
N GLY E 121 -54.93 19.55 -39.88
CA GLY E 121 -56.21 20.23 -40.00
C GLY E 121 -57.46 19.37 -39.97
N LYS E 122 -57.34 18.08 -40.27
CA LYS E 122 -58.50 17.18 -40.32
C LYS E 122 -58.16 15.82 -39.71
N LYS E 123 -59.16 14.95 -39.60
CA LYS E 123 -58.97 13.65 -38.92
C LYS E 123 -59.67 12.46 -39.60
N GLY E 124 -59.23 11.28 -39.21
CA GLY E 124 -59.85 10.02 -39.65
C GLY E 124 -59.68 9.62 -41.11
N GLU E 125 -60.81 9.46 -41.80
CA GLU E 125 -60.81 9.10 -43.22
C GLU E 125 -60.06 10.15 -44.06
N GLU E 126 -60.30 11.43 -43.82
CA GLU E 126 -59.43 12.50 -44.36
C GLU E 126 -57.95 12.40 -43.96
N GLN E 127 -57.69 12.05 -42.70
CA GLN E 127 -56.35 12.13 -42.15
C GLN E 127 -55.32 11.22 -42.85
N GLU E 128 -55.53 9.90 -42.80
CA GLU E 128 -54.54 8.95 -43.38
C GLU E 128 -54.29 9.21 -44.83
N ALA E 129 -55.33 9.63 -45.55
CA ALA E 129 -55.17 10.07 -46.93
C ALA E 129 -54.06 11.13 -46.99
N GLY E 130 -54.22 12.17 -46.18
CA GLY E 130 -53.21 13.20 -46.13
C GLY E 130 -51.90 12.70 -45.54
N LYS E 131 -51.96 11.64 -44.74
CA LYS E 131 -50.74 11.16 -44.12
C LYS E 131 -49.91 10.43 -45.18
N LYS E 132 -50.54 9.56 -45.94
CA LYS E 132 -49.82 8.85 -47.00
C LYS E 132 -49.42 9.83 -48.09
N GLU E 133 -50.22 10.88 -48.29
CA GLU E 133 -49.86 11.93 -49.23
C GLU E 133 -48.61 12.64 -48.81
N PHE E 134 -48.51 12.99 -47.53
CA PHE E 134 -47.37 13.79 -47.12
C PHE E 134 -46.14 12.92 -47.06
N ILE E 135 -46.28 11.63 -46.73
CA ILE E 135 -45.06 10.81 -46.70
C ILE E 135 -44.57 10.63 -48.13
N GLU E 136 -45.50 10.43 -49.06
CA GLU E 136 -45.15 10.35 -50.47
C GLU E 136 -44.45 11.62 -50.92
N ALA E 137 -44.99 12.77 -50.50
CA ALA E 137 -44.41 14.08 -50.85
C ALA E 137 -42.98 14.23 -50.35
N VAL E 138 -42.78 14.05 -49.05
CA VAL E 138 -41.44 14.16 -48.49
C VAL E 138 -40.49 13.11 -49.13
N LYS E 139 -41.04 12.04 -49.70
CA LYS E 139 -40.22 10.99 -50.33
C LYS E 139 -39.75 11.40 -51.76
N ILE E 140 -40.65 11.95 -52.59
CA ILE E 140 -40.22 12.47 -53.91
C ILE E 140 -39.24 13.61 -53.68
N LEU E 141 -39.58 14.38 -52.65
CA LEU E 141 -38.73 15.43 -52.14
C LEU E 141 -37.34 14.96 -51.82
N GLU E 142 -37.31 13.93 -50.97
CA GLU E 142 -36.07 13.32 -50.53
C GLU E 142 -35.28 12.87 -51.76
N SER E 143 -35.98 12.32 -52.74
CA SER E 143 -35.33 11.84 -53.95
C SER E 143 -34.63 12.99 -54.71
N GLU E 144 -35.30 14.14 -54.85
CA GLU E 144 -34.70 15.23 -55.62
C GLU E 144 -33.67 16.05 -54.86
N LEU E 145 -33.77 16.08 -53.54
CA LEU E 145 -32.68 16.65 -52.76
C LEU E 145 -31.41 15.88 -53.07
N GLY E 146 -31.55 14.57 -53.17
CA GLY E 146 -30.44 13.69 -53.56
C GLY E 146 -29.23 13.88 -52.68
N ASP E 147 -28.65 15.07 -52.72
CA ASP E 147 -27.35 15.34 -52.13
C ASP E 147 -27.08 16.81 -51.87
N LYS E 148 -27.69 17.66 -52.67
CA LYS E 148 -27.41 19.10 -52.70
C LYS E 148 -27.66 19.72 -51.30
N PRO E 149 -26.82 20.69 -50.89
CA PRO E 149 -27.01 21.39 -49.61
C PRO E 149 -28.38 22.03 -49.58
N TYR E 150 -28.77 22.48 -50.75
CA TYR E 150 -30.04 23.14 -50.90
C TYR E 150 -30.85 22.57 -52.04
N PHE E 151 -31.31 23.43 -52.94
CA PHE E 151 -32.34 23.00 -53.87
C PHE E 151 -32.25 23.85 -55.11
N GLY E 152 -32.13 25.16 -54.90
CA GLY E 152 -32.35 26.13 -55.96
C GLY E 152 -31.16 26.51 -56.81
N GLY E 153 -29.99 26.09 -56.39
CA GLY E 153 -28.77 26.49 -57.08
C GLY E 153 -27.71 25.80 -56.26
N ASP E 154 -26.46 26.24 -56.34
CA ASP E 154 -25.45 25.58 -55.52
C ASP E 154 -25.45 26.08 -54.06
N SER E 155 -26.21 27.13 -53.79
CA SER E 155 -26.37 27.61 -52.42
C SER E 155 -27.83 27.75 -52.04
N PHE E 156 -28.07 28.55 -51.00
CA PHE E 156 -29.43 28.87 -50.58
C PHE E 156 -30.19 29.48 -51.77
N GLY E 157 -31.35 28.93 -52.09
CA GLY E 157 -31.98 29.31 -53.34
C GLY E 157 -33.42 29.70 -53.14
N TYR E 158 -34.16 29.64 -54.23
CA TYR E 158 -35.54 30.08 -54.26
C TYR E 158 -36.44 29.15 -53.48
N VAL E 159 -36.33 27.87 -53.76
CA VAL E 159 -37.31 26.97 -53.19
C VAL E 159 -36.88 26.50 -51.78
N ASP E 160 -35.58 26.57 -51.41
CA ASP E 160 -35.26 26.34 -49.99
C ASP E 160 -36.11 27.28 -49.17
N ILE E 161 -36.20 28.50 -49.66
CA ILE E 161 -37.15 29.45 -49.10
C ILE E 161 -38.60 28.95 -49.13
N SER E 162 -39.03 28.44 -50.30
CA SER E 162 -40.39 27.92 -50.47
C SER E 162 -40.74 26.83 -49.46
N LEU E 163 -39.84 25.87 -49.23
CA LEU E 163 -40.22 24.69 -48.40
C LEU E 163 -39.56 24.65 -47.00
N ILE E 164 -38.57 25.51 -46.71
CA ILE E 164 -37.98 25.50 -45.36
C ILE E 164 -38.99 25.91 -44.30
N THR E 165 -39.89 26.82 -44.68
CA THR E 165 -40.77 27.43 -43.71
C THR E 165 -41.81 26.42 -43.18
N PHE E 166 -41.99 25.29 -43.87
CA PHE E 166 -42.84 24.19 -43.41
C PHE E 166 -42.24 23.36 -42.27
N SER E 167 -40.95 23.56 -41.98
CA SER E 167 -40.26 22.72 -40.99
C SER E 167 -40.48 23.13 -39.55
N SER E 168 -41.28 24.15 -39.33
CA SER E 168 -41.60 24.49 -37.95
C SER E 168 -42.97 23.90 -37.66
N TRP E 169 -43.68 23.53 -38.74
CA TRP E 169 -44.92 22.80 -38.58
C TRP E 169 -44.68 21.33 -38.50
N PHE E 170 -43.45 20.93 -38.74
CA PHE E 170 -43.14 19.50 -38.76
C PHE E 170 -43.51 18.85 -37.43
N GLN E 171 -43.34 19.61 -36.34
CA GLN E 171 -43.74 19.17 -35.01
C GLN E 171 -45.25 18.91 -34.91
N ALA E 172 -46.06 19.81 -35.44
CA ALA E 172 -47.51 19.63 -35.42
C ALA E 172 -47.87 18.35 -36.17
N TYR E 173 -47.20 18.16 -37.29
CA TYR E 173 -47.44 17.03 -38.17
C TYR E 173 -47.05 15.75 -37.44
N GLU E 174 -45.97 15.83 -36.68
CA GLU E 174 -45.48 14.65 -35.98
C GLU E 174 -46.43 14.26 -34.85
N LYS E 175 -47.04 15.24 -34.20
CA LYS E 175 -47.89 14.92 -33.06
C LYS E 175 -49.34 14.58 -33.44
N PHE E 176 -49.99 15.41 -34.26
CA PHE E 176 -51.38 15.13 -34.63
C PHE E 176 -51.32 13.89 -35.50
N GLY E 177 -50.41 13.90 -36.46
CA GLY E 177 -50.08 12.68 -37.18
C GLY E 177 -49.78 11.52 -36.26
N ASN E 178 -49.40 11.81 -35.01
CA ASN E 178 -48.66 10.91 -34.11
C ASN E 178 -47.74 10.02 -34.92
N PHE E 179 -47.00 10.69 -35.80
CA PHE E 179 -46.10 10.03 -36.73
C PHE E 179 -44.70 10.30 -36.30
N SER E 180 -43.83 10.23 -37.29
CA SER E 180 -42.44 10.65 -37.19
C SER E 180 -41.93 10.64 -38.62
N ILE E 181 -41.97 11.81 -39.26
CA ILE E 181 -41.72 11.87 -40.71
C ILE E 181 -40.23 11.74 -41.02
N GLU E 182 -39.47 11.20 -40.07
CA GLU E 182 -38.03 11.19 -40.17
C GLU E 182 -37.42 9.82 -40.46
N SER E 183 -37.98 8.73 -39.92
CA SER E 183 -37.40 7.42 -40.20
C SER E 183 -37.84 6.92 -41.58
N GLU E 184 -38.81 7.63 -42.15
CA GLU E 184 -39.30 7.33 -43.48
C GLU E 184 -38.57 8.20 -44.50
N SER E 185 -38.33 9.45 -44.12
CA SER E 185 -37.48 10.33 -44.94
C SER E 185 -36.73 11.35 -44.12
N PRO E 186 -35.49 11.01 -43.72
CA PRO E 186 -34.75 11.79 -42.70
C PRO E 186 -33.95 12.95 -43.24
N LYS E 187 -33.37 12.78 -44.43
CA LYS E 187 -32.53 13.81 -45.04
C LYS E 187 -33.29 15.13 -45.23
N LEU E 188 -34.61 15.04 -45.30
CA LEU E 188 -35.42 16.23 -45.52
C LEU E 188 -35.35 17.14 -44.29
N ILE E 189 -35.83 16.65 -43.14
CA ILE E 189 -35.76 17.40 -41.86
C ILE E 189 -34.32 17.71 -41.52
N ALA E 190 -33.47 16.73 -41.77
CA ALA E 190 -32.04 16.87 -41.71
C ALA E 190 -31.54 18.12 -42.42
N TRP E 191 -32.01 18.28 -43.66
CA TRP E 191 -31.73 19.45 -44.46
C TRP E 191 -32.41 20.71 -43.86
N ALA E 192 -33.54 20.52 -43.22
CA ALA E 192 -34.31 21.65 -42.70
C ALA E 192 -33.57 22.36 -41.59
N LYS E 193 -33.05 21.57 -40.65
CA LYS E 193 -32.38 22.15 -39.51
C LYS E 193 -30.99 22.54 -39.96
N ARG E 194 -30.64 22.12 -41.19
CA ARG E 194 -29.50 22.72 -41.84
C ARG E 194 -29.85 24.11 -42.28
N CYS E 195 -30.95 24.23 -43.00
CA CYS E 195 -31.36 25.54 -43.49
C CYS E 195 -31.73 26.51 -42.38
N MET E 196 -31.91 26.02 -41.16
CA MET E 196 -32.21 26.91 -40.05
C MET E 196 -31.04 27.84 -39.67
N GLU E 197 -29.82 27.49 -40.02
CA GLU E 197 -28.65 28.30 -39.67
C GLU E 197 -28.56 29.59 -40.47
N LYS E 198 -29.41 29.73 -41.50
CA LYS E 198 -29.45 31.00 -42.21
C LYS E 198 -30.26 32.01 -41.40
N GLU E 199 -29.67 33.19 -41.21
CA GLU E 199 -30.29 34.21 -40.35
C GLU E 199 -31.63 34.68 -40.90
N SER E 200 -31.92 34.33 -42.16
CA SER E 200 -33.21 34.61 -42.80
C SER E 200 -34.39 33.87 -42.17
N VAL E 201 -34.15 32.63 -41.78
CA VAL E 201 -35.20 31.79 -41.22
C VAL E 201 -35.02 31.71 -39.70
N SER E 202 -33.82 31.98 -39.22
CA SER E 202 -33.54 31.82 -37.80
C SER E 202 -34.04 33.04 -36.99
N LYS E 203 -34.68 33.98 -37.65
CA LYS E 203 -35.30 35.10 -36.94
C LYS E 203 -36.68 35.42 -37.47
N SER E 204 -37.02 34.85 -38.62
CA SER E 204 -38.29 35.15 -39.26
C SER E 204 -39.40 34.20 -38.81
N LEU E 205 -38.99 33.04 -38.29
CA LEU E 205 -39.92 31.98 -37.93
C LEU E 205 -40.11 31.79 -36.42
N PRO E 206 -41.34 31.97 -35.96
CA PRO E 206 -41.80 31.76 -34.59
C PRO E 206 -41.64 30.34 -34.11
N ASP E 207 -41.84 30.16 -32.82
CA ASP E 207 -41.58 28.87 -32.18
C ASP E 207 -42.64 27.83 -32.57
N SER E 208 -42.21 26.58 -32.63
CA SER E 208 -43.06 25.49 -33.07
C SER E 208 -44.03 24.97 -32.01
N GLU E 209 -43.75 25.23 -30.73
CA GLU E 209 -44.70 24.81 -29.70
C GLU E 209 -45.96 25.65 -29.84
N LYS E 210 -45.77 26.89 -30.28
CA LYS E 210 -46.89 27.79 -30.47
C LYS E 210 -47.65 27.44 -31.75
N ILE E 211 -46.90 27.14 -32.81
CA ILE E 211 -47.46 26.70 -34.08
C ILE E 211 -48.25 25.40 -33.90
N VAL E 212 -47.66 24.49 -33.15
CA VAL E 212 -48.33 23.27 -32.69
C VAL E 212 -49.62 23.61 -31.93
N ALA E 213 -49.52 24.62 -31.06
CA ALA E 213 -50.66 25.05 -30.24
C ALA E 213 -51.75 25.69 -31.08
N TYR E 214 -51.35 26.36 -32.16
CA TYR E 214 -52.34 26.98 -33.05
C TYR E 214 -53.04 25.89 -33.85
N ALA E 215 -52.25 24.91 -34.29
CA ALA E 215 -52.83 23.71 -34.89
C ALA E 215 -53.84 23.10 -33.93
N ALA E 216 -53.51 23.10 -32.63
CA ALA E 216 -54.39 22.58 -31.58
C ALA E 216 -55.64 23.44 -31.34
N GLU E 217 -55.50 24.76 -31.47
CA GLU E 217 -56.67 25.59 -31.28
C GLU E 217 -57.58 25.36 -32.47
N TYR E 218 -56.96 25.25 -33.64
CA TYR E 218 -57.70 24.96 -34.87
C TYR E 218 -58.48 23.66 -34.75
N ARG E 219 -57.80 22.63 -34.24
CA ARG E 219 -58.42 21.33 -34.04
C ARG E 219 -59.53 21.36 -33.00
N LYS E 220 -59.23 21.95 -31.84
CA LYS E 220 -60.19 21.97 -30.74
C LYS E 220 -61.46 22.74 -31.15
N ASN E 221 -61.32 23.66 -32.09
CA ASN E 221 -62.47 24.42 -32.57
C ASN E 221 -63.43 23.60 -33.45
N ASN E 222 -62.86 22.70 -34.26
CA ASN E 222 -63.65 22.05 -35.31
C ASN E 222 -63.66 20.53 -35.28
N LEU E 223 -64.25 20.00 -34.19
CA LEU E 223 -64.40 18.55 -34.04
C LEU E 223 -65.84 18.07 -34.29
N LEU F 10 -33.68 20.31 -82.46
CA LEU F 10 -34.97 20.98 -82.37
C LEU F 10 -35.71 20.67 -81.06
N PRO F 11 -36.43 21.66 -80.52
CA PRO F 11 -37.17 21.59 -79.26
C PRO F 11 -38.33 20.62 -79.30
N ILE F 12 -38.48 19.81 -78.27
CA ILE F 12 -39.57 18.89 -78.25
C ILE F 12 -40.55 19.15 -77.11
N LEU F 13 -41.82 19.27 -77.49
CA LEU F 13 -42.86 19.62 -76.55
C LEU F 13 -43.77 18.43 -76.27
N LEU F 14 -43.93 18.10 -75.00
CA LEU F 14 -44.86 17.05 -74.62
C LEU F 14 -46.17 17.76 -74.34
N ASP F 15 -47.20 17.51 -75.15
CA ASP F 15 -48.40 18.35 -75.07
C ASP F 15 -49.68 17.55 -75.28
N TYR F 16 -50.80 18.17 -74.96
CA TYR F 16 -52.12 17.67 -75.33
C TYR F 16 -52.88 18.72 -76.13
N TRP F 17 -53.41 18.34 -77.29
CA TRP F 17 -54.06 19.30 -78.14
C TRP F 17 -55.29 20.00 -77.50
N PRO F 18 -56.08 19.30 -76.64
CA PRO F 18 -57.17 20.07 -76.04
C PRO F 18 -56.77 21.05 -74.92
N SER F 19 -55.70 20.79 -74.16
CA SER F 19 -55.32 21.63 -73.00
C SER F 19 -54.94 23.06 -73.34
N MET F 20 -55.42 24.01 -72.53
CA MET F 20 -55.05 25.43 -72.67
C MET F 20 -53.60 25.67 -72.30
N PHE F 21 -53.13 25.00 -71.26
CA PHE F 21 -51.78 25.20 -70.76
C PHE F 21 -50.75 24.79 -71.78
N GLY F 22 -50.98 23.64 -72.40
CA GLY F 22 -50.10 23.15 -73.46
C GLY F 22 -50.01 24.20 -74.54
N MET F 23 -51.17 24.68 -74.96
CA MET F 23 -51.25 25.79 -75.91
C MET F 23 -50.44 27.01 -75.47
N ARG F 24 -50.42 27.30 -74.18
CA ARG F 24 -49.64 28.44 -73.68
C ARG F 24 -48.19 28.25 -74.06
N ALA F 25 -47.69 27.03 -73.89
CA ALA F 25 -46.33 26.71 -74.30
C ALA F 25 -46.16 26.88 -75.83
N ARG F 26 -47.22 26.52 -76.57
CA ARG F 26 -47.27 26.68 -78.01
C ARG F 26 -47.24 28.15 -78.43
N VAL F 27 -48.01 28.96 -77.74
CA VAL F 27 -48.04 30.39 -77.97
C VAL F 27 -46.70 31.06 -77.67
N ALA F 28 -46.07 30.70 -76.55
CA ALA F 28 -44.78 31.27 -76.16
C ALA F 28 -43.70 30.98 -77.19
N LEU F 29 -43.70 29.74 -77.68
CA LEU F 29 -42.68 29.23 -78.56
C LEU F 29 -42.83 29.83 -79.97
N ARG F 30 -44.07 29.87 -80.44
CA ARG F 30 -44.36 30.45 -81.75
C ARG F 30 -44.15 31.97 -81.78
N GLU F 31 -44.58 32.68 -80.74
CA GLU F 31 -44.38 34.14 -80.64
C GLU F 31 -42.94 34.55 -80.95
N LYS F 32 -41.99 33.73 -80.50
CA LYS F 32 -40.57 34.06 -80.59
C LYS F 32 -39.99 33.87 -81.99
N GLY F 33 -40.28 32.75 -82.64
CA GLY F 33 -39.78 32.50 -83.98
C GLY F 33 -39.01 31.20 -84.04
N VAL F 34 -39.10 30.47 -82.93
CA VAL F 34 -38.47 29.18 -82.75
C VAL F 34 -39.27 28.03 -83.41
N GLU F 35 -38.62 27.12 -84.15
CA GLU F 35 -39.34 25.92 -84.60
C GLU F 35 -39.08 24.72 -83.69
N PHE F 36 -40.12 23.91 -83.53
CA PHE F 36 -40.15 22.83 -82.55
C PHE F 36 -40.82 21.62 -83.14
N GLU F 37 -40.55 20.45 -82.59
CA GLU F 37 -41.25 19.23 -82.97
C GLU F 37 -42.40 19.01 -82.00
N TYR F 38 -43.63 18.95 -82.50
CA TYR F 38 -44.79 18.75 -81.62
C TYR F 38 -44.98 17.27 -81.30
N ARG F 39 -45.22 16.98 -80.02
CA ARG F 39 -45.51 15.61 -79.61
C ARG F 39 -46.90 15.50 -79.00
N GLU F 40 -47.74 14.68 -79.61
CA GLU F 40 -49.01 14.32 -79.00
C GLU F 40 -48.80 13.16 -78.04
N GLU F 41 -49.28 13.33 -76.80
CA GLU F 41 -49.07 12.34 -75.75
C GLU F 41 -50.36 11.60 -75.46
N ASP F 42 -50.23 10.34 -75.09
CA ASP F 42 -51.38 9.54 -74.70
C ASP F 42 -51.21 9.14 -73.22
N PHE F 43 -52.06 9.70 -72.36
CA PHE F 43 -51.93 9.53 -70.92
C PHE F 43 -52.08 8.09 -70.46
N SER F 44 -52.80 7.29 -71.23
CA SER F 44 -52.94 5.88 -70.86
C SER F 44 -51.66 5.16 -71.27
N ASN F 45 -51.07 5.61 -72.37
CA ASN F 45 -49.81 5.02 -72.83
C ASN F 45 -48.74 6.09 -73.00
N LYS F 46 -48.38 6.72 -71.89
CA LYS F 46 -47.43 7.84 -71.89
C LYS F 46 -46.07 7.41 -72.40
N SER F 47 -45.48 8.23 -73.28
CA SER F 47 -44.19 7.89 -73.91
C SER F 47 -43.08 7.81 -72.88
N PRO F 48 -42.05 7.00 -73.13
CA PRO F 48 -40.90 6.88 -72.23
C PRO F 48 -40.27 8.23 -71.93
N LEU F 49 -40.14 9.07 -72.95
CA LEU F 49 -39.50 10.35 -72.73
C LEU F 49 -40.29 11.22 -71.76
N LEU F 50 -41.62 11.17 -71.81
CA LEU F 50 -42.44 11.97 -70.90
C LEU F 50 -42.16 11.57 -69.46
N LEU F 51 -42.15 10.26 -69.20
CA LEU F 51 -41.86 9.75 -67.87
C LEU F 51 -40.44 10.12 -67.40
N GLN F 52 -39.45 10.08 -68.29
CA GLN F 52 -38.10 10.46 -67.89
C GLN F 52 -38.01 11.96 -67.62
N SER F 53 -38.81 12.72 -68.36
CA SER F 53 -38.73 14.17 -68.30
C SER F 53 -39.40 14.69 -67.04
N ASN F 54 -40.58 14.15 -66.77
CA ASN F 54 -41.35 14.50 -65.58
C ASN F 54 -41.79 13.25 -64.82
N PRO F 55 -40.91 12.69 -63.99
CA PRO F 55 -41.25 11.44 -63.28
C PRO F 55 -42.37 11.62 -62.27
N ILE F 56 -42.52 12.84 -61.75
CA ILE F 56 -43.41 13.09 -60.62
C ILE F 56 -44.91 13.13 -60.92
N HIS F 57 -45.32 14.00 -61.84
CA HIS F 57 -46.74 14.16 -62.12
C HIS F 57 -47.08 13.83 -63.58
N LYS F 58 -46.05 13.65 -64.41
CA LYS F 58 -46.24 13.29 -65.80
C LYS F 58 -47.23 14.21 -66.51
N LYS F 59 -47.11 15.52 -66.32
CA LYS F 59 -48.10 16.43 -66.92
C LYS F 59 -47.54 17.27 -68.05
N ILE F 60 -48.44 17.77 -68.89
CA ILE F 60 -48.06 18.61 -70.03
C ILE F 60 -48.34 20.10 -69.74
N PRO F 61 -47.63 21.01 -70.43
CA PRO F 61 -46.64 20.75 -71.49
C PRO F 61 -45.23 20.48 -70.95
N VAL F 62 -44.40 19.79 -71.73
CA VAL F 62 -43.01 19.57 -71.34
C VAL F 62 -42.08 19.84 -72.52
N LEU F 63 -41.16 20.78 -72.35
CA LEU F 63 -40.25 21.14 -73.43
C LEU F 63 -38.90 20.56 -73.08
N VAL F 64 -38.39 19.69 -73.94
CA VAL F 64 -37.04 19.19 -73.71
C VAL F 64 -36.09 19.93 -74.67
N HIS F 65 -35.10 20.60 -74.09
CA HIS F 65 -34.20 21.49 -74.85
C HIS F 65 -32.78 21.20 -74.40
N ASN F 66 -31.86 20.95 -75.35
CA ASN F 66 -30.46 20.67 -75.01
C ASN F 66 -30.29 19.55 -73.99
N GLY F 67 -31.20 18.58 -74.03
CA GLY F 67 -31.11 17.42 -73.16
C GLY F 67 -31.69 17.67 -71.77
N LYS F 68 -32.46 18.75 -71.66
CA LYS F 68 -32.95 19.21 -70.38
C LYS F 68 -34.45 19.42 -70.42
N PRO F 69 -35.19 18.79 -69.50
CA PRO F 69 -36.65 18.85 -69.46
C PRO F 69 -37.25 20.05 -68.71
N VAL F 70 -38.20 20.74 -69.31
CA VAL F 70 -38.85 21.85 -68.60
C VAL F 70 -40.34 21.58 -68.50
N CYS F 71 -40.89 21.64 -67.29
CA CYS F 71 -42.30 21.29 -67.09
C CYS F 71 -43.15 22.44 -66.53
N GLU F 72 -44.47 22.26 -66.61
CA GLU F 72 -45.49 23.28 -66.29
C GLU F 72 -45.59 24.32 -67.38
N SER F 73 -46.82 24.74 -67.68
CA SER F 73 -47.08 25.68 -68.78
C SER F 73 -46.43 27.05 -68.60
N LEU F 74 -46.62 27.66 -67.43
CA LEU F 74 -46.03 28.97 -67.16
C LEU F 74 -44.52 28.86 -66.97
N ASN F 75 -44.08 27.79 -66.33
CA ASN F 75 -42.66 27.61 -66.17
C ASN F 75 -41.98 27.47 -67.53
N VAL F 76 -42.60 26.74 -68.44
CA VAL F 76 -42.07 26.65 -69.81
C VAL F 76 -42.13 28.01 -70.52
N VAL F 77 -43.19 28.80 -70.27
CA VAL F 77 -43.26 30.16 -70.81
C VAL F 77 -42.11 31.02 -70.33
N GLN F 78 -41.79 30.91 -69.03
CA GLN F 78 -40.72 31.72 -68.48
C GLN F 78 -39.38 31.24 -69.00
N TYR F 79 -39.26 29.94 -69.21
CA TYR F 79 -38.08 29.36 -69.81
C TYR F 79 -37.94 29.84 -71.24
N VAL F 80 -39.06 29.93 -71.95
CA VAL F 80 -39.03 30.42 -73.33
C VAL F 80 -38.58 31.87 -73.43
N ASP F 81 -38.95 32.66 -72.45
CA ASP F 81 -38.59 34.08 -72.45
C ASP F 81 -37.11 34.27 -72.16
N GLU F 82 -36.61 33.56 -71.16
CA GLU F 82 -35.21 33.64 -70.78
C GLU F 82 -34.28 32.93 -71.77
N ALA F 83 -34.74 31.83 -72.36
CA ALA F 83 -33.88 31.10 -73.29
C ALA F 83 -33.71 31.85 -74.61
N TRP F 84 -34.72 32.61 -75.03
CA TRP F 84 -34.57 33.44 -76.22
C TRP F 84 -34.83 34.92 -75.96
N PRO F 85 -33.86 35.61 -75.35
CA PRO F 85 -34.00 37.03 -75.01
C PRO F 85 -33.56 37.97 -76.13
N GLU F 86 -33.23 37.44 -77.30
CA GLU F 86 -32.86 38.28 -78.43
C GLU F 86 -34.05 38.80 -79.24
N LYS F 87 -35.23 38.24 -79.01
CA LYS F 87 -36.34 38.53 -79.91
C LYS F 87 -37.39 39.50 -79.33
N ASN F 88 -38.56 38.96 -79.02
CA ASN F 88 -39.69 39.73 -78.53
C ASN F 88 -39.91 39.44 -77.05
N PRO F 89 -39.63 40.43 -76.20
CA PRO F 89 -39.68 40.19 -74.76
C PRO F 89 -41.13 40.21 -74.26
N PHE F 90 -41.53 39.13 -73.58
CA PHE F 90 -42.89 39.01 -73.10
C PHE F 90 -43.15 40.00 -71.99
N PHE F 91 -42.22 40.10 -71.04
CA PHE F 91 -42.43 40.91 -69.85
C PHE F 91 -41.78 42.28 -69.99
N PRO F 92 -42.15 43.23 -69.11
CA PRO F 92 -41.43 44.52 -69.06
C PRO F 92 -40.06 44.42 -68.37
N SER F 93 -39.24 45.46 -68.54
CA SER F 93 -37.87 45.44 -68.04
C SER F 93 -37.85 45.55 -66.52
N ASP F 94 -38.84 46.26 -65.96
CA ASP F 94 -38.82 46.52 -64.53
C ASP F 94 -39.34 45.35 -63.71
N PRO F 95 -38.78 45.15 -62.51
CA PRO F 95 -39.23 44.09 -61.59
C PRO F 95 -40.72 44.17 -61.25
N TYR F 96 -41.25 45.38 -61.11
CA TYR F 96 -42.62 45.57 -60.64
C TYR F 96 -43.64 45.27 -61.72
N GLY F 97 -43.34 45.64 -62.96
CA GLY F 97 -44.27 45.39 -64.06
C GLY F 97 -44.44 43.91 -64.26
N ARG F 98 -43.31 43.20 -64.25
CA ARG F 98 -43.27 41.76 -64.34
C ARG F 98 -43.95 41.14 -63.11
N ALA F 99 -43.81 41.82 -61.98
CA ALA F 99 -44.58 41.45 -60.78
C ALA F 99 -46.08 41.33 -61.03
N GLN F 100 -46.65 42.38 -61.61
CA GLN F 100 -48.06 42.44 -61.92
C GLN F 100 -48.44 41.32 -62.90
N ALA F 101 -47.53 41.02 -63.83
CA ALA F 101 -47.75 39.98 -64.82
C ALA F 101 -47.91 38.60 -64.17
N ARG F 102 -46.91 38.25 -63.36
CA ARG F 102 -46.96 37.02 -62.59
C ARG F 102 -48.15 37.00 -61.65
N PHE F 103 -48.45 38.15 -61.04
CA PHE F 103 -49.62 38.27 -60.19
C PHE F 103 -50.88 37.88 -60.97
N TRP F 104 -51.00 38.39 -62.18
CA TRP F 104 -52.22 38.17 -62.93
C TRP F 104 -52.26 36.77 -63.56
N ALA F 105 -51.10 36.27 -63.92
CA ALA F 105 -50.99 34.90 -64.44
C ALA F 105 -51.24 33.89 -63.32
N ASP F 106 -50.89 34.25 -62.10
CA ASP F 106 -51.16 33.38 -60.97
C ASP F 106 -52.65 33.38 -60.79
N PHE F 107 -53.26 34.56 -60.87
CA PHE F 107 -54.72 34.67 -60.82
C PHE F 107 -55.39 33.79 -61.88
N VAL F 108 -54.87 33.85 -63.10
CA VAL F 108 -55.39 33.12 -64.25
C VAL F 108 -55.35 31.59 -64.07
N ASP F 109 -54.24 31.07 -63.53
CA ASP F 109 -54.10 29.62 -63.34
C ASP F 109 -54.93 29.04 -62.18
N LYS F 110 -55.31 29.88 -61.22
CA LYS F 110 -56.03 29.34 -60.06
C LYS F 110 -57.53 29.65 -60.09
N LYS F 111 -57.92 30.84 -59.65
CA LYS F 111 -59.33 31.16 -59.48
C LYS F 111 -60.06 31.17 -60.81
N PHE F 112 -59.46 31.81 -61.81
CA PHE F 112 -60.03 31.81 -63.16
C PHE F 112 -60.13 30.39 -63.70
N THR F 113 -59.03 29.63 -63.60
CA THR F 113 -59.01 28.23 -64.04
C THR F 113 -59.99 27.39 -63.21
N ASP F 114 -60.01 27.63 -61.89
CA ASP F 114 -60.90 26.85 -61.02
C ASP F 114 -62.35 27.05 -61.47
N ALA F 115 -62.76 28.31 -61.58
CA ALA F 115 -64.13 28.63 -61.94
C ALA F 115 -64.40 28.15 -63.37
N GLN F 116 -63.34 28.16 -64.18
CA GLN F 116 -63.48 27.68 -65.54
C GLN F 116 -63.80 26.19 -65.53
N PHE F 117 -63.08 25.46 -64.67
CA PHE F 117 -63.29 24.03 -64.53
C PHE F 117 -64.73 23.80 -64.07
N LYS F 118 -65.28 24.78 -63.35
CA LYS F 118 -66.63 24.69 -62.82
C LYS F 118 -67.70 24.78 -63.91
N VAL F 119 -67.45 25.61 -64.93
CA VAL F 119 -68.47 25.81 -65.95
C VAL F 119 -68.53 24.70 -66.99
N TRP F 120 -67.38 24.19 -67.44
CA TRP F 120 -67.39 23.21 -68.53
C TRP F 120 -67.52 21.77 -68.06
N GLY F 121 -67.12 21.47 -66.83
CA GLY F 121 -67.09 20.07 -66.43
C GLY F 121 -67.99 19.64 -65.28
N LYS F 122 -69.12 20.31 -65.11
CA LYS F 122 -70.02 20.00 -63.97
C LYS F 122 -71.48 20.37 -64.18
N LYS F 123 -72.34 19.89 -63.26
CA LYS F 123 -73.79 20.13 -63.31
C LYS F 123 -74.32 20.76 -62.02
N GLY F 124 -75.49 21.40 -62.07
CA GLY F 124 -76.18 21.87 -60.87
C GLY F 124 -75.67 23.13 -60.19
N GLU F 125 -75.61 23.12 -58.86
CA GLU F 125 -75.20 24.30 -58.09
C GLU F 125 -73.72 24.59 -58.27
N GLU F 126 -72.93 23.54 -58.42
CA GLU F 126 -71.50 23.74 -58.63
C GLU F 126 -71.32 24.45 -59.97
N GLN F 127 -72.15 24.07 -60.96
CA GLN F 127 -72.19 24.76 -62.24
C GLN F 127 -72.70 26.20 -62.06
N GLU F 128 -73.70 26.37 -61.18
CA GLU F 128 -74.21 27.71 -60.85
C GLU F 128 -73.14 28.58 -60.24
N ALA F 129 -72.42 27.99 -59.29
CA ALA F 129 -71.25 28.62 -58.69
C ALA F 129 -70.23 29.01 -59.74
N GLY F 130 -69.94 28.08 -60.65
CA GLY F 130 -68.93 28.31 -61.67
C GLY F 130 -69.29 29.44 -62.61
N LYS F 131 -70.57 29.56 -62.91
CA LYS F 131 -71.02 30.57 -63.84
C LYS F 131 -70.82 31.96 -63.23
N LYS F 132 -71.18 32.05 -61.94
CA LYS F 132 -71.09 33.29 -61.16
C LYS F 132 -69.66 33.78 -61.02
N GLU F 133 -68.78 32.87 -60.60
CA GLU F 133 -67.38 33.17 -60.38
C GLU F 133 -66.65 33.50 -61.68
N PHE F 134 -66.91 32.73 -62.73
CA PHE F 134 -66.24 32.96 -64.00
C PHE F 134 -66.59 34.32 -64.58
N ILE F 135 -67.86 34.71 -64.49
CA ILE F 135 -68.26 36.01 -65.00
C ILE F 135 -67.64 37.11 -64.10
N GLU F 136 -67.66 36.92 -62.78
CA GLU F 136 -67.08 37.94 -61.91
C GLU F 136 -65.58 38.05 -62.07
N ALA F 137 -64.92 36.91 -62.30
CA ALA F 137 -63.49 36.95 -62.54
C ALA F 137 -63.22 37.55 -63.91
N VAL F 138 -64.07 37.25 -64.88
CA VAL F 138 -63.89 37.81 -66.22
C VAL F 138 -64.13 39.31 -66.12
N LYS F 139 -64.97 39.69 -65.15
CA LYS F 139 -65.27 41.08 -64.90
C LYS F 139 -64.09 41.77 -64.25
N ILE F 140 -63.40 41.04 -63.38
CA ILE F 140 -62.26 41.58 -62.65
C ILE F 140 -61.04 41.83 -63.53
N LEU F 141 -60.72 40.86 -64.38
CA LEU F 141 -59.66 41.02 -65.37
C LEU F 141 -60.05 42.14 -66.34
N GLU F 142 -61.35 42.21 -66.63
CA GLU F 142 -61.94 43.32 -67.37
C GLU F 142 -61.61 44.68 -66.73
N SER F 143 -61.62 44.71 -65.40
CA SER F 143 -61.21 45.88 -64.62
C SER F 143 -59.73 46.24 -64.79
N GLU F 144 -58.85 45.23 -64.70
CA GLU F 144 -57.41 45.49 -64.81
C GLU F 144 -56.96 46.02 -66.18
N LEU F 145 -57.64 45.62 -67.25
CA LEU F 145 -57.17 46.01 -68.56
C LEU F 145 -57.65 47.43 -68.99
N GLY F 146 -58.83 47.57 -69.60
CA GLY F 146 -59.38 48.89 -69.92
C GLY F 146 -59.92 49.04 -71.33
N ASP F 147 -59.24 49.80 -72.21
CA ASP F 147 -59.43 49.73 -73.69
C ASP F 147 -58.13 49.71 -74.64
N LYS F 148 -57.46 48.54 -74.79
CA LYS F 148 -56.17 48.28 -75.52
C LYS F 148 -55.92 46.77 -75.75
N PRO F 149 -55.01 46.41 -76.69
CA PRO F 149 -54.77 45.01 -77.00
C PRO F 149 -54.14 44.08 -75.95
N TYR F 150 -53.20 44.50 -75.11
CA TYR F 150 -52.42 43.46 -74.44
C TYR F 150 -52.28 43.58 -72.92
N PHE F 151 -51.29 42.84 -72.41
CA PHE F 151 -51.08 42.56 -70.99
C PHE F 151 -49.59 42.57 -70.55
N GLY F 152 -48.87 41.54 -70.99
CA GLY F 152 -47.55 41.22 -70.47
C GLY F 152 -46.42 42.19 -70.80
N GLY F 153 -46.52 42.87 -71.94
CA GLY F 153 -45.59 43.93 -72.32
C GLY F 153 -46.32 44.89 -73.23
N ASP F 154 -45.59 45.70 -74.00
CA ASP F 154 -46.23 46.50 -75.04
C ASP F 154 -46.82 45.60 -76.16
N SER F 155 -46.15 44.50 -76.46
CA SER F 155 -46.56 43.60 -77.54
C SER F 155 -47.43 42.45 -77.00
N PHE F 156 -47.39 41.30 -77.65
CA PHE F 156 -48.04 40.11 -77.11
C PHE F 156 -47.37 39.79 -75.78
N GLY F 157 -48.17 39.42 -74.79
CA GLY F 157 -47.67 39.37 -73.42
C GLY F 157 -47.85 38.10 -72.62
N TYR F 158 -47.18 38.09 -71.47
CA TYR F 158 -47.12 36.94 -70.59
C TYR F 158 -48.47 36.47 -70.12
N VAL F 159 -49.23 37.42 -69.59
CA VAL F 159 -50.58 37.15 -69.15
C VAL F 159 -51.44 36.91 -70.38
N ASP F 160 -51.12 37.62 -71.46
CA ASP F 160 -51.82 37.42 -72.72
C ASP F 160 -51.71 35.98 -73.14
N ILE F 161 -50.47 35.49 -73.20
CA ILE F 161 -50.21 34.09 -73.50
C ILE F 161 -50.96 33.16 -72.54
N SER F 162 -50.92 33.46 -71.23
CA SER F 162 -51.52 32.55 -70.27
C SER F 162 -53.06 32.55 -70.32
N LEU F 163 -53.67 33.70 -70.56
CA LEU F 163 -55.13 33.74 -70.64
C LEU F 163 -55.63 33.35 -72.04
N ILE F 164 -54.87 33.67 -73.08
CA ILE F 164 -55.40 33.54 -74.46
C ILE F 164 -55.78 32.11 -74.83
N THR F 165 -55.17 31.13 -74.17
CA THR F 165 -55.40 29.74 -74.52
C THR F 165 -56.74 29.29 -73.97
N PHE F 166 -57.20 30.03 -72.97
CA PHE F 166 -58.56 29.88 -72.48
C PHE F 166 -59.54 30.34 -73.56
N SER F 167 -59.07 31.16 -74.50
CA SER F 167 -59.98 31.71 -75.51
C SER F 167 -60.40 30.62 -76.49
N SER F 168 -59.61 29.56 -76.56
CA SER F 168 -59.99 28.43 -77.34
C SER F 168 -61.24 27.86 -76.69
N TRP F 169 -61.20 27.77 -75.36
CA TRP F 169 -62.26 27.15 -74.58
C TRP F 169 -63.46 28.07 -74.32
N PHE F 170 -63.37 29.32 -74.77
CA PHE F 170 -64.44 30.31 -74.56
C PHE F 170 -65.78 29.89 -75.12
N GLN F 171 -65.73 29.23 -76.28
CA GLN F 171 -66.94 28.70 -76.90
C GLN F 171 -67.56 27.62 -76.01
N ALA F 172 -66.74 26.96 -75.19
CA ALA F 172 -67.23 25.92 -74.30
C ALA F 172 -67.88 26.52 -73.08
N TYR F 173 -67.31 27.61 -72.59
CA TYR F 173 -67.87 28.34 -71.45
C TYR F 173 -69.23 28.84 -71.81
N GLU F 174 -69.33 29.47 -72.97
CA GLU F 174 -70.62 30.01 -73.37
C GLU F 174 -71.60 28.85 -73.58
N LYS F 175 -71.11 27.71 -74.07
CA LYS F 175 -71.94 26.55 -74.35
C LYS F 175 -72.56 25.94 -73.07
N PHE F 176 -71.72 25.51 -72.13
CA PHE F 176 -72.20 24.85 -70.92
C PHE F 176 -72.54 25.87 -69.83
N GLY F 177 -71.83 26.99 -69.85
CA GLY F 177 -72.07 28.02 -68.85
C GLY F 177 -73.39 28.71 -69.10
N ASN F 178 -73.80 28.76 -70.36
CA ASN F 178 -75.07 29.38 -70.73
C ASN F 178 -75.10 30.86 -70.36
N PHE F 179 -73.94 31.49 -70.48
CA PHE F 179 -73.86 32.93 -70.26
C PHE F 179 -73.34 33.63 -71.50
N SER F 180 -73.47 34.95 -71.52
CA SER F 180 -72.95 35.73 -72.62
C SER F 180 -71.73 36.47 -72.11
N ILE F 181 -70.56 35.87 -72.26
CA ILE F 181 -69.34 36.50 -71.75
C ILE F 181 -69.00 37.72 -72.63
N GLU F 182 -69.57 37.80 -73.84
CA GLU F 182 -69.31 38.94 -74.71
C GLU F 182 -70.23 40.10 -74.40
N SER F 183 -71.50 39.85 -74.16
CA SER F 183 -72.40 40.93 -73.78
C SER F 183 -72.04 41.50 -72.40
N GLU F 184 -71.65 40.60 -71.50
CA GLU F 184 -71.31 40.97 -70.13
C GLU F 184 -69.89 41.52 -70.04
N SER F 185 -68.99 40.93 -70.82
CA SER F 185 -67.63 41.41 -70.92
C SER F 185 -67.14 41.37 -72.37
N PRO F 186 -67.55 42.39 -73.16
CA PRO F 186 -67.25 42.43 -74.60
C PRO F 186 -65.77 42.46 -74.84
N LYS F 187 -65.07 43.01 -73.85
CA LYS F 187 -63.70 43.39 -74.03
C LYS F 187 -62.76 42.18 -73.96
N LEU F 188 -63.00 41.26 -73.03
CA LEU F 188 -62.08 40.12 -72.92
C LEU F 188 -62.19 39.19 -74.13
N ILE F 189 -63.43 38.91 -74.55
CA ILE F 189 -63.67 38.07 -75.74
C ILE F 189 -63.13 38.75 -76.99
N ALA F 190 -63.32 40.07 -77.08
CA ALA F 190 -62.81 40.79 -78.24
C ALA F 190 -61.28 40.88 -78.20
N TRP F 191 -60.72 40.98 -77.00
CA TRP F 191 -59.28 40.90 -76.81
C TRP F 191 -58.79 39.56 -77.33
N ALA F 192 -59.61 38.54 -77.11
CA ALA F 192 -59.27 37.20 -77.58
C ALA F 192 -59.17 37.20 -79.10
N LYS F 193 -60.17 37.78 -79.77
CA LYS F 193 -60.15 37.90 -81.23
C LYS F 193 -58.93 38.69 -81.77
N ARG F 194 -58.57 39.79 -81.13
CA ARG F 194 -57.33 40.47 -81.55
C ARG F 194 -56.13 39.52 -81.55
N CYS F 195 -56.00 38.76 -80.48
CA CYS F 195 -54.88 37.85 -80.38
C CYS F 195 -55.04 36.77 -81.45
N MET F 196 -56.27 36.32 -81.66
CA MET F 196 -56.60 35.39 -82.75
C MET F 196 -56.07 35.86 -84.11
N GLU F 197 -56.07 37.17 -84.35
CA GLU F 197 -55.58 37.70 -85.61
C GLU F 197 -54.12 37.33 -85.80
N LYS F 198 -53.40 37.22 -84.69
CA LYS F 198 -51.96 36.96 -84.71
C LYS F 198 -51.67 35.48 -84.90
N GLU F 199 -50.61 35.16 -85.67
CA GLU F 199 -50.29 33.75 -85.95
C GLU F 199 -49.84 32.98 -84.71
N SER F 200 -49.38 33.68 -83.68
CA SER F 200 -48.98 33.01 -82.43
C SER F 200 -50.19 32.31 -81.81
N VAL F 201 -51.37 32.85 -82.08
CA VAL F 201 -52.61 32.29 -81.57
C VAL F 201 -53.34 31.56 -82.69
N SER F 202 -53.17 32.06 -83.91
CA SER F 202 -53.84 31.49 -85.07
C SER F 202 -53.51 30.01 -85.34
N LYS F 203 -52.25 29.62 -85.13
CA LYS F 203 -51.87 28.24 -85.40
C LYS F 203 -51.59 27.45 -84.15
N SER F 204 -51.56 28.13 -83.00
CA SER F 204 -51.37 27.47 -81.73
C SER F 204 -52.69 27.07 -81.12
N LEU F 205 -53.71 27.91 -81.33
CA LEU F 205 -55.05 27.62 -80.84
C LEU F 205 -55.82 26.79 -81.84
N PRO F 206 -56.06 25.52 -81.49
CA PRO F 206 -56.82 24.61 -82.34
C PRO F 206 -58.24 25.08 -82.50
N ASP F 207 -58.97 24.47 -83.44
CA ASP F 207 -60.33 24.88 -83.70
C ASP F 207 -61.15 24.78 -82.43
N SER F 208 -61.88 25.84 -82.11
CA SER F 208 -62.64 25.89 -80.87
C SER F 208 -63.62 24.74 -80.82
N GLU F 209 -63.91 24.19 -81.99
CA GLU F 209 -64.94 23.19 -82.12
C GLU F 209 -64.50 21.84 -81.59
N LYS F 210 -63.25 21.47 -81.86
CA LYS F 210 -62.79 20.15 -81.44
C LYS F 210 -62.62 20.05 -79.93
N ILE F 211 -62.18 21.11 -79.27
CA ILE F 211 -62.13 21.07 -77.82
C ILE F 211 -63.54 21.07 -77.24
N VAL F 212 -64.46 21.67 -77.98
CA VAL F 212 -65.84 21.82 -77.57
C VAL F 212 -66.56 20.48 -77.67
N ALA F 213 -66.28 19.74 -78.74
CA ALA F 213 -66.72 18.35 -78.81
C ALA F 213 -66.05 17.58 -77.66
N TYR F 214 -64.77 17.87 -77.38
CA TYR F 214 -64.03 17.20 -76.29
C TYR F 214 -64.58 17.51 -74.92
N ALA F 215 -64.88 18.77 -74.66
CA ALA F 215 -65.50 19.15 -73.41
C ALA F 215 -66.79 18.35 -73.24
N ALA F 216 -67.51 18.18 -74.35
CA ALA F 216 -68.75 17.42 -74.37
C ALA F 216 -68.48 15.94 -74.17
N GLU F 217 -67.35 15.48 -74.70
CA GLU F 217 -66.92 14.10 -74.55
C GLU F 217 -66.72 13.80 -73.08
N TYR F 218 -66.03 14.71 -72.39
CA TYR F 218 -65.71 14.55 -70.99
C TYR F 218 -67.01 14.43 -70.21
N ARG F 219 -67.95 15.29 -70.59
CA ARG F 219 -69.23 15.46 -69.89
C ARG F 219 -70.12 14.24 -69.94
N LYS F 220 -70.31 13.70 -71.13
CA LYS F 220 -71.12 12.50 -71.30
C LYS F 220 -70.46 11.31 -70.61
N ASN F 221 -69.15 11.20 -70.76
CA ASN F 221 -68.41 9.99 -70.42
C ASN F 221 -68.10 9.72 -68.94
N ASN F 222 -67.98 10.74 -68.10
CA ASN F 222 -67.51 10.45 -66.75
C ASN F 222 -68.36 11.01 -65.60
N LEU F 223 -68.85 10.08 -64.78
CA LEU F 223 -69.49 10.43 -63.50
C LEU F 223 -68.66 9.94 -62.32
#